data_1MSC
# 
_entry.id   1MSC 
# 
_audit_conform.dict_name       mmcif_pdbx.dic 
_audit_conform.dict_version    5.386 
_audit_conform.dict_location   http://mmcif.pdb.org/dictionaries/ascii/mmcif_pdbx.dic 
# 
loop_
_database_2.database_id 
_database_2.database_code 
_database_2.pdbx_database_accession 
_database_2.pdbx_DOI 
PDB   1MSC         pdb_00001msc 10.2210/pdb1msc/pdb 
WWPDB D_1000175142 ?            ?                   
# 
loop_
_pdbx_audit_revision_history.ordinal 
_pdbx_audit_revision_history.data_content_type 
_pdbx_audit_revision_history.major_revision 
_pdbx_audit_revision_history.minor_revision 
_pdbx_audit_revision_history.revision_date 
1 'Structure model' 1 0 1995-07-10 
2 'Structure model' 1 1 2008-03-24 
3 'Structure model' 1 2 2011-07-13 
4 'Structure model' 1 3 2024-02-14 
# 
_pdbx_audit_revision_details.ordinal             1 
_pdbx_audit_revision_details.revision_ordinal    1 
_pdbx_audit_revision_details.data_content_type   'Structure model' 
_pdbx_audit_revision_details.provider            repository 
_pdbx_audit_revision_details.type                'Initial release' 
_pdbx_audit_revision_details.description         ? 
_pdbx_audit_revision_details.details             ? 
# 
loop_
_pdbx_audit_revision_group.ordinal 
_pdbx_audit_revision_group.revision_ordinal 
_pdbx_audit_revision_group.data_content_type 
_pdbx_audit_revision_group.group 
1 2 'Structure model' 'Version format compliance' 
2 3 'Structure model' 'Derived calculations'      
3 3 'Structure model' 'Version format compliance' 
4 4 'Structure model' 'Data collection'           
5 4 'Structure model' 'Database references'       
6 4 'Structure model' Other                       
# 
loop_
_pdbx_audit_revision_category.ordinal 
_pdbx_audit_revision_category.revision_ordinal 
_pdbx_audit_revision_category.data_content_type 
_pdbx_audit_revision_category.category 
1 4 'Structure model' chem_comp_atom       
2 4 'Structure model' chem_comp_bond       
3 4 'Structure model' database_2           
4 4 'Structure model' pdbx_database_status 
5 4 'Structure model' struct_ref_seq_dif   
# 
loop_
_pdbx_audit_revision_item.ordinal 
_pdbx_audit_revision_item.revision_ordinal 
_pdbx_audit_revision_item.data_content_type 
_pdbx_audit_revision_item.item 
1 4 'Structure model' '_database_2.pdbx_DOI'                
2 4 'Structure model' '_database_2.pdbx_database_accession' 
3 4 'Structure model' '_pdbx_database_status.process_site'  
4 4 'Structure model' '_struct_ref_seq_dif.details'         
# 
_pdbx_database_status.status_code                     REL 
_pdbx_database_status.entry_id                        1MSC 
_pdbx_database_status.recvd_initial_deposition_date   1995-04-28 
_pdbx_database_status.deposit_site                    ? 
_pdbx_database_status.process_site                    BNL 
_pdbx_database_status.SG_entry                        . 
_pdbx_database_status.pdb_format_compatible           Y 
_pdbx_database_status.status_code_mr                  ? 
_pdbx_database_status.status_code_sf                  ? 
_pdbx_database_status.status_code_cs                  ? 
_pdbx_database_status.status_code_nmr_data            ? 
_pdbx_database_status.methods_development_category    ? 
# 
loop_
_audit_author.name 
_audit_author.pdbx_ordinal 
'Ni, C.-Z.'       1 
'Kodandapani, R.' 2 
'Ely, K.R.'       3 
# 
loop_
_citation.id 
_citation.title 
_citation.journal_abbrev 
_citation.journal_volume 
_citation.page_first 
_citation.page_last 
_citation.year 
_citation.journal_id_ASTM 
_citation.country 
_citation.journal_id_ISSN 
_citation.journal_id_CSD 
_citation.book_publisher 
_citation.pdbx_database_id_PubMed 
_citation.pdbx_database_id_DOI 
primary 'Crystal structure of the MS2 coat protein dimer: implications for RNA binding and virus assembly.' Structure      3 255  
263 1995 STRUE6 UK 0969-2126 2005 ? 7788292 '10.1016/S0969-2126(01)00156-3' 
1       'Crystallization of the MS2 Translational Repressor Alone and Complexed to Bromouridine'            'Protein Sci.' 4 1010 
?   1995 PRCIEI US 0961-8368 0795 ? ?       ?                               
# 
loop_
_citation_author.citation_id 
_citation_author.name 
_citation_author.ordinal 
_citation_author.identifier_ORCID 
primary 'Ni, C.Z.'         1  ? 
primary 'Syed, R.'         2  ? 
primary 'Kodandapani, R.'  3  ? 
primary 'Wickersham, J.'   4  ? 
primary 'Peabody, D.S.'    5  ? 
primary 'Ely, K.R.'        6  ? 
1       'Ni, C.-Z.'        7  ? 
1       'Hettinga, B.S.'   8  ? 
1       'Wickersham, J.'   9  ? 
1       'Mitchell, R.S.'   10 ? 
1       'Williamson, M.M.' 11 ? 
1       'Celikel, R.'      12 ? 
1       'Prange, T.'       13 ? 
1       'Fourme, R.'       14 ? 
1       'Krapcho, K.J.'    15 ? 
1       'Thulin, C.'       16 ? 
1       'Talbot, P.'       17 ? 
1       'Gesteland, R.F.'  18 ? 
1       'Ely, K.R.'        19 ? 
# 
loop_
_entity.id 
_entity.type 
_entity.src_method 
_entity.pdbx_description 
_entity.formula_weight 
_entity.pdbx_number_of_molecules 
_entity.pdbx_ec 
_entity.pdbx_mutation 
_entity.pdbx_fragment 
_entity.details 
1 polymer man 'BACTERIOPHAGE MS2 COAT PROTEIN' 13709.448 1   ? ? ? ? 
2 water   nat water                            18.015    111 ? ? ? ? 
# 
_entity_poly.entity_id                      1 
_entity_poly.type                           'polypeptide(L)' 
_entity_poly.nstd_linkage                   no 
_entity_poly.nstd_monomer                   no 
_entity_poly.pdbx_seq_one_letter_code       
;ASNFTQFVLVDNGGTGDVTVAPSNFANGVAEWISSNSRSQAYKVTCSVRQSSAQNRKYTIKVEVPKVATQTVGGVELPVA
ARRSYLNMELTIPIFATNSDCELIVKAMQGLLKDGNPIPSAIAANSGIY
;
_entity_poly.pdbx_seq_one_letter_code_can   
;ASNFTQFVLVDNGGTGDVTVAPSNFANGVAEWISSNSRSQAYKVTCSVRQSSAQNRKYTIKVEVPKVATQTVGGVELPVA
ARRSYLNMELTIPIFATNSDCELIVKAMQGLLKDGNPIPSAIAANSGIY
;
_entity_poly.pdbx_strand_id                 A 
_entity_poly.pdbx_target_identifier         ? 
# 
_pdbx_entity_nonpoly.entity_id   2 
_pdbx_entity_nonpoly.name        water 
_pdbx_entity_nonpoly.comp_id     HOH 
# 
loop_
_entity_poly_seq.entity_id 
_entity_poly_seq.num 
_entity_poly_seq.mon_id 
_entity_poly_seq.hetero 
1 1   ALA n 
1 2   SER n 
1 3   ASN n 
1 4   PHE n 
1 5   THR n 
1 6   GLN n 
1 7   PHE n 
1 8   VAL n 
1 9   LEU n 
1 10  VAL n 
1 11  ASP n 
1 12  ASN n 
1 13  GLY n 
1 14  GLY n 
1 15  THR n 
1 16  GLY n 
1 17  ASP n 
1 18  VAL n 
1 19  THR n 
1 20  VAL n 
1 21  ALA n 
1 22  PRO n 
1 23  SER n 
1 24  ASN n 
1 25  PHE n 
1 26  ALA n 
1 27  ASN n 
1 28  GLY n 
1 29  VAL n 
1 30  ALA n 
1 31  GLU n 
1 32  TRP n 
1 33  ILE n 
1 34  SER n 
1 35  SER n 
1 36  ASN n 
1 37  SER n 
1 38  ARG n 
1 39  SER n 
1 40  GLN n 
1 41  ALA n 
1 42  TYR n 
1 43  LYS n 
1 44  VAL n 
1 45  THR n 
1 46  CYS n 
1 47  SER n 
1 48  VAL n 
1 49  ARG n 
1 50  GLN n 
1 51  SER n 
1 52  SER n 
1 53  ALA n 
1 54  GLN n 
1 55  ASN n 
1 56  ARG n 
1 57  LYS n 
1 58  TYR n 
1 59  THR n 
1 60  ILE n 
1 61  LYS n 
1 62  VAL n 
1 63  GLU n 
1 64  VAL n 
1 65  PRO n 
1 66  LYS n 
1 67  VAL n 
1 68  ALA n 
1 69  THR n 
1 70  GLN n 
1 71  THR n 
1 72  VAL n 
1 73  GLY n 
1 74  GLY n 
1 75  VAL n 
1 76  GLU n 
1 77  LEU n 
1 78  PRO n 
1 79  VAL n 
1 80  ALA n 
1 81  ALA n 
1 82  ARG n 
1 83  ARG n 
1 84  SER n 
1 85  TYR n 
1 86  LEU n 
1 87  ASN n 
1 88  MET n 
1 89  GLU n 
1 90  LEU n 
1 91  THR n 
1 92  ILE n 
1 93  PRO n 
1 94  ILE n 
1 95  PHE n 
1 96  ALA n 
1 97  THR n 
1 98  ASN n 
1 99  SER n 
1 100 ASP n 
1 101 CYS n 
1 102 GLU n 
1 103 LEU n 
1 104 ILE n 
1 105 VAL n 
1 106 LYS n 
1 107 ALA n 
1 108 MET n 
1 109 GLN n 
1 110 GLY n 
1 111 LEU n 
1 112 LEU n 
1 113 LYS n 
1 114 ASP n 
1 115 GLY n 
1 116 ASN n 
1 117 PRO n 
1 118 ILE n 
1 119 PRO n 
1 120 SER n 
1 121 ALA n 
1 122 ILE n 
1 123 ALA n 
1 124 ALA n 
1 125 ASN n 
1 126 SER n 
1 127 GLY n 
1 128 ILE n 
1 129 TYR n 
# 
_entity_src_gen.entity_id                          1 
_entity_src_gen.pdbx_src_id                        1 
_entity_src_gen.pdbx_alt_source_flag               sample 
_entity_src_gen.pdbx_seq_type                      ? 
_entity_src_gen.pdbx_beg_seq_num                   ? 
_entity_src_gen.pdbx_end_seq_num                   ? 
_entity_src_gen.gene_src_common_name               ? 
_entity_src_gen.gene_src_genus                     Levivirus 
_entity_src_gen.pdbx_gene_src_gene                 'MS2 COAT GENE' 
_entity_src_gen.gene_src_species                   'Enterobacteria phage MS2' 
_entity_src_gen.gene_src_strain                    ? 
_entity_src_gen.gene_src_tissue                    ? 
_entity_src_gen.gene_src_tissue_fraction           ? 
_entity_src_gen.gene_src_details                   ? 
_entity_src_gen.pdbx_gene_src_fragment             ? 
_entity_src_gen.pdbx_gene_src_scientific_name      'Enterobacterio phage MS2' 
_entity_src_gen.pdbx_gene_src_ncbi_taxonomy_id     12022 
_entity_src_gen.pdbx_gene_src_variant              ? 
_entity_src_gen.pdbx_gene_src_cell_line            ? 
_entity_src_gen.pdbx_gene_src_atcc                 ? 
_entity_src_gen.pdbx_gene_src_organ                ? 
_entity_src_gen.pdbx_gene_src_organelle            ? 
_entity_src_gen.pdbx_gene_src_cell                 ? 
_entity_src_gen.pdbx_gene_src_cellular_location    ? 
_entity_src_gen.host_org_common_name               ? 
_entity_src_gen.pdbx_host_org_scientific_name      'Escherichia coli' 
_entity_src_gen.pdbx_host_org_ncbi_taxonomy_id     562 
_entity_src_gen.host_org_genus                     Escherichia 
_entity_src_gen.pdbx_host_org_gene                 'MS2 COAT GENE' 
_entity_src_gen.pdbx_host_org_organ                ? 
_entity_src_gen.host_org_species                   ? 
_entity_src_gen.pdbx_host_org_tissue               ? 
_entity_src_gen.pdbx_host_org_tissue_fraction      ? 
_entity_src_gen.pdbx_host_org_strain               ? 
_entity_src_gen.pdbx_host_org_variant              ? 
_entity_src_gen.pdbx_host_org_cell_line            ? 
_entity_src_gen.pdbx_host_org_atcc                 ? 
_entity_src_gen.pdbx_host_org_culture_collection   ? 
_entity_src_gen.pdbx_host_org_cell                 ? 
_entity_src_gen.pdbx_host_org_organelle            ? 
_entity_src_gen.pdbx_host_org_cellular_location    ? 
_entity_src_gen.pdbx_host_org_vector_type          ? 
_entity_src_gen.pdbx_host_org_vector               ? 
_entity_src_gen.host_org_details                   ? 
_entity_src_gen.expression_system_id               ? 
_entity_src_gen.plasmid_name                       ? 
_entity_src_gen.plasmid_details                    ? 
_entity_src_gen.pdbx_description                   ? 
# 
loop_
_chem_comp.id 
_chem_comp.type 
_chem_comp.mon_nstd_flag 
_chem_comp.name 
_chem_comp.pdbx_synonyms 
_chem_comp.formula 
_chem_comp.formula_weight 
ALA 'L-peptide linking' y ALANINE         ? 'C3 H7 N O2'     89.093  
ARG 'L-peptide linking' y ARGININE        ? 'C6 H15 N4 O2 1' 175.209 
ASN 'L-peptide linking' y ASPARAGINE      ? 'C4 H8 N2 O3'    132.118 
ASP 'L-peptide linking' y 'ASPARTIC ACID' ? 'C4 H7 N O4'     133.103 
CYS 'L-peptide linking' y CYSTEINE        ? 'C3 H7 N O2 S'   121.158 
GLN 'L-peptide linking' y GLUTAMINE       ? 'C5 H10 N2 O3'   146.144 
GLU 'L-peptide linking' y 'GLUTAMIC ACID' ? 'C5 H9 N O4'     147.129 
GLY 'peptide linking'   y GLYCINE         ? 'C2 H5 N O2'     75.067  
HOH non-polymer         . WATER           ? 'H2 O'           18.015  
ILE 'L-peptide linking' y ISOLEUCINE      ? 'C6 H13 N O2'    131.173 
LEU 'L-peptide linking' y LEUCINE         ? 'C6 H13 N O2'    131.173 
LYS 'L-peptide linking' y LYSINE          ? 'C6 H15 N2 O2 1' 147.195 
MET 'L-peptide linking' y METHIONINE      ? 'C5 H11 N O2 S'  149.211 
PHE 'L-peptide linking' y PHENYLALANINE   ? 'C9 H11 N O2'    165.189 
PRO 'L-peptide linking' y PROLINE         ? 'C5 H9 N O2'     115.130 
SER 'L-peptide linking' y SERINE          ? 'C3 H7 N O3'     105.093 
THR 'L-peptide linking' y THREONINE       ? 'C4 H9 N O3'     119.119 
TRP 'L-peptide linking' y TRYPTOPHAN      ? 'C11 H12 N2 O2'  204.225 
TYR 'L-peptide linking' y TYROSINE        ? 'C9 H11 N O3'    181.189 
VAL 'L-peptide linking' y VALINE          ? 'C5 H11 N O2'    117.146 
# 
loop_
_pdbx_poly_seq_scheme.asym_id 
_pdbx_poly_seq_scheme.entity_id 
_pdbx_poly_seq_scheme.seq_id 
_pdbx_poly_seq_scheme.mon_id 
_pdbx_poly_seq_scheme.ndb_seq_num 
_pdbx_poly_seq_scheme.pdb_seq_num 
_pdbx_poly_seq_scheme.auth_seq_num 
_pdbx_poly_seq_scheme.pdb_mon_id 
_pdbx_poly_seq_scheme.auth_mon_id 
_pdbx_poly_seq_scheme.pdb_strand_id 
_pdbx_poly_seq_scheme.pdb_ins_code 
_pdbx_poly_seq_scheme.hetero 
A 1 1   ALA 1   1   1   ALA ALA A . n 
A 1 2   SER 2   2   2   SER SER A . n 
A 1 3   ASN 3   3   3   ASN ASN A . n 
A 1 4   PHE 4   4   4   PHE PHE A . n 
A 1 5   THR 5   5   5   THR THR A . n 
A 1 6   GLN 6   6   6   GLN GLN A . n 
A 1 7   PHE 7   7   7   PHE PHE A . n 
A 1 8   VAL 8   8   8   VAL VAL A . n 
A 1 9   LEU 9   9   9   LEU LEU A . n 
A 1 10  VAL 10  10  10  VAL VAL A . n 
A 1 11  ASP 11  11  11  ASP ASP A . n 
A 1 12  ASN 12  12  12  ASN ASN A . n 
A 1 13  GLY 13  13  13  GLY GLY A . n 
A 1 14  GLY 14  14  14  GLY GLY A . n 
A 1 15  THR 15  15  15  THR THR A . n 
A 1 16  GLY 16  16  16  GLY GLY A . n 
A 1 17  ASP 17  17  17  ASP ASP A . n 
A 1 18  VAL 18  18  18  VAL VAL A . n 
A 1 19  THR 19  19  19  THR THR A . n 
A 1 20  VAL 20  20  20  VAL VAL A . n 
A 1 21  ALA 21  21  21  ALA ALA A . n 
A 1 22  PRO 22  22  22  PRO PRO A . n 
A 1 23  SER 23  23  23  SER SER A . n 
A 1 24  ASN 24  24  24  ASN ASN A . n 
A 1 25  PHE 25  25  25  PHE PHE A . n 
A 1 26  ALA 26  26  26  ALA ALA A . n 
A 1 27  ASN 27  27  27  ASN ASN A . n 
A 1 28  GLY 28  28  28  GLY GLY A . n 
A 1 29  VAL 29  29  29  VAL VAL A . n 
A 1 30  ALA 30  30  30  ALA ALA A . n 
A 1 31  GLU 31  31  31  GLU GLU A . n 
A 1 32  TRP 32  32  32  TRP TRP A . n 
A 1 33  ILE 33  33  33  ILE ILE A . n 
A 1 34  SER 34  34  34  SER SER A . n 
A 1 35  SER 35  35  35  SER SER A . n 
A 1 36  ASN 36  36  36  ASN ASN A . n 
A 1 37  SER 37  37  37  SER SER A . n 
A 1 38  ARG 38  38  38  ARG ARG A . n 
A 1 39  SER 39  39  39  SER SER A . n 
A 1 40  GLN 40  40  40  GLN GLN A . n 
A 1 41  ALA 41  41  41  ALA ALA A . n 
A 1 42  TYR 42  42  42  TYR TYR A . n 
A 1 43  LYS 43  43  43  LYS LYS A . n 
A 1 44  VAL 44  44  44  VAL VAL A . n 
A 1 45  THR 45  45  45  THR THR A . n 
A 1 46  CYS 46  46  46  CYS CYS A . n 
A 1 47  SER 47  47  47  SER SER A . n 
A 1 48  VAL 48  48  48  VAL VAL A . n 
A 1 49  ARG 49  49  49  ARG ARG A . n 
A 1 50  GLN 50  50  50  GLN GLN A . n 
A 1 51  SER 51  51  51  SER SER A . n 
A 1 52  SER 52  52  52  SER SER A . n 
A 1 53  ALA 53  53  53  ALA ALA A . n 
A 1 54  GLN 54  54  54  GLN GLN A . n 
A 1 55  ASN 55  55  55  ASN ASN A . n 
A 1 56  ARG 56  56  56  ARG ARG A . n 
A 1 57  LYS 57  57  57  LYS LYS A . n 
A 1 58  TYR 58  58  58  TYR TYR A . n 
A 1 59  THR 59  59  59  THR THR A . n 
A 1 60  ILE 60  60  60  ILE ILE A . n 
A 1 61  LYS 61  61  61  LYS LYS A . n 
A 1 62  VAL 62  62  62  VAL VAL A . n 
A 1 63  GLU 63  63  63  GLU GLU A . n 
A 1 64  VAL 64  64  64  VAL VAL A . n 
A 1 65  PRO 65  65  65  PRO PRO A . n 
A 1 66  LYS 66  66  66  LYS LYS A . n 
A 1 67  VAL 67  67  67  VAL VAL A . n 
A 1 68  ALA 68  68  68  ALA ALA A . n 
A 1 69  THR 69  69  69  THR THR A . n 
A 1 70  GLN 70  70  70  GLN GLN A . n 
A 1 71  THR 71  71  71  THR THR A . n 
A 1 72  VAL 72  72  72  VAL VAL A . n 
A 1 73  GLY 73  73  73  GLY GLY A . n 
A 1 74  GLY 74  74  74  GLY GLY A . n 
A 1 75  VAL 75  75  75  VAL VAL A . n 
A 1 76  GLU 76  76  76  GLU GLU A . n 
A 1 77  LEU 77  77  77  LEU LEU A . n 
A 1 78  PRO 78  78  78  PRO PRO A . n 
A 1 79  VAL 79  79  79  VAL VAL A . n 
A 1 80  ALA 80  80  80  ALA ALA A . n 
A 1 81  ALA 81  81  81  ALA ALA A . n 
A 1 82  ARG 82  82  82  ARG ARG A . n 
A 1 83  ARG 83  83  83  ARG ARG A . n 
A 1 84  SER 84  84  84  SER SER A . n 
A 1 85  TYR 85  85  85  TYR TYR A . n 
A 1 86  LEU 86  86  86  LEU LEU A . n 
A 1 87  ASN 87  87  87  ASN ASN A . n 
A 1 88  MET 88  88  88  MET MET A . n 
A 1 89  GLU 89  89  89  GLU GLU A . n 
A 1 90  LEU 90  90  90  LEU LEU A . n 
A 1 91  THR 91  91  91  THR THR A . n 
A 1 92  ILE 92  92  92  ILE ILE A . n 
A 1 93  PRO 93  93  93  PRO PRO A . n 
A 1 94  ILE 94  94  94  ILE ILE A . n 
A 1 95  PHE 95  95  95  PHE PHE A . n 
A 1 96  ALA 96  96  96  ALA ALA A . n 
A 1 97  THR 97  97  97  THR THR A . n 
A 1 98  ASN 98  98  98  ASN ASN A . n 
A 1 99  SER 99  99  99  SER SER A . n 
A 1 100 ASP 100 100 100 ASP ASP A . n 
A 1 101 CYS 101 101 101 CYS CYS A . n 
A 1 102 GLU 102 102 102 GLU GLU A . n 
A 1 103 LEU 103 103 103 LEU LEU A . n 
A 1 104 ILE 104 104 104 ILE ILE A . n 
A 1 105 VAL 105 105 105 VAL VAL A . n 
A 1 106 LYS 106 106 106 LYS LYS A . n 
A 1 107 ALA 107 107 107 ALA ALA A . n 
A 1 108 MET 108 108 108 MET MET A . n 
A 1 109 GLN 109 109 109 GLN GLN A . n 
A 1 110 GLY 110 110 110 GLY GLY A . n 
A 1 111 LEU 111 111 111 LEU LEU A . n 
A 1 112 LEU 112 112 112 LEU LEU A . n 
A 1 113 LYS 113 113 113 LYS LYS A . n 
A 1 114 ASP 114 114 114 ASP ASP A . n 
A 1 115 GLY 115 115 115 GLY GLY A . n 
A 1 116 ASN 116 116 116 ASN ASN A . n 
A 1 117 PRO 117 117 117 PRO PRO A . n 
A 1 118 ILE 118 118 118 ILE ILE A . n 
A 1 119 PRO 119 119 119 PRO PRO A . n 
A 1 120 SER 120 120 120 SER SER A . n 
A 1 121 ALA 121 121 121 ALA ALA A . n 
A 1 122 ILE 122 122 122 ILE ILE A . n 
A 1 123 ALA 123 123 123 ALA ALA A . n 
A 1 124 ALA 124 124 124 ALA ALA A . n 
A 1 125 ASN 125 125 125 ASN ASN A . n 
A 1 126 SER 126 126 126 SER SER A . n 
A 1 127 GLY 127 127 127 GLY GLY A . n 
A 1 128 ILE 128 128 128 ILE ILE A . n 
A 1 129 TYR 129 129 129 TYR TYR A . n 
# 
loop_
_pdbx_nonpoly_scheme.asym_id 
_pdbx_nonpoly_scheme.entity_id 
_pdbx_nonpoly_scheme.mon_id 
_pdbx_nonpoly_scheme.ndb_seq_num 
_pdbx_nonpoly_scheme.pdb_seq_num 
_pdbx_nonpoly_scheme.auth_seq_num 
_pdbx_nonpoly_scheme.pdb_mon_id 
_pdbx_nonpoly_scheme.auth_mon_id 
_pdbx_nonpoly_scheme.pdb_strand_id 
_pdbx_nonpoly_scheme.pdb_ins_code 
B 2 HOH 1   201 201 HOH HOH A . 
B 2 HOH 2   202 202 HOH HOH A . 
B 2 HOH 3   203 203 HOH HOH A . 
B 2 HOH 4   204 204 HOH HOH A . 
B 2 HOH 5   205 205 HOH HOH A . 
B 2 HOH 6   206 206 HOH HOH A . 
B 2 HOH 7   207 207 HOH HOH A . 
B 2 HOH 8   208 208 HOH HOH A . 
B 2 HOH 9   209 209 HOH HOH A . 
B 2 HOH 10  210 210 HOH HOH A . 
B 2 HOH 11  211 211 HOH HOH A . 
B 2 HOH 12  213 213 HOH HOH A . 
B 2 HOH 13  214 214 HOH HOH A . 
B 2 HOH 14  216 216 HOH HOH A . 
B 2 HOH 15  217 217 HOH HOH A . 
B 2 HOH 16  218 218 HOH HOH A . 
B 2 HOH 17  219 219 HOH HOH A . 
B 2 HOH 18  220 220 HOH HOH A . 
B 2 HOH 19  221 221 HOH HOH A . 
B 2 HOH 20  222 222 HOH HOH A . 
B 2 HOH 21  223 223 HOH HOH A . 
B 2 HOH 22  224 224 HOH HOH A . 
B 2 HOH 23  225 225 HOH HOH A . 
B 2 HOH 24  226 226 HOH HOH A . 
B 2 HOH 25  227 227 HOH HOH A . 
B 2 HOH 26  228 228 HOH HOH A . 
B 2 HOH 27  229 229 HOH HOH A . 
B 2 HOH 28  230 230 HOH HOH A . 
B 2 HOH 29  231 231 HOH HOH A . 
B 2 HOH 30  233 233 HOH HOH A . 
B 2 HOH 31  234 234 HOH HOH A . 
B 2 HOH 32  235 235 HOH HOH A . 
B 2 HOH 33  237 237 HOH HOH A . 
B 2 HOH 34  238 238 HOH HOH A . 
B 2 HOH 35  239 239 HOH HOH A . 
B 2 HOH 36  240 240 HOH HOH A . 
B 2 HOH 37  241 241 HOH HOH A . 
B 2 HOH 38  242 242 HOH HOH A . 
B 2 HOH 39  245 245 HOH HOH A . 
B 2 HOH 40  246 246 HOH HOH A . 
B 2 HOH 41  247 247 HOH HOH A . 
B 2 HOH 42  248 248 HOH HOH A . 
B 2 HOH 43  252 252 HOH HOH A . 
B 2 HOH 44  253 253 HOH HOH A . 
B 2 HOH 45  254 254 HOH HOH A . 
B 2 HOH 46  255 255 HOH HOH A . 
B 2 HOH 47  256 256 HOH HOH A . 
B 2 HOH 48  259 259 HOH HOH A . 
B 2 HOH 49  261 261 HOH HOH A . 
B 2 HOH 50  265 265 HOH HOH A . 
B 2 HOH 51  267 267 HOH HOH A . 
B 2 HOH 52  269 269 HOH HOH A . 
B 2 HOH 53  271 271 HOH HOH A . 
B 2 HOH 54  272 272 HOH HOH A . 
B 2 HOH 55  274 274 HOH HOH A . 
B 2 HOH 56  275 275 HOH HOH A . 
B 2 HOH 57  276 276 HOH HOH A . 
B 2 HOH 58  277 277 HOH HOH A . 
B 2 HOH 59  279 279 HOH HOH A . 
B 2 HOH 60  283 283 HOH HOH A . 
B 2 HOH 61  284 284 HOH HOH A . 
B 2 HOH 62  285 285 HOH HOH A . 
B 2 HOH 63  287 287 HOH HOH A . 
B 2 HOH 64  288 288 HOH HOH A . 
B 2 HOH 65  289 289 HOH HOH A . 
B 2 HOH 66  290 290 HOH HOH A . 
B 2 HOH 67  291 291 HOH HOH A . 
B 2 HOH 68  293 293 HOH HOH A . 
B 2 HOH 69  295 295 HOH HOH A . 
B 2 HOH 70  299 299 HOH HOH A . 
B 2 HOH 71  301 301 HOH HOH A . 
B 2 HOH 72  302 302 HOH HOH A . 
B 2 HOH 73  303 303 HOH HOH A . 
B 2 HOH 74  304 304 HOH HOH A . 
B 2 HOH 75  306 306 HOH HOH A . 
B 2 HOH 76  307 307 HOH HOH A . 
B 2 HOH 77  308 308 HOH HOH A . 
B 2 HOH 78  309 309 HOH HOH A . 
B 2 HOH 79  310 310 HOH HOH A . 
B 2 HOH 80  311 311 HOH HOH A . 
B 2 HOH 81  312 312 HOH HOH A . 
B 2 HOH 82  313 313 HOH HOH A . 
B 2 HOH 83  315 315 HOH HOH A . 
B 2 HOH 84  316 316 HOH HOH A . 
B 2 HOH 85  317 317 HOH HOH A . 
B 2 HOH 86  318 318 HOH HOH A . 
B 2 HOH 87  319 319 HOH HOH A . 
B 2 HOH 88  320 320 HOH HOH A . 
B 2 HOH 89  321 321 HOH HOH A . 
B 2 HOH 90  322 322 HOH HOH A . 
B 2 HOH 91  323 323 HOH HOH A . 
B 2 HOH 92  324 324 HOH HOH A . 
B 2 HOH 93  325 325 HOH HOH A . 
B 2 HOH 94  326 326 HOH HOH A . 
B 2 HOH 95  327 327 HOH HOH A . 
B 2 HOH 96  328 328 HOH HOH A . 
B 2 HOH 97  329 329 HOH HOH A . 
B 2 HOH 98  330 330 HOH HOH A . 
B 2 HOH 99  331 331 HOH HOH A . 
B 2 HOH 100 332 332 HOH HOH A . 
B 2 HOH 101 333 333 HOH HOH A . 
B 2 HOH 102 334 334 HOH HOH A . 
B 2 HOH 103 335 335 HOH HOH A . 
B 2 HOH 104 338 338 HOH HOH A . 
B 2 HOH 105 339 339 HOH HOH A . 
B 2 HOH 106 340 340 HOH HOH A . 
B 2 HOH 107 341 341 HOH HOH A . 
B 2 HOH 108 342 342 HOH HOH A . 
B 2 HOH 109 343 343 HOH HOH A . 
B 2 HOH 110 345 345 HOH HOH A . 
B 2 HOH 111 346 346 HOH HOH A . 
# 
loop_
_software.name 
_software.classification 
_software.version 
_software.citation_id 
_software.pdbx_ordinal 
PROLSQ   refinement       .         ? 1 
XENGEN   'data reduction' '(HOWARD' ? 2 
NIELSEN  'data reduction' .         ? 3 
'XUONG)' 'data reduction' .         ? 4 
# 
_cell.entry_id           1MSC 
_cell.length_a           76.200 
_cell.length_b           55.700 
_cell.length_c           28.400 
_cell.angle_alpha        90.00 
_cell.angle_beta         90.00 
_cell.angle_gamma        90.00 
_cell.Z_PDB              4 
_cell.pdbx_unique_axis   ? 
# 
_symmetry.entry_id                         1MSC 
_symmetry.space_group_name_H-M             'P 21 21 2' 
_symmetry.pdbx_full_space_group_name_H-M   ? 
_symmetry.cell_setting                     ? 
_symmetry.Int_Tables_number                18 
# 
_exptl.entry_id          1MSC 
_exptl.method            'X-RAY DIFFRACTION' 
_exptl.crystals_number   ? 
# 
_exptl_crystal.id                    1 
_exptl_crystal.density_meas          ? 
_exptl_crystal.density_Matthews      2.20 
_exptl_crystal.density_percent_sol   44.02 
_exptl_crystal.description           ? 
# 
_exptl_crystal_grow.crystal_id      1 
_exptl_crystal_grow.method          ? 
_exptl_crystal_grow.temp            ? 
_exptl_crystal_grow.temp_details    ? 
_exptl_crystal_grow.pH              ? 
_exptl_crystal_grow.pdbx_pH_range   ? 
_exptl_crystal_grow.pdbx_details    
;COMPND
  MOLECULE: MS2 UNASSEMBLED COAT PROTEIN DIMER. THIS
  BACTERIOPHAGE COAT PROTEIN WAS CRYSTALLIZED AS AN
  UNASSEMBLED DIMER; IT DID NOT FORM VIRAL CAPSIDS.
;
# 
_diffrn.id                     1 
_diffrn.ambient_temp           ? 
_diffrn.ambient_temp_details   ? 
_diffrn.crystal_id             1 
# 
_diffrn_detector.diffrn_id              1 
_diffrn_detector.detector               ? 
_diffrn_detector.type                   ? 
_diffrn_detector.pdbx_collection_date   1993-12-07 
_diffrn_detector.details                ? 
# 
_diffrn_radiation.diffrn_id                        1 
_diffrn_radiation.wavelength_id                    1 
_diffrn_radiation.pdbx_monochromatic_or_laue_m_l   M 
_diffrn_radiation.monochromator                    ? 
_diffrn_radiation.pdbx_diffrn_protocol             ? 
_diffrn_radiation.pdbx_scattering_type             x-ray 
# 
_diffrn_radiation_wavelength.id           1 
_diffrn_radiation_wavelength.wavelength   . 
_diffrn_radiation_wavelength.wt           1.0 
# 
_reflns.entry_id                     1MSC 
_reflns.observed_criterion_sigma_I   ? 
_reflns.observed_criterion_sigma_F   ? 
_reflns.d_resolution_low             55. 
_reflns.d_resolution_high            2.03 
_reflns.number_obs                   7447 
_reflns.number_all                   ? 
_reflns.percent_possible_obs         90. 
_reflns.pdbx_Rmerge_I_obs            0.031 
_reflns.pdbx_Rsym_value              ? 
_reflns.pdbx_netI_over_sigmaI        ? 
_reflns.B_iso_Wilson_estimate        ? 
_reflns.pdbx_redundancy              3.2 
_reflns.pdbx_ordinal                 1 
_reflns.pdbx_diffrn_id               1 
# 
_refine.entry_id                                 1MSC 
_refine.ls_number_reflns_obs                     6668 
_refine.ls_number_reflns_all                     ? 
_refine.pdbx_ls_sigma_I                          ? 
_refine.pdbx_ls_sigma_F                          3. 
_refine.pdbx_data_cutoff_high_absF               ? 
_refine.pdbx_data_cutoff_low_absF                ? 
_refine.pdbx_data_cutoff_high_rms_absF           ? 
_refine.ls_d_res_low                             8.0 
_refine.ls_d_res_high                            2.0 
_refine.ls_percent_reflns_obs                    90. 
_refine.ls_R_factor_obs                          0.200 
_refine.ls_R_factor_all                          ? 
_refine.ls_R_factor_R_work                       ? 
_refine.ls_R_factor_R_free                       ? 
_refine.ls_R_factor_R_free_error                 ? 
_refine.ls_R_factor_R_free_error_details         ? 
_refine.ls_percent_reflns_R_free                 ? 
_refine.ls_number_reflns_R_free                  ? 
_refine.ls_number_parameters                     ? 
_refine.ls_number_restraints                     ? 
_refine.occupancy_min                            ? 
_refine.occupancy_max                            ? 
_refine.B_iso_mean                               34.47 
_refine.aniso_B[1][1]                            ? 
_refine.aniso_B[2][2]                            ? 
_refine.aniso_B[3][3]                            ? 
_refine.aniso_B[1][2]                            ? 
_refine.aniso_B[1][3]                            ? 
_refine.aniso_B[2][3]                            ? 
_refine.solvent_model_details                    ? 
_refine.solvent_model_param_ksol                 ? 
_refine.solvent_model_param_bsol                 ? 
_refine.pdbx_ls_cross_valid_method               ? 
_refine.details                                  ? 
_refine.pdbx_starting_model                      ? 
_refine.pdbx_method_to_determine_struct          ? 
_refine.pdbx_isotropic_thermal_model             ? 
_refine.pdbx_stereochemistry_target_values       ? 
_refine.pdbx_stereochem_target_val_spec_case     ? 
_refine.pdbx_R_Free_selection_details            ? 
_refine.pdbx_overall_ESU_R                       ? 
_refine.pdbx_overall_ESU_R_Free                  ? 
_refine.overall_SU_ML                            ? 
_refine.overall_SU_B                             ? 
_refine.pdbx_refine_id                           'X-RAY DIFFRACTION' 
_refine.pdbx_diffrn_id                           1 
_refine.pdbx_TLS_residual_ADP_flag               ? 
_refine.correlation_coeff_Fo_to_Fc               ? 
_refine.correlation_coeff_Fo_to_Fc_free          ? 
_refine.pdbx_solvent_vdw_probe_radii             ? 
_refine.pdbx_solvent_ion_probe_radii             ? 
_refine.pdbx_solvent_shrinkage_radii             ? 
_refine.pdbx_overall_phase_error                 ? 
_refine.overall_SU_R_Cruickshank_DPI             ? 
_refine.pdbx_overall_SU_R_free_Cruickshank_DPI   ? 
_refine.pdbx_overall_SU_R_Blow_DPI               ? 
_refine.pdbx_overall_SU_R_free_Blow_DPI          ? 
# 
_refine_hist.pdbx_refine_id                   'X-RAY DIFFRACTION' 
_refine_hist.cycle_id                         LAST 
_refine_hist.pdbx_number_atoms_protein        962 
_refine_hist.pdbx_number_atoms_nucleic_acid   0 
_refine_hist.pdbx_number_atoms_ligand         0 
_refine_hist.number_atoms_solvent             111 
_refine_hist.number_atoms_total               1073 
_refine_hist.d_res_high                       2.0 
_refine_hist.d_res_low                        8.0 
# 
loop_
_refine_ls_restr.type 
_refine_ls_restr.dev_ideal 
_refine_ls_restr.dev_ideal_target 
_refine_ls_restr.weight 
_refine_ls_restr.number 
_refine_ls_restr.pdbx_refine_id 
_refine_ls_restr.pdbx_restraint_function 
p_bond_d            0.021 0.02  ? ? 'X-RAY DIFFRACTION' ? 
p_angle_d           0.066 0.045 ? ? 'X-RAY DIFFRACTION' ? 
p_angle_deg         ?     ?     ? ? 'X-RAY DIFFRACTION' ? 
p_planar_d          0.051 0.035 ? ? 'X-RAY DIFFRACTION' ? 
p_hb_or_metal_coord ?     ?     ? ? 'X-RAY DIFFRACTION' ? 
p_mcbond_it         ?     ?     ? ? 'X-RAY DIFFRACTION' ? 
p_mcangle_it        ?     ?     ? ? 'X-RAY DIFFRACTION' ? 
p_scbond_it         ?     ?     ? ? 'X-RAY DIFFRACTION' ? 
p_scangle_it        ?     ?     ? ? 'X-RAY DIFFRACTION' ? 
p_plane_restr       0.018 0.020 ? ? 'X-RAY DIFFRACTION' ? 
p_chiral_restr      ?     ?     ? ? 'X-RAY DIFFRACTION' ? 
p_singtor_nbd       0.239 0.30  ? ? 'X-RAY DIFFRACTION' ? 
p_multtor_nbd       0.292 0.30  ? ? 'X-RAY DIFFRACTION' ? 
p_xhyhbond_nbd      0.287 0.30  ? ? 'X-RAY DIFFRACTION' ? 
p_xyhbond_nbd       ?     ?     ? ? 'X-RAY DIFFRACTION' ? 
p_planar_tor        3.8   5.0   ? ? 'X-RAY DIFFRACTION' ? 
p_staggered_tor     24.1  20.0  ? ? 'X-RAY DIFFRACTION' ? 
p_orthonormal_tor   42.1  20.0  ? ? 'X-RAY DIFFRACTION' ? 
p_transverse_tor    ?     ?     ? ? 'X-RAY DIFFRACTION' ? 
p_special_tor       ?     ?     ? ? 'X-RAY DIFFRACTION' ? 
# 
_struct.entry_id                  1MSC 
_struct.title                     'CRYSTAL STRUCTURE OF MS2 COAT PROTEIN DIMER' 
_struct.pdbx_model_details        ? 
_struct.pdbx_CASP_flag            ? 
_struct.pdbx_model_type_details   ? 
# 
_struct_keywords.entry_id        1MSC 
_struct_keywords.pdbx_keywords   'VIRAL PROTEIN' 
_struct_keywords.text            'TRANSLATION REPRESSOR, Viral protein' 
# 
loop_
_struct_asym.id 
_struct_asym.pdbx_blank_PDB_chainid_flag 
_struct_asym.pdbx_modified 
_struct_asym.entity_id 
_struct_asym.details 
A N N 1 ? 
B N N 2 ? 
# 
_struct_ref.id                         1 
_struct_ref.db_name                    UNP 
_struct_ref.db_code                    COAT_BPMS2 
_struct_ref.entity_id                  1 
_struct_ref.pdbx_db_accession          P03612 
_struct_ref.pdbx_align_begin           1 
_struct_ref.pdbx_seq_one_letter_code   
;ASNFTQFVLVDNGGTGDVTVAPSNFANGVAEWISSNSRSQAYKVTCSVRQSSAQNRKYTIKVEVPKVATQTVGGVELPVA
AWRSYLNMELTIPIFATNSDCELIVKAMQGLLKDGNPIPSAIAANSGIY
;
_struct_ref.pdbx_db_isoform            ? 
# 
_struct_ref_seq.align_id                      1 
_struct_ref_seq.ref_id                        1 
_struct_ref_seq.pdbx_PDB_id_code              1MSC 
_struct_ref_seq.pdbx_strand_id                A 
_struct_ref_seq.seq_align_beg                 1 
_struct_ref_seq.pdbx_seq_align_beg_ins_code   ? 
_struct_ref_seq.seq_align_end                 129 
_struct_ref_seq.pdbx_seq_align_end_ins_code   ? 
_struct_ref_seq.pdbx_db_accession             P03612 
_struct_ref_seq.db_align_beg                  1 
_struct_ref_seq.pdbx_db_align_beg_ins_code    ? 
_struct_ref_seq.db_align_end                  129 
_struct_ref_seq.pdbx_db_align_end_ins_code    ? 
_struct_ref_seq.pdbx_auth_seq_align_beg       1 
_struct_ref_seq.pdbx_auth_seq_align_end       129 
# 
_struct_ref_seq_dif.align_id                     1 
_struct_ref_seq_dif.pdbx_pdb_id_code             1MSC 
_struct_ref_seq_dif.mon_id                       ARG 
_struct_ref_seq_dif.pdbx_pdb_strand_id           A 
_struct_ref_seq_dif.seq_num                      82 
_struct_ref_seq_dif.pdbx_pdb_ins_code            ? 
_struct_ref_seq_dif.pdbx_seq_db_name             UNP 
_struct_ref_seq_dif.pdbx_seq_db_accession_code   P03612 
_struct_ref_seq_dif.db_mon_id                    TRP 
_struct_ref_seq_dif.pdbx_seq_db_seq_num          82 
_struct_ref_seq_dif.details                      conflict 
_struct_ref_seq_dif.pdbx_auth_seq_num            82 
_struct_ref_seq_dif.pdbx_ordinal                 1 
# 
_pdbx_struct_assembly.id                   1 
_pdbx_struct_assembly.details              author_and_software_defined_assembly 
_pdbx_struct_assembly.method_details       PISA,PQS 
_pdbx_struct_assembly.oligomeric_details   dimeric 
_pdbx_struct_assembly.oligomeric_count     2 
# 
loop_
_pdbx_struct_assembly_prop.biol_id 
_pdbx_struct_assembly_prop.type 
_pdbx_struct_assembly_prop.value 
_pdbx_struct_assembly_prop.details 
1 'ABSA (A^2)' 6940  ? 
1 MORE         -48   ? 
1 'SSA (A^2)'  12510 ? 
# 
_pdbx_struct_assembly_gen.assembly_id       1 
_pdbx_struct_assembly_gen.oper_expression   1,2 
_pdbx_struct_assembly_gen.asym_id_list      A,B 
# 
loop_
_pdbx_struct_oper_list.id 
_pdbx_struct_oper_list.type 
_pdbx_struct_oper_list.name 
_pdbx_struct_oper_list.symmetry_operation 
_pdbx_struct_oper_list.matrix[1][1] 
_pdbx_struct_oper_list.matrix[1][2] 
_pdbx_struct_oper_list.matrix[1][3] 
_pdbx_struct_oper_list.vector[1] 
_pdbx_struct_oper_list.matrix[2][1] 
_pdbx_struct_oper_list.matrix[2][2] 
_pdbx_struct_oper_list.matrix[2][3] 
_pdbx_struct_oper_list.vector[2] 
_pdbx_struct_oper_list.matrix[3][1] 
_pdbx_struct_oper_list.matrix[3][2] 
_pdbx_struct_oper_list.matrix[3][3] 
_pdbx_struct_oper_list.vector[3] 
1 'identity operation'         1_555 x,y,z       1.0000000000  0.0000000000 0.0000000000 0.0000000000   0.0000000000 1.0000000000  0.0000000000 0.0000000000 0.0000000000 0.0000000000 1.0000000000 0.0000000000 
2 'crystal symmetry operation' 2_665 -x+1,-y+1,z -0.6745388519 0.2505349374 0.6944275213 -11.0003814702 0.2505349374 -0.8071420959 0.5345595215 9.0772274861 0.6944275213 0.5345595215 0.4816809479 1.8807350261 
# 
_struct_biol.id   1 
# 
loop_
_struct_conf.conf_type_id 
_struct_conf.id 
_struct_conf.pdbx_PDB_helix_id 
_struct_conf.beg_label_comp_id 
_struct_conf.beg_label_asym_id 
_struct_conf.beg_label_seq_id 
_struct_conf.pdbx_beg_PDB_ins_code 
_struct_conf.end_label_comp_id 
_struct_conf.end_label_asym_id 
_struct_conf.end_label_seq_id 
_struct_conf.pdbx_end_PDB_ins_code 
_struct_conf.beg_auth_comp_id 
_struct_conf.beg_auth_asym_id 
_struct_conf.beg_auth_seq_id 
_struct_conf.end_auth_comp_id 
_struct_conf.end_auth_asym_id 
_struct_conf.end_auth_seq_id 
_struct_conf.pdbx_PDB_helix_class 
_struct_conf.details 
_struct_conf.pdbx_PDB_helix_length 
HELX_P HELX_P1 1 ASN A 98  ? LEU A 111 ? ASN A 98  LEU A 111 1 ? 14 
HELX_P HELX_P2 2 PRO A 117 ? ALA A 124 ? PRO A 117 ALA A 124 1 ? 8  
# 
_struct_conf_type.id          HELX_P 
_struct_conf_type.criteria    ? 
_struct_conf_type.reference   ? 
# 
loop_
_struct_sheet.id 
_struct_sheet.type 
_struct_sheet.number_strands 
_struct_sheet.details 
A ? 5 ? 
B ? 2 ? 
# 
loop_
_struct_sheet_order.sheet_id 
_struct_sheet_order.range_id_1 
_struct_sheet_order.range_id_2 
_struct_sheet_order.offset 
_struct_sheet_order.sense 
A 1 2 ? anti-parallel 
A 2 3 ? anti-parallel 
A 3 4 ? anti-parallel 
A 4 5 ? anti-parallel 
B 1 2 ? anti-parallel 
# 
loop_
_struct_sheet_range.sheet_id 
_struct_sheet_range.id 
_struct_sheet_range.beg_label_comp_id 
_struct_sheet_range.beg_label_asym_id 
_struct_sheet_range.beg_label_seq_id 
_struct_sheet_range.pdbx_beg_PDB_ins_code 
_struct_sheet_range.end_label_comp_id 
_struct_sheet_range.end_label_asym_id 
_struct_sheet_range.end_label_seq_id 
_struct_sheet_range.pdbx_end_PDB_ins_code 
_struct_sheet_range.beg_auth_comp_id 
_struct_sheet_range.beg_auth_asym_id 
_struct_sheet_range.beg_auth_seq_id 
_struct_sheet_range.end_auth_comp_id 
_struct_sheet_range.end_auth_asym_id 
_struct_sheet_range.end_auth_seq_id 
A 1 SER A 84 ? PRO A 93 ? SER A 84 PRO A 93 
A 2 ASN A 55 ? VAL A 64 ? ASN A 55 VAL A 64 
A 3 LYS A 43 ? GLN A 50 ? LYS A 43 GLN A 50 
A 4 VAL A 29 ? ILE A 33 ? VAL A 29 ILE A 33 
A 5 ALA A 21 ? ALA A 26 ? ALA A 21 ALA A 26 
B 1 PHE A 7  ? VAL A 10 ? PHE A 7  VAL A 10 
B 2 VAL A 18 ? VAL A 20 ? VAL A 18 VAL A 20 
# 
loop_
_pdbx_struct_sheet_hbond.sheet_id 
_pdbx_struct_sheet_hbond.range_id_1 
_pdbx_struct_sheet_hbond.range_id_2 
_pdbx_struct_sheet_hbond.range_1_label_atom_id 
_pdbx_struct_sheet_hbond.range_1_label_comp_id 
_pdbx_struct_sheet_hbond.range_1_label_asym_id 
_pdbx_struct_sheet_hbond.range_1_label_seq_id 
_pdbx_struct_sheet_hbond.range_1_PDB_ins_code 
_pdbx_struct_sheet_hbond.range_1_auth_atom_id 
_pdbx_struct_sheet_hbond.range_1_auth_comp_id 
_pdbx_struct_sheet_hbond.range_1_auth_asym_id 
_pdbx_struct_sheet_hbond.range_1_auth_seq_id 
_pdbx_struct_sheet_hbond.range_2_label_atom_id 
_pdbx_struct_sheet_hbond.range_2_label_comp_id 
_pdbx_struct_sheet_hbond.range_2_label_asym_id 
_pdbx_struct_sheet_hbond.range_2_label_seq_id 
_pdbx_struct_sheet_hbond.range_2_PDB_ins_code 
_pdbx_struct_sheet_hbond.range_2_auth_atom_id 
_pdbx_struct_sheet_hbond.range_2_auth_comp_id 
_pdbx_struct_sheet_hbond.range_2_auth_asym_id 
_pdbx_struct_sheet_hbond.range_2_auth_seq_id 
A 1 2 O SER A 84 ? O SER A 84 N VAL A 64 ? N VAL A 64 
A 2 3 O LYS A 57 ? O LYS A 57 N ARG A 49 ? N ARG A 49 
A 3 4 O VAL A 44 ? O VAL A 44 N TRP A 32 ? N TRP A 32 
A 4 5 O VAL A 29 ? O VAL A 29 N ALA A 26 ? N ALA A 26 
B 1 2 O PHE A 7  ? O PHE A 7  N VAL A 20 ? N VAL A 20 
# 
loop_
_pdbx_validate_close_contact.id 
_pdbx_validate_close_contact.PDB_model_num 
_pdbx_validate_close_contact.auth_atom_id_1 
_pdbx_validate_close_contact.auth_asym_id_1 
_pdbx_validate_close_contact.auth_comp_id_1 
_pdbx_validate_close_contact.auth_seq_id_1 
_pdbx_validate_close_contact.PDB_ins_code_1 
_pdbx_validate_close_contact.label_alt_id_1 
_pdbx_validate_close_contact.auth_atom_id_2 
_pdbx_validate_close_contact.auth_asym_id_2 
_pdbx_validate_close_contact.auth_comp_id_2 
_pdbx_validate_close_contact.auth_seq_id_2 
_pdbx_validate_close_contact.PDB_ins_code_2 
_pdbx_validate_close_contact.label_alt_id_2 
_pdbx_validate_close_contact.dist 
1 1 O A ASP 114 ? ? O A HOH 309 ? ? 1.98 
2 1 O A GLY 115 ? ? O A HOH 316 ? ? 2.19 
# 
loop_
_pdbx_validate_symm_contact.id 
_pdbx_validate_symm_contact.PDB_model_num 
_pdbx_validate_symm_contact.auth_atom_id_1 
_pdbx_validate_symm_contact.auth_asym_id_1 
_pdbx_validate_symm_contact.auth_comp_id_1 
_pdbx_validate_symm_contact.auth_seq_id_1 
_pdbx_validate_symm_contact.PDB_ins_code_1 
_pdbx_validate_symm_contact.label_alt_id_1 
_pdbx_validate_symm_contact.site_symmetry_1 
_pdbx_validate_symm_contact.auth_atom_id_2 
_pdbx_validate_symm_contact.auth_asym_id_2 
_pdbx_validate_symm_contact.auth_comp_id_2 
_pdbx_validate_symm_contact.auth_seq_id_2 
_pdbx_validate_symm_contact.PDB_ins_code_2 
_pdbx_validate_symm_contact.label_alt_id_2 
_pdbx_validate_symm_contact.site_symmetry_2 
_pdbx_validate_symm_contact.dist 
1  1 O   A HOH 333 ? ? 1_555 O  A HOH 333 ? ? 2_665 1.16 
2  1 CB  A ASN 3   ? ? 1_555 O  A HOH 242 ? ? 2_665 1.25 
3  1 C   A ALA 123 ? ? 1_555 O  A HOH 301 ? ? 2_665 1.32 
4  1 CG  A LEU 86  ? ? 1_555 O  A HOH 285 ? ? 2_665 1.37 
5  1 O   A ALA 123 ? ? 1_555 O  A HOH 301 ? ? 2_665 1.39 
6  1 NH2 A ARG 82  ? ? 1_555 O  A HOH 288 ? ? 3_546 1.41 
7  1 CA  A ASN 3   ? ? 1_555 O  A HOH 242 ? ? 2_665 1.47 
8  1 N   A PHE 4   ? ? 1_555 O  A HOH 242 ? ? 2_665 1.53 
9  1 OG  A SER 2   ? ? 1_555 O  A GLY 127 ? ? 2_665 1.54 
10 1 OG1 A THR 5   ? ? 1_555 O  A HOH 308 ? ? 2_665 1.57 
11 1 C   A ASN 3   ? ? 1_555 O  A HOH 242 ? ? 2_665 1.58 
12 1 CD2 A LEU 86  ? ? 1_555 O  A HOH 285 ? ? 2_665 1.66 
13 1 CA  A THR 5   ? ? 1_555 O  A HOH 308 ? ? 2_665 1.72 
14 1 CG  A ASN 3   ? ? 1_555 O  A HOH 242 ? ? 2_665 1.75 
15 1 O   A THR 5   ? ? 1_555 O  A HOH 308 ? ? 2_665 1.80 
16 1 C   A THR 5   ? ? 1_555 O  A HOH 308 ? ? 2_665 1.81 
17 1 ND2 A ASN 3   ? ? 1_555 O  A HOH 242 ? ? 2_665 1.89 
18 1 CG1 A VAL 10  ? ? 1_555 NZ A LYS 106 ? ? 2_665 1.90 
19 1 N   A THR 5   ? ? 1_555 O  A HOH 308 ? ? 2_665 1.91 
20 1 CG  A ASN 3   ? ? 1_555 CB A PRO 117 ? ? 2_665 1.94 
21 1 CA  A ALA 123 ? ? 1_555 O  A HOH 301 ? ? 2_665 1.98 
22 1 O   A HOH 206 ? ? 1_555 O  A HOH 307 ? ? 2_665 2.06 
23 1 CZ  A ARG 82  ? ? 1_555 O  A HOH 288 ? ? 3_546 2.08 
24 1 CB  A THR 5   ? ? 1_555 O  A HOH 308 ? ? 2_665 2.09 
25 1 CB  A ALA 123 ? ? 1_555 O  A HOH 301 ? ? 2_665 2.09 
26 1 OD1 A ASP 114 ? ? 1_555 O  A HOH 312 ? ? 2_665 2.13 
27 1 CD2 A TYR 85  ? ? 1_555 O  A HOH 340 ? ? 1_554 2.13 
28 1 CD1 A LEU 86  ? ? 1_555 O  A HOH 285 ? ? 2_665 2.14 
29 1 N   A VAL 75  ? ? 1_555 N  A GLY 127 ? ? 3_546 2.19 
# 
loop_
_pdbx_validate_rmsd_angle.id 
_pdbx_validate_rmsd_angle.PDB_model_num 
_pdbx_validate_rmsd_angle.auth_atom_id_1 
_pdbx_validate_rmsd_angle.auth_asym_id_1 
_pdbx_validate_rmsd_angle.auth_comp_id_1 
_pdbx_validate_rmsd_angle.auth_seq_id_1 
_pdbx_validate_rmsd_angle.PDB_ins_code_1 
_pdbx_validate_rmsd_angle.label_alt_id_1 
_pdbx_validate_rmsd_angle.auth_atom_id_2 
_pdbx_validate_rmsd_angle.auth_asym_id_2 
_pdbx_validate_rmsd_angle.auth_comp_id_2 
_pdbx_validate_rmsd_angle.auth_seq_id_2 
_pdbx_validate_rmsd_angle.PDB_ins_code_2 
_pdbx_validate_rmsd_angle.label_alt_id_2 
_pdbx_validate_rmsd_angle.auth_atom_id_3 
_pdbx_validate_rmsd_angle.auth_asym_id_3 
_pdbx_validate_rmsd_angle.auth_comp_id_3 
_pdbx_validate_rmsd_angle.auth_seq_id_3 
_pdbx_validate_rmsd_angle.PDB_ins_code_3 
_pdbx_validate_rmsd_angle.label_alt_id_3 
_pdbx_validate_rmsd_angle.angle_value 
_pdbx_validate_rmsd_angle.angle_target_value 
_pdbx_validate_rmsd_angle.angle_deviation 
_pdbx_validate_rmsd_angle.angle_standard_deviation 
_pdbx_validate_rmsd_angle.linker_flag 
1  1 CA  A THR 5   ? ? CB  A THR 5   ? ? CG2 A THR 5   ? ? 125.83 112.40 13.43  1.40 N 
2  1 O   A THR 5   ? ? C   A THR 5   ? ? N   A GLN 6   ? ? 135.65 122.70 12.95  1.60 Y 
3  1 O   A PHE 7   ? ? C   A PHE 7   ? ? N   A VAL 8   ? ? 135.53 122.70 12.83  1.60 Y 
4  1 OD1 A ASP 11  ? ? CG  A ASP 11  ? ? OD2 A ASP 11  ? ? 111.78 123.30 -11.52 1.90 N 
5  1 CB  A ASP 11  ? ? CG  A ASP 11  ? ? OD2 A ASP 11  ? ? 127.57 118.30 9.27   0.90 N 
6  1 CB  A ASP 17  ? ? CG  A ASP 17  ? ? OD2 A ASP 17  ? ? 109.17 118.30 -9.13  0.90 N 
7  1 CA  A VAL 18  ? ? CB  A VAL 18  ? ? CG2 A VAL 18  ? ? 98.49  110.90 -12.41 1.50 N 
8  1 N   A ALA 21  ? ? CA  A ALA 21  ? ? CB  A ALA 21  ? ? 98.01  110.10 -12.09 1.40 N 
9  1 CA  A VAL 29  ? ? CB  A VAL 29  ? ? CG1 A VAL 29  ? ? 101.63 110.90 -9.27  1.50 N 
10 1 CB  A ALA 30  ? ? CA  A ALA 30  ? ? C   A ALA 30  ? ? 98.44  110.10 -11.66 1.50 N 
11 1 N   A ALA 30  ? ? CA  A ALA 30  ? ? CB  A ALA 30  ? ? 120.81 110.10 10.71  1.40 N 
12 1 CG  A GLU 31  ? ? CD  A GLU 31  ? ? OE1 A GLU 31  ? ? 104.10 118.30 -14.20 2.00 N 
13 1 CG  A GLU 31  ? ? CD  A GLU 31  ? ? OE2 A GLU 31  ? ? 131.20 118.30 12.90  2.00 N 
14 1 CA  A SER 35  ? ? C   A SER 35  ? ? O   A SER 35  ? ? 134.13 120.10 14.03  2.10 N 
15 1 C   A SER 35  ? ? N   A ASN 36  ? ? CA  A ASN 36  ? ? 137.40 121.70 15.70  2.50 Y 
16 1 CA  A ASN 36  ? ? C   A ASN 36  ? ? O   A ASN 36  ? ? 136.41 120.10 16.31  2.10 N 
17 1 C   A ASN 36  ? ? N   A SER 37  ? ? CA  A SER 37  ? ? 137.74 121.70 16.04  2.50 Y 
18 1 N   A SER 37  ? ? CA  A SER 37  ? ? CB  A SER 37  ? ? 98.96  110.50 -11.54 1.50 N 
19 1 N   A SER 37  ? ? CA  A SER 37  ? ? C   A SER 37  ? ? 130.49 111.00 19.49  2.70 N 
20 1 CD  A ARG 38  ? ? NE  A ARG 38  ? ? CZ  A ARG 38  ? ? 139.28 123.60 15.68  1.40 N 
21 1 NE  A ARG 38  ? ? CZ  A ARG 38  ? ? NH1 A ARG 38  ? ? 126.53 120.30 6.23   0.50 N 
22 1 N   A TYR 42  ? ? CA  A TYR 42  ? ? CB  A TYR 42  ? ? 124.92 110.60 14.32  1.80 N 
23 1 CD  A LYS 43  ? ? CE  A LYS 43  ? ? NZ  A LYS 43  ? ? 126.57 111.70 14.87  2.30 N 
24 1 CA  A VAL 44  ? ? CB  A VAL 44  ? ? CG2 A VAL 44  ? ? 123.40 110.90 12.50  1.50 N 
25 1 CA  A THR 45  ? ? CB  A THR 45  ? ? CG2 A THR 45  ? ? 125.99 112.40 13.59  1.40 N 
26 1 CA  A VAL 48  ? ? CB  A VAL 48  ? ? CG1 A VAL 48  ? ? 101.46 110.90 -9.44  1.50 N 
27 1 CA  A VAL 48  ? ? CB  A VAL 48  ? ? CG2 A VAL 48  ? ? 122.76 110.90 11.86  1.50 N 
28 1 NH1 A ARG 49  ? ? CZ  A ARG 49  ? ? NH2 A ARG 49  ? ? 126.84 119.40 7.44   1.10 N 
29 1 NE  A ARG 49  ? ? CZ  A ARG 49  ? ? NH1 A ARG 49  ? ? 112.24 120.30 -8.06  0.50 N 
30 1 CB  A GLN 50  ? ? CG  A GLN 50  ? ? CD  A GLN 50  ? ? 129.97 111.60 18.37  2.60 N 
31 1 CB  A SER 51  ? ? CA  A SER 51  ? ? C   A SER 51  ? ? 127.62 110.10 17.52  1.90 N 
32 1 N   A SER 52  ? ? CA  A SER 52  ? ? CB  A SER 52  ? ? 122.31 110.50 11.81  1.50 N 
33 1 CA  A ALA 53  ? ? C   A ALA 53  ? ? O   A ALA 53  ? ? 141.80 120.10 21.70  2.10 N 
34 1 O   A ALA 53  ? ? C   A ALA 53  ? ? N   A GLN 54  ? ? 104.45 122.70 -18.25 1.60 Y 
35 1 C   A ALA 53  ? ? N   A GLN 54  ? ? CA  A GLN 54  ? ? 151.92 121.70 30.22  2.50 Y 
36 1 CD  A ARG 56  ? ? NE  A ARG 56  ? ? CZ  A ARG 56  ? ? 115.17 123.60 -8.43  1.40 N 
37 1 NE  A ARG 56  ? ? CZ  A ARG 56  ? ? NH1 A ARG 56  ? ? 124.39 120.30 4.09   0.50 N 
38 1 CB  A TYR 58  ? ? CG  A TYR 58  ? ? CD2 A TYR 58  ? ? 110.90 121.00 -10.10 0.60 N 
39 1 CB  A TYR 58  ? ? CG  A TYR 58  ? ? CD1 A TYR 58  ? ? 128.90 121.00 7.90   0.60 N 
40 1 CB  A THR 59  ? ? CA  A THR 59  ? ? C   A THR 59  ? ? 131.41 111.60 19.81  2.70 N 
41 1 CA  A VAL 62  ? ? CB  A VAL 62  ? ? CG2 A VAL 62  ? ? 120.23 110.90 9.33   1.50 N 
42 1 CB  A VAL 64  ? ? CA  A VAL 64  ? ? C   A VAL 64  ? ? 130.05 111.40 18.65  1.90 N 
43 1 C   A VAL 67  ? ? N   A ALA 68  ? ? CA  A ALA 68  ? ? 137.02 121.70 15.32  2.50 Y 
44 1 CB  A ARG 82  ? ? CA  A ARG 82  ? ? C   A ARG 82  ? ? 123.59 110.40 13.19  2.00 N 
45 1 CA  A ARG 82  ? ? C   A ARG 82  ? ? O   A ARG 82  ? ? 136.68 120.10 16.58  2.10 N 
46 1 CD  A ARG 83  ? ? NE  A ARG 83  ? ? CZ  A ARG 83  ? ? 136.35 123.60 12.75  1.40 N 
47 1 NE  A ARG 83  ? ? CZ  A ARG 83  ? ? NH1 A ARG 83  ? ? 126.28 120.30 5.98   0.50 N 
48 1 NE  A ARG 83  ? ? CZ  A ARG 83  ? ? NH2 A ARG 83  ? ? 116.54 120.30 -3.76  0.50 N 
49 1 CA  A MET 88  ? ? CB  A MET 88  ? ? CG  A MET 88  ? ? 128.06 113.30 14.76  1.70 N 
50 1 CB  A ILE 94  ? ? CA  A ILE 94  ? ? C   A ILE 94  ? ? 126.91 111.60 15.31  2.00 N 
51 1 CB  A ALA 96  ? ? CA  A ALA 96  ? ? C   A ALA 96  ? ? 119.92 110.10 9.82   1.50 N 
52 1 CA  A ASN 98  ? ? CB  A ASN 98  ? ? CG  A ASN 98  ? ? 97.65  113.40 -15.75 2.20 N 
53 1 CB  A SER 99  ? ? CA  A SER 99  ? ? C   A SER 99  ? ? 126.79 110.10 16.69  1.90 N 
54 1 CA  A CYS 101 ? ? CB  A CYS 101 ? ? SG  A CYS 101 ? ? 101.56 114.00 -12.44 1.80 N 
55 1 CA  A LYS 106 ? ? C   A LYS 106 ? ? O   A LYS 106 ? ? 106.60 120.10 -13.50 2.10 N 
56 1 O   A LYS 106 ? ? C   A LYS 106 ? ? N   A ALA 107 ? ? 133.65 122.70 10.96  1.60 Y 
57 1 CA  A LYS 113 ? ? CB  A LYS 113 ? ? CG  A LYS 113 ? ? 128.17 113.40 14.77  2.20 N 
58 1 CB  A ASP 114 ? ? CG  A ASP 114 ? ? OD1 A ASP 114 ? ? 111.53 118.30 -6.77  0.90 N 
59 1 CB  A ASP 114 ? ? CG  A ASP 114 ? ? OD2 A ASP 114 ? ? 132.52 118.30 14.22  0.90 N 
60 1 N   A PRO 119 ? ? CA  A PRO 119 ? ? CB  A PRO 119 ? ? 110.70 103.30 7.40   1.20 N 
61 1 CB  A ILE 122 ? ? CG1 A ILE 122 ? ? CD1 A ILE 122 ? ? 146.77 113.90 32.87  2.80 N 
62 1 O   A ILE 122 ? ? C   A ILE 122 ? ? N   A ALA 123 ? ? 132.66 122.70 9.96   1.60 Y 
63 1 CB  A ASN 125 ? ? CG  A ASN 125 ? ? ND2 A ASN 125 ? ? 133.91 116.70 17.21  2.40 N 
64 1 CB  A TYR 129 ? ? CG  A TYR 129 ? ? CD2 A TYR 129 ? ? 115.95 121.00 -5.05  0.60 N 
65 1 CB  A TYR 129 ? ? CG  A TYR 129 ? ? CD1 A TYR 129 ? ? 127.19 121.00 6.19   0.60 N 
# 
loop_
_pdbx_validate_torsion.id 
_pdbx_validate_torsion.PDB_model_num 
_pdbx_validate_torsion.auth_comp_id 
_pdbx_validate_torsion.auth_asym_id 
_pdbx_validate_torsion.auth_seq_id 
_pdbx_validate_torsion.PDB_ins_code 
_pdbx_validate_torsion.label_alt_id 
_pdbx_validate_torsion.phi 
_pdbx_validate_torsion.psi 
1  1 SER A 2   ? ? -173.28 -133.79 
2  1 ASN A 3   ? ? 178.52  -80.31  
3  1 THR A 15  ? ? -23.42  -43.31  
4  1 ASN A 27  ? ? 36.94   80.96   
5  1 SER A 35  ? ? -62.24  62.07   
6  1 GLN A 40  ? ? -118.07 -137.03 
7  1 ALA A 41  ? ? 59.66   87.56   
8  1 SER A 51  ? ? -90.61  -134.62 
9  1 SER A 52  ? ? -68.03  95.75   
10 1 ALA A 53  ? ? -61.34  97.27   
11 1 GLN A 54  ? ? -157.09 -25.90  
12 1 LYS A 66  ? ? 65.49   127.63  
13 1 VAL A 67  ? ? -66.65  13.50   
14 1 THR A 69  ? ? 98.81   118.94  
15 1 GLN A 70  ? ? 81.50   -28.15  
16 1 VAL A 72  ? ? -136.92 -109.08 
17 1 VAL A 75  ? ? 28.37   81.19   
18 1 GLU A 76  ? ? -49.20  -79.33  
19 1 PRO A 78  ? ? -61.45  -158.37 
20 1 VAL A 79  ? ? 140.49  124.44  
21 1 ALA A 81  ? ? 23.81   -51.49  
22 1 ARG A 82  ? ? 96.91   58.12   
23 1 ASP A 114 ? ? -26.64  -60.75  
24 1 SER A 126 ? ? -105.36 -167.47 
# 
loop_
_pdbx_validate_planes.id 
_pdbx_validate_planes.PDB_model_num 
_pdbx_validate_planes.auth_comp_id 
_pdbx_validate_planes.auth_asym_id 
_pdbx_validate_planes.auth_seq_id 
_pdbx_validate_planes.PDB_ins_code 
_pdbx_validate_planes.label_alt_id 
_pdbx_validate_planes.rmsd 
_pdbx_validate_planes.type 
1 1 ARG A 49 ? ? 0.118 'SIDE CHAIN' 
2 1 ARG A 56 ? ? 0.104 'SIDE CHAIN' 
# 
_pdbx_validate_main_chain_plane.id                       1 
_pdbx_validate_main_chain_plane.PDB_model_num            1 
_pdbx_validate_main_chain_plane.auth_comp_id             VAL 
_pdbx_validate_main_chain_plane.auth_asym_id             A 
_pdbx_validate_main_chain_plane.auth_seq_id              105 
_pdbx_validate_main_chain_plane.PDB_ins_code             ? 
_pdbx_validate_main_chain_plane.label_alt_id             ? 
_pdbx_validate_main_chain_plane.improper_torsion_angle   11.46 
# 
loop_
_chem_comp_atom.comp_id 
_chem_comp_atom.atom_id 
_chem_comp_atom.type_symbol 
_chem_comp_atom.pdbx_aromatic_flag 
_chem_comp_atom.pdbx_stereo_config 
_chem_comp_atom.pdbx_ordinal 
ALA N    N N N 1   
ALA CA   C N S 2   
ALA C    C N N 3   
ALA O    O N N 4   
ALA CB   C N N 5   
ALA OXT  O N N 6   
ALA H    H N N 7   
ALA H2   H N N 8   
ALA HA   H N N 9   
ALA HB1  H N N 10  
ALA HB2  H N N 11  
ALA HB3  H N N 12  
ALA HXT  H N N 13  
ARG N    N N N 14  
ARG CA   C N S 15  
ARG C    C N N 16  
ARG O    O N N 17  
ARG CB   C N N 18  
ARG CG   C N N 19  
ARG CD   C N N 20  
ARG NE   N N N 21  
ARG CZ   C N N 22  
ARG NH1  N N N 23  
ARG NH2  N N N 24  
ARG OXT  O N N 25  
ARG H    H N N 26  
ARG H2   H N N 27  
ARG HA   H N N 28  
ARG HB2  H N N 29  
ARG HB3  H N N 30  
ARG HG2  H N N 31  
ARG HG3  H N N 32  
ARG HD2  H N N 33  
ARG HD3  H N N 34  
ARG HE   H N N 35  
ARG HH11 H N N 36  
ARG HH12 H N N 37  
ARG HH21 H N N 38  
ARG HH22 H N N 39  
ARG HXT  H N N 40  
ASN N    N N N 41  
ASN CA   C N S 42  
ASN C    C N N 43  
ASN O    O N N 44  
ASN CB   C N N 45  
ASN CG   C N N 46  
ASN OD1  O N N 47  
ASN ND2  N N N 48  
ASN OXT  O N N 49  
ASN H    H N N 50  
ASN H2   H N N 51  
ASN HA   H N N 52  
ASN HB2  H N N 53  
ASN HB3  H N N 54  
ASN HD21 H N N 55  
ASN HD22 H N N 56  
ASN HXT  H N N 57  
ASP N    N N N 58  
ASP CA   C N S 59  
ASP C    C N N 60  
ASP O    O N N 61  
ASP CB   C N N 62  
ASP CG   C N N 63  
ASP OD1  O N N 64  
ASP OD2  O N N 65  
ASP OXT  O N N 66  
ASP H    H N N 67  
ASP H2   H N N 68  
ASP HA   H N N 69  
ASP HB2  H N N 70  
ASP HB3  H N N 71  
ASP HD2  H N N 72  
ASP HXT  H N N 73  
CYS N    N N N 74  
CYS CA   C N R 75  
CYS C    C N N 76  
CYS O    O N N 77  
CYS CB   C N N 78  
CYS SG   S N N 79  
CYS OXT  O N N 80  
CYS H    H N N 81  
CYS H2   H N N 82  
CYS HA   H N N 83  
CYS HB2  H N N 84  
CYS HB3  H N N 85  
CYS HG   H N N 86  
CYS HXT  H N N 87  
GLN N    N N N 88  
GLN CA   C N S 89  
GLN C    C N N 90  
GLN O    O N N 91  
GLN CB   C N N 92  
GLN CG   C N N 93  
GLN CD   C N N 94  
GLN OE1  O N N 95  
GLN NE2  N N N 96  
GLN OXT  O N N 97  
GLN H    H N N 98  
GLN H2   H N N 99  
GLN HA   H N N 100 
GLN HB2  H N N 101 
GLN HB3  H N N 102 
GLN HG2  H N N 103 
GLN HG3  H N N 104 
GLN HE21 H N N 105 
GLN HE22 H N N 106 
GLN HXT  H N N 107 
GLU N    N N N 108 
GLU CA   C N S 109 
GLU C    C N N 110 
GLU O    O N N 111 
GLU CB   C N N 112 
GLU CG   C N N 113 
GLU CD   C N N 114 
GLU OE1  O N N 115 
GLU OE2  O N N 116 
GLU OXT  O N N 117 
GLU H    H N N 118 
GLU H2   H N N 119 
GLU HA   H N N 120 
GLU HB2  H N N 121 
GLU HB3  H N N 122 
GLU HG2  H N N 123 
GLU HG3  H N N 124 
GLU HE2  H N N 125 
GLU HXT  H N N 126 
GLY N    N N N 127 
GLY CA   C N N 128 
GLY C    C N N 129 
GLY O    O N N 130 
GLY OXT  O N N 131 
GLY H    H N N 132 
GLY H2   H N N 133 
GLY HA2  H N N 134 
GLY HA3  H N N 135 
GLY HXT  H N N 136 
HOH O    O N N 137 
HOH H1   H N N 138 
HOH H2   H N N 139 
ILE N    N N N 140 
ILE CA   C N S 141 
ILE C    C N N 142 
ILE O    O N N 143 
ILE CB   C N S 144 
ILE CG1  C N N 145 
ILE CG2  C N N 146 
ILE CD1  C N N 147 
ILE OXT  O N N 148 
ILE H    H N N 149 
ILE H2   H N N 150 
ILE HA   H N N 151 
ILE HB   H N N 152 
ILE HG12 H N N 153 
ILE HG13 H N N 154 
ILE HG21 H N N 155 
ILE HG22 H N N 156 
ILE HG23 H N N 157 
ILE HD11 H N N 158 
ILE HD12 H N N 159 
ILE HD13 H N N 160 
ILE HXT  H N N 161 
LEU N    N N N 162 
LEU CA   C N S 163 
LEU C    C N N 164 
LEU O    O N N 165 
LEU CB   C N N 166 
LEU CG   C N N 167 
LEU CD1  C N N 168 
LEU CD2  C N N 169 
LEU OXT  O N N 170 
LEU H    H N N 171 
LEU H2   H N N 172 
LEU HA   H N N 173 
LEU HB2  H N N 174 
LEU HB3  H N N 175 
LEU HG   H N N 176 
LEU HD11 H N N 177 
LEU HD12 H N N 178 
LEU HD13 H N N 179 
LEU HD21 H N N 180 
LEU HD22 H N N 181 
LEU HD23 H N N 182 
LEU HXT  H N N 183 
LYS N    N N N 184 
LYS CA   C N S 185 
LYS C    C N N 186 
LYS O    O N N 187 
LYS CB   C N N 188 
LYS CG   C N N 189 
LYS CD   C N N 190 
LYS CE   C N N 191 
LYS NZ   N N N 192 
LYS OXT  O N N 193 
LYS H    H N N 194 
LYS H2   H N N 195 
LYS HA   H N N 196 
LYS HB2  H N N 197 
LYS HB3  H N N 198 
LYS HG2  H N N 199 
LYS HG3  H N N 200 
LYS HD2  H N N 201 
LYS HD3  H N N 202 
LYS HE2  H N N 203 
LYS HE3  H N N 204 
LYS HZ1  H N N 205 
LYS HZ2  H N N 206 
LYS HZ3  H N N 207 
LYS HXT  H N N 208 
MET N    N N N 209 
MET CA   C N S 210 
MET C    C N N 211 
MET O    O N N 212 
MET CB   C N N 213 
MET CG   C N N 214 
MET SD   S N N 215 
MET CE   C N N 216 
MET OXT  O N N 217 
MET H    H N N 218 
MET H2   H N N 219 
MET HA   H N N 220 
MET HB2  H N N 221 
MET HB3  H N N 222 
MET HG2  H N N 223 
MET HG3  H N N 224 
MET HE1  H N N 225 
MET HE2  H N N 226 
MET HE3  H N N 227 
MET HXT  H N N 228 
PHE N    N N N 229 
PHE CA   C N S 230 
PHE C    C N N 231 
PHE O    O N N 232 
PHE CB   C N N 233 
PHE CG   C Y N 234 
PHE CD1  C Y N 235 
PHE CD2  C Y N 236 
PHE CE1  C Y N 237 
PHE CE2  C Y N 238 
PHE CZ   C Y N 239 
PHE OXT  O N N 240 
PHE H    H N N 241 
PHE H2   H N N 242 
PHE HA   H N N 243 
PHE HB2  H N N 244 
PHE HB3  H N N 245 
PHE HD1  H N N 246 
PHE HD2  H N N 247 
PHE HE1  H N N 248 
PHE HE2  H N N 249 
PHE HZ   H N N 250 
PHE HXT  H N N 251 
PRO N    N N N 252 
PRO CA   C N S 253 
PRO C    C N N 254 
PRO O    O N N 255 
PRO CB   C N N 256 
PRO CG   C N N 257 
PRO CD   C N N 258 
PRO OXT  O N N 259 
PRO H    H N N 260 
PRO HA   H N N 261 
PRO HB2  H N N 262 
PRO HB3  H N N 263 
PRO HG2  H N N 264 
PRO HG3  H N N 265 
PRO HD2  H N N 266 
PRO HD3  H N N 267 
PRO HXT  H N N 268 
SER N    N N N 269 
SER CA   C N S 270 
SER C    C N N 271 
SER O    O N N 272 
SER CB   C N N 273 
SER OG   O N N 274 
SER OXT  O N N 275 
SER H    H N N 276 
SER H2   H N N 277 
SER HA   H N N 278 
SER HB2  H N N 279 
SER HB3  H N N 280 
SER HG   H N N 281 
SER HXT  H N N 282 
THR N    N N N 283 
THR CA   C N S 284 
THR C    C N N 285 
THR O    O N N 286 
THR CB   C N R 287 
THR OG1  O N N 288 
THR CG2  C N N 289 
THR OXT  O N N 290 
THR H    H N N 291 
THR H2   H N N 292 
THR HA   H N N 293 
THR HB   H N N 294 
THR HG1  H N N 295 
THR HG21 H N N 296 
THR HG22 H N N 297 
THR HG23 H N N 298 
THR HXT  H N N 299 
TRP N    N N N 300 
TRP CA   C N S 301 
TRP C    C N N 302 
TRP O    O N N 303 
TRP CB   C N N 304 
TRP CG   C Y N 305 
TRP CD1  C Y N 306 
TRP CD2  C Y N 307 
TRP NE1  N Y N 308 
TRP CE2  C Y N 309 
TRP CE3  C Y N 310 
TRP CZ2  C Y N 311 
TRP CZ3  C Y N 312 
TRP CH2  C Y N 313 
TRP OXT  O N N 314 
TRP H    H N N 315 
TRP H2   H N N 316 
TRP HA   H N N 317 
TRP HB2  H N N 318 
TRP HB3  H N N 319 
TRP HD1  H N N 320 
TRP HE1  H N N 321 
TRP HE3  H N N 322 
TRP HZ2  H N N 323 
TRP HZ3  H N N 324 
TRP HH2  H N N 325 
TRP HXT  H N N 326 
TYR N    N N N 327 
TYR CA   C N S 328 
TYR C    C N N 329 
TYR O    O N N 330 
TYR CB   C N N 331 
TYR CG   C Y N 332 
TYR CD1  C Y N 333 
TYR CD2  C Y N 334 
TYR CE1  C Y N 335 
TYR CE2  C Y N 336 
TYR CZ   C Y N 337 
TYR OH   O N N 338 
TYR OXT  O N N 339 
TYR H    H N N 340 
TYR H2   H N N 341 
TYR HA   H N N 342 
TYR HB2  H N N 343 
TYR HB3  H N N 344 
TYR HD1  H N N 345 
TYR HD2  H N N 346 
TYR HE1  H N N 347 
TYR HE2  H N N 348 
TYR HH   H N N 349 
TYR HXT  H N N 350 
VAL N    N N N 351 
VAL CA   C N S 352 
VAL C    C N N 353 
VAL O    O N N 354 
VAL CB   C N N 355 
VAL CG1  C N N 356 
VAL CG2  C N N 357 
VAL OXT  O N N 358 
VAL H    H N N 359 
VAL H2   H N N 360 
VAL HA   H N N 361 
VAL HB   H N N 362 
VAL HG11 H N N 363 
VAL HG12 H N N 364 
VAL HG13 H N N 365 
VAL HG21 H N N 366 
VAL HG22 H N N 367 
VAL HG23 H N N 368 
VAL HXT  H N N 369 
# 
loop_
_chem_comp_bond.comp_id 
_chem_comp_bond.atom_id_1 
_chem_comp_bond.atom_id_2 
_chem_comp_bond.value_order 
_chem_comp_bond.pdbx_aromatic_flag 
_chem_comp_bond.pdbx_stereo_config 
_chem_comp_bond.pdbx_ordinal 
ALA N   CA   sing N N 1   
ALA N   H    sing N N 2   
ALA N   H2   sing N N 3   
ALA CA  C    sing N N 4   
ALA CA  CB   sing N N 5   
ALA CA  HA   sing N N 6   
ALA C   O    doub N N 7   
ALA C   OXT  sing N N 8   
ALA CB  HB1  sing N N 9   
ALA CB  HB2  sing N N 10  
ALA CB  HB3  sing N N 11  
ALA OXT HXT  sing N N 12  
ARG N   CA   sing N N 13  
ARG N   H    sing N N 14  
ARG N   H2   sing N N 15  
ARG CA  C    sing N N 16  
ARG CA  CB   sing N N 17  
ARG CA  HA   sing N N 18  
ARG C   O    doub N N 19  
ARG C   OXT  sing N N 20  
ARG CB  CG   sing N N 21  
ARG CB  HB2  sing N N 22  
ARG CB  HB3  sing N N 23  
ARG CG  CD   sing N N 24  
ARG CG  HG2  sing N N 25  
ARG CG  HG3  sing N N 26  
ARG CD  NE   sing N N 27  
ARG CD  HD2  sing N N 28  
ARG CD  HD3  sing N N 29  
ARG NE  CZ   sing N N 30  
ARG NE  HE   sing N N 31  
ARG CZ  NH1  sing N N 32  
ARG CZ  NH2  doub N N 33  
ARG NH1 HH11 sing N N 34  
ARG NH1 HH12 sing N N 35  
ARG NH2 HH21 sing N N 36  
ARG NH2 HH22 sing N N 37  
ARG OXT HXT  sing N N 38  
ASN N   CA   sing N N 39  
ASN N   H    sing N N 40  
ASN N   H2   sing N N 41  
ASN CA  C    sing N N 42  
ASN CA  CB   sing N N 43  
ASN CA  HA   sing N N 44  
ASN C   O    doub N N 45  
ASN C   OXT  sing N N 46  
ASN CB  CG   sing N N 47  
ASN CB  HB2  sing N N 48  
ASN CB  HB3  sing N N 49  
ASN CG  OD1  doub N N 50  
ASN CG  ND2  sing N N 51  
ASN ND2 HD21 sing N N 52  
ASN ND2 HD22 sing N N 53  
ASN OXT HXT  sing N N 54  
ASP N   CA   sing N N 55  
ASP N   H    sing N N 56  
ASP N   H2   sing N N 57  
ASP CA  C    sing N N 58  
ASP CA  CB   sing N N 59  
ASP CA  HA   sing N N 60  
ASP C   O    doub N N 61  
ASP C   OXT  sing N N 62  
ASP CB  CG   sing N N 63  
ASP CB  HB2  sing N N 64  
ASP CB  HB3  sing N N 65  
ASP CG  OD1  doub N N 66  
ASP CG  OD2  sing N N 67  
ASP OD2 HD2  sing N N 68  
ASP OXT HXT  sing N N 69  
CYS N   CA   sing N N 70  
CYS N   H    sing N N 71  
CYS N   H2   sing N N 72  
CYS CA  C    sing N N 73  
CYS CA  CB   sing N N 74  
CYS CA  HA   sing N N 75  
CYS C   O    doub N N 76  
CYS C   OXT  sing N N 77  
CYS CB  SG   sing N N 78  
CYS CB  HB2  sing N N 79  
CYS CB  HB3  sing N N 80  
CYS SG  HG   sing N N 81  
CYS OXT HXT  sing N N 82  
GLN N   CA   sing N N 83  
GLN N   H    sing N N 84  
GLN N   H2   sing N N 85  
GLN CA  C    sing N N 86  
GLN CA  CB   sing N N 87  
GLN CA  HA   sing N N 88  
GLN C   O    doub N N 89  
GLN C   OXT  sing N N 90  
GLN CB  CG   sing N N 91  
GLN CB  HB2  sing N N 92  
GLN CB  HB3  sing N N 93  
GLN CG  CD   sing N N 94  
GLN CG  HG2  sing N N 95  
GLN CG  HG3  sing N N 96  
GLN CD  OE1  doub N N 97  
GLN CD  NE2  sing N N 98  
GLN NE2 HE21 sing N N 99  
GLN NE2 HE22 sing N N 100 
GLN OXT HXT  sing N N 101 
GLU N   CA   sing N N 102 
GLU N   H    sing N N 103 
GLU N   H2   sing N N 104 
GLU CA  C    sing N N 105 
GLU CA  CB   sing N N 106 
GLU CA  HA   sing N N 107 
GLU C   O    doub N N 108 
GLU C   OXT  sing N N 109 
GLU CB  CG   sing N N 110 
GLU CB  HB2  sing N N 111 
GLU CB  HB3  sing N N 112 
GLU CG  CD   sing N N 113 
GLU CG  HG2  sing N N 114 
GLU CG  HG3  sing N N 115 
GLU CD  OE1  doub N N 116 
GLU CD  OE2  sing N N 117 
GLU OE2 HE2  sing N N 118 
GLU OXT HXT  sing N N 119 
GLY N   CA   sing N N 120 
GLY N   H    sing N N 121 
GLY N   H2   sing N N 122 
GLY CA  C    sing N N 123 
GLY CA  HA2  sing N N 124 
GLY CA  HA3  sing N N 125 
GLY C   O    doub N N 126 
GLY C   OXT  sing N N 127 
GLY OXT HXT  sing N N 128 
HOH O   H1   sing N N 129 
HOH O   H2   sing N N 130 
ILE N   CA   sing N N 131 
ILE N   H    sing N N 132 
ILE N   H2   sing N N 133 
ILE CA  C    sing N N 134 
ILE CA  CB   sing N N 135 
ILE CA  HA   sing N N 136 
ILE C   O    doub N N 137 
ILE C   OXT  sing N N 138 
ILE CB  CG1  sing N N 139 
ILE CB  CG2  sing N N 140 
ILE CB  HB   sing N N 141 
ILE CG1 CD1  sing N N 142 
ILE CG1 HG12 sing N N 143 
ILE CG1 HG13 sing N N 144 
ILE CG2 HG21 sing N N 145 
ILE CG2 HG22 sing N N 146 
ILE CG2 HG23 sing N N 147 
ILE CD1 HD11 sing N N 148 
ILE CD1 HD12 sing N N 149 
ILE CD1 HD13 sing N N 150 
ILE OXT HXT  sing N N 151 
LEU N   CA   sing N N 152 
LEU N   H    sing N N 153 
LEU N   H2   sing N N 154 
LEU CA  C    sing N N 155 
LEU CA  CB   sing N N 156 
LEU CA  HA   sing N N 157 
LEU C   O    doub N N 158 
LEU C   OXT  sing N N 159 
LEU CB  CG   sing N N 160 
LEU CB  HB2  sing N N 161 
LEU CB  HB3  sing N N 162 
LEU CG  CD1  sing N N 163 
LEU CG  CD2  sing N N 164 
LEU CG  HG   sing N N 165 
LEU CD1 HD11 sing N N 166 
LEU CD1 HD12 sing N N 167 
LEU CD1 HD13 sing N N 168 
LEU CD2 HD21 sing N N 169 
LEU CD2 HD22 sing N N 170 
LEU CD2 HD23 sing N N 171 
LEU OXT HXT  sing N N 172 
LYS N   CA   sing N N 173 
LYS N   H    sing N N 174 
LYS N   H2   sing N N 175 
LYS CA  C    sing N N 176 
LYS CA  CB   sing N N 177 
LYS CA  HA   sing N N 178 
LYS C   O    doub N N 179 
LYS C   OXT  sing N N 180 
LYS CB  CG   sing N N 181 
LYS CB  HB2  sing N N 182 
LYS CB  HB3  sing N N 183 
LYS CG  CD   sing N N 184 
LYS CG  HG2  sing N N 185 
LYS CG  HG3  sing N N 186 
LYS CD  CE   sing N N 187 
LYS CD  HD2  sing N N 188 
LYS CD  HD3  sing N N 189 
LYS CE  NZ   sing N N 190 
LYS CE  HE2  sing N N 191 
LYS CE  HE3  sing N N 192 
LYS NZ  HZ1  sing N N 193 
LYS NZ  HZ2  sing N N 194 
LYS NZ  HZ3  sing N N 195 
LYS OXT HXT  sing N N 196 
MET N   CA   sing N N 197 
MET N   H    sing N N 198 
MET N   H2   sing N N 199 
MET CA  C    sing N N 200 
MET CA  CB   sing N N 201 
MET CA  HA   sing N N 202 
MET C   O    doub N N 203 
MET C   OXT  sing N N 204 
MET CB  CG   sing N N 205 
MET CB  HB2  sing N N 206 
MET CB  HB3  sing N N 207 
MET CG  SD   sing N N 208 
MET CG  HG2  sing N N 209 
MET CG  HG3  sing N N 210 
MET SD  CE   sing N N 211 
MET CE  HE1  sing N N 212 
MET CE  HE2  sing N N 213 
MET CE  HE3  sing N N 214 
MET OXT HXT  sing N N 215 
PHE N   CA   sing N N 216 
PHE N   H    sing N N 217 
PHE N   H2   sing N N 218 
PHE CA  C    sing N N 219 
PHE CA  CB   sing N N 220 
PHE CA  HA   sing N N 221 
PHE C   O    doub N N 222 
PHE C   OXT  sing N N 223 
PHE CB  CG   sing N N 224 
PHE CB  HB2  sing N N 225 
PHE CB  HB3  sing N N 226 
PHE CG  CD1  doub Y N 227 
PHE CG  CD2  sing Y N 228 
PHE CD1 CE1  sing Y N 229 
PHE CD1 HD1  sing N N 230 
PHE CD2 CE2  doub Y N 231 
PHE CD2 HD2  sing N N 232 
PHE CE1 CZ   doub Y N 233 
PHE CE1 HE1  sing N N 234 
PHE CE2 CZ   sing Y N 235 
PHE CE2 HE2  sing N N 236 
PHE CZ  HZ   sing N N 237 
PHE OXT HXT  sing N N 238 
PRO N   CA   sing N N 239 
PRO N   CD   sing N N 240 
PRO N   H    sing N N 241 
PRO CA  C    sing N N 242 
PRO CA  CB   sing N N 243 
PRO CA  HA   sing N N 244 
PRO C   O    doub N N 245 
PRO C   OXT  sing N N 246 
PRO CB  CG   sing N N 247 
PRO CB  HB2  sing N N 248 
PRO CB  HB3  sing N N 249 
PRO CG  CD   sing N N 250 
PRO CG  HG2  sing N N 251 
PRO CG  HG3  sing N N 252 
PRO CD  HD2  sing N N 253 
PRO CD  HD3  sing N N 254 
PRO OXT HXT  sing N N 255 
SER N   CA   sing N N 256 
SER N   H    sing N N 257 
SER N   H2   sing N N 258 
SER CA  C    sing N N 259 
SER CA  CB   sing N N 260 
SER CA  HA   sing N N 261 
SER C   O    doub N N 262 
SER C   OXT  sing N N 263 
SER CB  OG   sing N N 264 
SER CB  HB2  sing N N 265 
SER CB  HB3  sing N N 266 
SER OG  HG   sing N N 267 
SER OXT HXT  sing N N 268 
THR N   CA   sing N N 269 
THR N   H    sing N N 270 
THR N   H2   sing N N 271 
THR CA  C    sing N N 272 
THR CA  CB   sing N N 273 
THR CA  HA   sing N N 274 
THR C   O    doub N N 275 
THR C   OXT  sing N N 276 
THR CB  OG1  sing N N 277 
THR CB  CG2  sing N N 278 
THR CB  HB   sing N N 279 
THR OG1 HG1  sing N N 280 
THR CG2 HG21 sing N N 281 
THR CG2 HG22 sing N N 282 
THR CG2 HG23 sing N N 283 
THR OXT HXT  sing N N 284 
TRP N   CA   sing N N 285 
TRP N   H    sing N N 286 
TRP N   H2   sing N N 287 
TRP CA  C    sing N N 288 
TRP CA  CB   sing N N 289 
TRP CA  HA   sing N N 290 
TRP C   O    doub N N 291 
TRP C   OXT  sing N N 292 
TRP CB  CG   sing N N 293 
TRP CB  HB2  sing N N 294 
TRP CB  HB3  sing N N 295 
TRP CG  CD1  doub Y N 296 
TRP CG  CD2  sing Y N 297 
TRP CD1 NE1  sing Y N 298 
TRP CD1 HD1  sing N N 299 
TRP CD2 CE2  doub Y N 300 
TRP CD2 CE3  sing Y N 301 
TRP NE1 CE2  sing Y N 302 
TRP NE1 HE1  sing N N 303 
TRP CE2 CZ2  sing Y N 304 
TRP CE3 CZ3  doub Y N 305 
TRP CE3 HE3  sing N N 306 
TRP CZ2 CH2  doub Y N 307 
TRP CZ2 HZ2  sing N N 308 
TRP CZ3 CH2  sing Y N 309 
TRP CZ3 HZ3  sing N N 310 
TRP CH2 HH2  sing N N 311 
TRP OXT HXT  sing N N 312 
TYR N   CA   sing N N 313 
TYR N   H    sing N N 314 
TYR N   H2   sing N N 315 
TYR CA  C    sing N N 316 
TYR CA  CB   sing N N 317 
TYR CA  HA   sing N N 318 
TYR C   O    doub N N 319 
TYR C   OXT  sing N N 320 
TYR CB  CG   sing N N 321 
TYR CB  HB2  sing N N 322 
TYR CB  HB3  sing N N 323 
TYR CG  CD1  doub Y N 324 
TYR CG  CD2  sing Y N 325 
TYR CD1 CE1  sing Y N 326 
TYR CD1 HD1  sing N N 327 
TYR CD2 CE2  doub Y N 328 
TYR CD2 HD2  sing N N 329 
TYR CE1 CZ   doub Y N 330 
TYR CE1 HE1  sing N N 331 
TYR CE2 CZ   sing Y N 332 
TYR CE2 HE2  sing N N 333 
TYR CZ  OH   sing N N 334 
TYR OH  HH   sing N N 335 
TYR OXT HXT  sing N N 336 
VAL N   CA   sing N N 337 
VAL N   H    sing N N 338 
VAL N   H2   sing N N 339 
VAL CA  C    sing N N 340 
VAL CA  CB   sing N N 341 
VAL CA  HA   sing N N 342 
VAL C   O    doub N N 343 
VAL C   OXT  sing N N 344 
VAL CB  CG1  sing N N 345 
VAL CB  CG2  sing N N 346 
VAL CB  HB   sing N N 347 
VAL CG1 HG11 sing N N 348 
VAL CG1 HG12 sing N N 349 
VAL CG1 HG13 sing N N 350 
VAL CG2 HG21 sing N N 351 
VAL CG2 HG22 sing N N 352 
VAL CG2 HG23 sing N N 353 
VAL OXT HXT  sing N N 354 
# 
_atom_sites.entry_id                    1MSC 
_atom_sites.fract_transf_matrix[1][1]   -0.00494148 
_atom_sites.fract_transf_matrix[1][2]   -0.01051119 
_atom_sites.fract_transf_matrix[1][3]   0.00610817 
_atom_sites.fract_transf_matrix[2][1]   -0.01497197 
_atom_sites.fract_transf_matrix[2][2]   0.00918960 
_atom_sites.fract_transf_matrix[2][3]   0.00370158 
_atom_sites.fract_transf_matrix[3][1]   -0.01420407 
_atom_sites.fract_transf_matrix[3][2]   -0.01093408 
_atom_sites.fract_transf_matrix[3][3]   -0.03030684 
_atom_sites.fract_transf_vector[1]      0.514770 
_atom_sites.fract_transf_vector[2]      0.372453 
_atom_sites.fract_transf_vector[3]      0.622706 
# 
loop_
_atom_type.symbol 
C 
N 
O 
S 
# 
loop_
_atom_site.group_PDB 
_atom_site.id 
_atom_site.type_symbol 
_atom_site.label_atom_id 
_atom_site.label_alt_id 
_atom_site.label_comp_id 
_atom_site.label_asym_id 
_atom_site.label_entity_id 
_atom_site.label_seq_id 
_atom_site.pdbx_PDB_ins_code 
_atom_site.Cartn_x 
_atom_site.Cartn_y 
_atom_site.Cartn_z 
_atom_site.occupancy 
_atom_site.B_iso_or_equiv 
_atom_site.pdbx_formal_charge 
_atom_site.auth_seq_id 
_atom_site.auth_comp_id 
_atom_site.auth_asym_id 
_atom_site.auth_atom_id 
_atom_site.pdbx_PDB_model_num 
ATOM   1    N N   . ALA A 1 1   ? -13.232 -12.514 3.237   1.00 23.89  ? 1   ALA A N   1 
ATOM   2    C CA  . ALA A 1 1   ? -12.792 -12.478 4.646   1.00 33.16  ? 1   ALA A CA  1 
ATOM   3    C C   . ALA A 1 1   ? -11.420 -11.899 4.933   1.00 45.89  ? 1   ALA A C   1 
ATOM   4    O O   . ALA A 1 1   ? -11.380 -11.039 5.838   1.00 98.80  ? 1   ALA A O   1 
ATOM   5    C CB  . ALA A 1 1   ? -12.863 -13.900 5.241   1.00 71.61  ? 1   ALA A CB  1 
ATOM   6    N N   . SER A 1 2   ? -10.370 -12.335 4.274   1.00 41.02  ? 2   SER A N   1 
ATOM   7    C CA  . SER A 1 2   ? -9.001  -11.854 4.508   1.00 28.41  ? 2   SER A CA  1 
ATOM   8    C C   . SER A 1 2   ? -8.070  -12.448 3.466   1.00 38.33  ? 2   SER A C   1 
ATOM   9    O O   . SER A 1 2   ? -8.560  -12.306 2.314   1.00 49.08  ? 2   SER A O   1 
ATOM   10   C CB  . SER A 1 2   ? -8.474  -12.041 5.901   1.00 47.10  ? 2   SER A CB  1 
ATOM   11   O OG  . SER A 1 2   ? -9.244  -11.316 6.845   1.00 19.29  ? 2   SER A OG  1 
ATOM   12   N N   . ASN A 1 3   ? -6.892  -12.986 3.765   1.00 64.40  ? 3   ASN A N   1 
ATOM   13   C CA  . ASN A 1 3   ? -6.024  -13.510 2.683   1.00 20.80  ? 3   ASN A CA  1 
ATOM   14   C C   . ASN A 1 3   ? -4.633  -14.115 2.965   1.00 21.65  ? 3   ASN A C   1 
ATOM   15   O O   . ASN A 1 3   ? -4.417  -15.339 2.934   1.00 53.65  ? 3   ASN A O   1 
ATOM   16   C CB  . ASN A 1 3   ? -5.840  -12.320 1.696   1.00 64.50  ? 3   ASN A CB  1 
ATOM   17   C CG  . ASN A 1 3   ? -5.480  -11.026 2.428   1.00 54.52  ? 3   ASN A CG  1 
ATOM   18   O OD1 . ASN A 1 3   ? -6.289  -10.151 2.797   1.00 55.30  ? 3   ASN A OD1 1 
ATOM   19   N ND2 . ASN A 1 3   ? -4.182  -10.921 2.670   1.00 72.09  ? 3   ASN A ND2 1 
ATOM   20   N N   . PHE A 1 4   ? -3.664  -13.263 3.141   1.00 60.73  ? 4   PHE A N   1 
ATOM   21   C CA  . PHE A 1 4   ? -2.275  -13.641 3.336   1.00 39.48  ? 4   PHE A CA  1 
ATOM   22   C C   . PHE A 1 4   ? -1.980  -14.421 2.053   1.00 18.74  ? 4   PHE A C   1 
ATOM   23   O O   . PHE A 1 4   ? -1.562  -15.593 2.004   1.00 15.54  ? 4   PHE A O   1 
ATOM   24   C CB  . PHE A 1 4   ? -1.843  -14.342 4.607   1.00 18.84  ? 4   PHE A CB  1 
ATOM   25   C CG  . PHE A 1 4   ? -0.445  -13.788 4.881   1.00 33.22  ? 4   PHE A CG  1 
ATOM   26   C CD1 . PHE A 1 4   ? 0.040   -12.608 4.297   1.00 21.24  ? 4   PHE A CD1 1 
ATOM   27   C CD2 . PHE A 1 4   ? 0.382   -14.553 5.644   1.00 9.04   ? 4   PHE A CD2 1 
ATOM   28   C CE1 . PHE A 1 4   ? 1.325   -12.202 4.499   1.00 13.21  ? 4   PHE A CE1 1 
ATOM   29   C CE2 . PHE A 1 4   ? 1.714   -14.107 5.930   1.00 14.87  ? 4   PHE A CE2 1 
ATOM   30   C CZ  . PHE A 1 4   ? 2.196   -12.935 5.330   1.00 25.03  ? 4   PHE A CZ  1 
ATOM   31   N N   . THR A 1 5   ? -2.320  -13.705 1.014   1.00 17.36  ? 5   THR A N   1 
ATOM   32   C CA  . THR A 1 5   ? -2.086  -14.361 -0.333  1.00 41.98  ? 5   THR A CA  1 
ATOM   33   C C   . THR A 1 5   ? -1.433  -13.301 -1.260  1.00 17.49  ? 5   THR A C   1 
ATOM   34   O O   . THR A 1 5   ? -1.474  -12.184 -0.811  1.00 31.52  ? 5   THR A O   1 
ATOM   35   C CB  . THR A 1 5   ? -3.250  -14.993 -1.106  1.00 29.64  ? 5   THR A CB  1 
ATOM   36   O OG1 . THR A 1 5   ? -4.206  -13.878 -1.195  1.00 26.81  ? 5   THR A OG1 1 
ATOM   37   C CG2 . THR A 1 5   ? -4.009  -16.253 -0.704  1.00 43.09  ? 5   THR A CG2 1 
ATOM   38   N N   . GLN A 1 6   ? -0.944  -13.852 -2.321  1.00 20.27  ? 6   GLN A N   1 
ATOM   39   C CA  . GLN A 1 6   ? -0.219  -13.071 -3.328  1.00 27.02  ? 6   GLN A CA  1 
ATOM   40   C C   . GLN A 1 6   ? -1.153  -12.144 -4.047  1.00 26.23  ? 6   GLN A C   1 
ATOM   41   O O   . GLN A 1 6   ? -2.247  -12.658 -4.311  1.00 9.89   ? 6   GLN A O   1 
ATOM   42   C CB  . GLN A 1 6   ? 0.279   -14.139 -4.316  1.00 26.93  ? 6   GLN A CB  1 
ATOM   43   C CG  . GLN A 1 6   ? 1.373   -13.655 -5.199  1.00 38.34  ? 6   GLN A CG  1 
ATOM   44   C CD  . GLN A 1 6   ? 1.820   -14.427 -6.390  1.00 32.21  ? 6   GLN A CD  1 
ATOM   45   O OE1 . GLN A 1 6   ? 1.039   -14.700 -7.315  1.00 28.36  ? 6   GLN A OE1 1 
ATOM   46   N NE2 . GLN A 1 6   ? 3.126   -14.737 -6.308  1.00 37.20  ? 6   GLN A NE2 1 
ATOM   47   N N   . PHE A 1 7   ? -0.779  -10.926 -4.318  1.00 26.42  ? 7   PHE A N   1 
ATOM   48   C CA  . PHE A 1 7   ? -1.718  -10.051 -5.048  1.00 11.06  ? 7   PHE A CA  1 
ATOM   49   C C   . PHE A 1 7   ? -0.838  -9.188  -6.049  1.00 10.95  ? 7   PHE A C   1 
ATOM   50   O O   . PHE A 1 7   ? 0.452   -9.194  -5.833  1.00 18.47  ? 7   PHE A O   1 
ATOM   51   C CB  . PHE A 1 7   ? -2.552  -9.077  -4.254  1.00 20.89  ? 7   PHE A CB  1 
ATOM   52   C CG  . PHE A 1 7   ? -1.988  -8.062  -3.297  1.00 25.13  ? 7   PHE A CG  1 
ATOM   53   C CD1 . PHE A 1 7   ? -1.522  -8.534  -2.063  1.00 20.12  ? 7   PHE A CD1 1 
ATOM   54   C CD2 . PHE A 1 7   ? -1.991  -6.648  -3.580  1.00 9.82   ? 7   PHE A CD2 1 
ATOM   55   C CE1 . PHE A 1 7   ? -0.987  -7.624  -1.133  1.00 33.80  ? 7   PHE A CE1 1 
ATOM   56   C CE2 . PHE A 1 7   ? -1.489  -5.830  -2.647  1.00 10.82  ? 7   PHE A CE2 1 
ATOM   57   C CZ  . PHE A 1 7   ? -1.011  -6.253  -1.389  1.00 17.70  ? 7   PHE A CZ  1 
ATOM   58   N N   . VAL A 1 8   ? -1.657  -8.547  -6.874  1.00 34.44  ? 8   VAL A N   1 
ATOM   59   C CA  . VAL A 1 8   ? -1.015  -7.637  -7.859  1.00 51.94  ? 8   VAL A CA  1 
ATOM   60   C C   . VAL A 1 8   ? -1.010  -6.199  -7.282  1.00 14.98  ? 8   VAL A C   1 
ATOM   61   O O   . VAL A 1 8   ? -2.133  -5.624  -7.193  1.00 20.34  ? 8   VAL A O   1 
ATOM   62   C CB  . VAL A 1 8   ? -1.730  -7.502  -9.201  1.00 21.90  ? 8   VAL A CB  1 
ATOM   63   C CG1 . VAL A 1 8   ? -1.039  -6.705  -10.289 1.00 27.41  ? 8   VAL A CG1 1 
ATOM   64   C CG2 . VAL A 1 8   ? -2.071  -8.854  -9.837  1.00 44.15  ? 8   VAL A CG2 1 
ATOM   65   N N   . LEU A 1 9   ? 0.201   -5.789  -6.885  1.00 12.19  ? 9   LEU A N   1 
ATOM   66   C CA  . LEU A 1 9   ? 0.191   -4.425  -6.344  1.00 13.52  ? 9   LEU A CA  1 
ATOM   67   C C   . LEU A 1 9   ? 0.017   -3.411  -7.502  1.00 22.01  ? 9   LEU A C   1 
ATOM   68   O O   . LEU A 1 9   ? -0.806  -2.508  -7.352  1.00 20.18  ? 9   LEU A O   1 
ATOM   69   C CB  . LEU A 1 9   ? 1.370   -4.241  -5.487  1.00 18.65  ? 9   LEU A CB  1 
ATOM   70   C CG  . LEU A 1 9   ? 1.443   -2.886  -4.740  1.00 38.60  ? 9   LEU A CG  1 
ATOM   71   C CD1 . LEU A 1 9   ? 0.447   -2.726  -3.614  1.00 18.65  ? 9   LEU A CD1 1 
ATOM   72   C CD2 . LEU A 1 9   ? 2.896   -2.885  -4.244  1.00 8.84   ? 9   LEU A CD2 1 
ATOM   73   N N   . VAL A 1 10  ? 0.801   -3.546  -8.553  1.00 20.94  ? 10  VAL A N   1 
ATOM   74   C CA  . VAL A 1 10  ? 0.770   -2.655  -9.724  1.00 13.35  ? 10  VAL A CA  1 
ATOM   75   C C   . VAL A 1 10  ? 0.416   -3.353  -11.038 1.00 9.81   ? 10  VAL A C   1 
ATOM   76   O O   . VAL A 1 10  ? 1.235   -4.135  -11.512 1.00 17.05  ? 10  VAL A O   1 
ATOM   77   C CB  . VAL A 1 10  ? 2.088   -1.862  -9.880  1.00 10.55  ? 10  VAL A CB  1 
ATOM   78   C CG1 . VAL A 1 10  ? 2.005   -0.705  -10.901 1.00 10.55  ? 10  VAL A CG1 1 
ATOM   79   C CG2 . VAL A 1 10  ? 2.596   -1.341  -8.513  1.00 4.82   ? 10  VAL A CG2 1 
ATOM   80   N N   . ASP A 1 11  ? -0.794  -3.124  -11.474 1.00 13.58  ? 11  ASP A N   1 
ATOM   81   C CA  . ASP A 1 11  ? -1.267  -3.689  -12.749 1.00 37.71  ? 11  ASP A CA  1 
ATOM   82   C C   . ASP A 1 11  ? -0.864  -2.760  -13.893 1.00 10.76  ? 11  ASP A C   1 
ATOM   83   O O   . ASP A 1 11  ? -1.393  -1.581  -13.951 1.00 23.65  ? 11  ASP A O   1 
ATOM   84   C CB  . ASP A 1 11  ? -2.764  -3.871  -12.604 1.00 8.36   ? 11  ASP A CB  1 
ATOM   85   C CG  . ASP A 1 11  ? -3.490  -4.052  -13.917 1.00 17.64  ? 11  ASP A CG  1 
ATOM   86   O OD1 . ASP A 1 11  ? -2.912  -4.564  -14.899 1.00 22.41  ? 11  ASP A OD1 1 
ATOM   87   O OD2 . ASP A 1 11  ? -4.655  -3.734  -14.185 1.00 15.24  ? 11  ASP A OD2 1 
ATOM   88   N N   . ASN A 1 12  ? -0.028  -3.248  -14.745 1.00 37.60  ? 12  ASN A N   1 
ATOM   89   C CA  . ASN A 1 12  ? 0.549   -2.570  -15.920 1.00 16.11  ? 12  ASN A CA  1 
ATOM   90   C C   . ASN A 1 12  ? 0.042   -3.170  -17.200 1.00 13.80  ? 12  ASN A C   1 
ATOM   91   O O   . ASN A 1 12  ? 0.734   -3.292  -18.199 1.00 26.75  ? 12  ASN A O   1 
ATOM   92   C CB  . ASN A 1 12  ? 2.060   -2.849  -15.807 1.00 14.65  ? 12  ASN A CB  1 
ATOM   93   C CG  . ASN A 1 12  ? 2.675   -1.882  -14.789 1.00 31.40  ? 12  ASN A CG  1 
ATOM   94   O OD1 . ASN A 1 12  ? 2.215   -0.730  -14.705 1.00 22.54  ? 12  ASN A OD1 1 
ATOM   95   N ND2 . ASN A 1 12  ? 3.679   -2.102  -13.942 1.00 31.34  ? 12  ASN A ND2 1 
ATOM   96   N N   . GLY A 1 13  ? -1.190  -3.679  -17.130 1.00 17.30  ? 13  GLY A N   1 
ATOM   97   C CA  . GLY A 1 13  ? -1.974  -4.355  -18.105 1.00 23.91  ? 13  GLY A CA  1 
ATOM   98   C C   . GLY A 1 13  ? -1.391  -5.567  -18.812 1.00 26.75  ? 13  GLY A C   1 
ATOM   99   O O   . GLY A 1 13  ? -1.933  -5.863  -19.891 1.00 37.29  ? 13  GLY A O   1 
ATOM   100  N N   . GLY A 1 14  ? -0.405  -6.249  -18.255 1.00 26.42  ? 14  GLY A N   1 
ATOM   101  C CA  . GLY A 1 14  ? 0.163   -7.372  -19.040 1.00 57.71  ? 14  GLY A CA  1 
ATOM   102  C C   . GLY A 1 14  ? 1.188   -7.990  -18.125 1.00 22.38  ? 14  GLY A C   1 
ATOM   103  O O   . GLY A 1 14  ? 1.541   -7.274  -17.169 1.00 77.12  ? 14  GLY A O   1 
ATOM   104  N N   . THR A 1 15  ? 1.596   -9.186  -18.464 1.00 35.14  ? 15  THR A N   1 
ATOM   105  C CA  . THR A 1 15  ? 2.573   -9.879  -17.574 1.00 86.83  ? 15  THR A CA  1 
ATOM   106  C C   . THR A 1 15  ? 3.415   -8.972  -16.688 1.00 88.81  ? 15  THR A C   1 
ATOM   107  O O   . THR A 1 15  ? 3.529   -9.337  -15.486 1.00 66.34  ? 15  THR A O   1 
ATOM   108  C CB  . THR A 1 15  ? 3.277   -11.091 -18.310 1.00 48.59  ? 15  THR A CB  1 
ATOM   109  O OG1 . THR A 1 15  ? 3.075   -10.959 -19.745 1.00 54.83  ? 15  THR A OG1 1 
ATOM   110  C CG2 . THR A 1 15  ? 2.695   -12.455 -17.970 1.00 30.01  ? 15  THR A CG2 1 
ATOM   111  N N   . GLY A 1 16  ? 3.958   -7.862  -17.137 1.00 76.83  ? 16  GLY A N   1 
ATOM   112  C CA  . GLY A 1 16  ? 4.776   -6.899  -16.429 1.00 33.30  ? 16  GLY A CA  1 
ATOM   113  C C   . GLY A 1 16  ? 4.255   -6.211  -15.166 1.00 46.49  ? 16  GLY A C   1 
ATOM   114  O O   . GLY A 1 16  ? 4.761   -5.204  -14.642 1.00 31.55  ? 16  GLY A O   1 
ATOM   115  N N   . ASP A 1 17  ? 3.233   -6.758  -14.539 1.00 28.16  ? 17  ASP A N   1 
ATOM   116  C CA  . ASP A 1 17  ? 2.597   -6.378  -13.277 1.00 8.19   ? 17  ASP A CA  1 
ATOM   117  C C   . ASP A 1 17  ? 3.498   -6.480  -12.067 1.00 21.70  ? 17  ASP A C   1 
ATOM   118  O O   . ASP A 1 17  ? 4.394   -7.301  -12.183 1.00 24.53  ? 17  ASP A O   1 
ATOM   119  C CB  . ASP A 1 17  ? 1.388   -7.330  -13.218 1.00 19.99  ? 17  ASP A CB  1 
ATOM   120  C CG  . ASP A 1 17  ? 0.398   -6.864  -14.275 1.00 52.87  ? 17  ASP A CG  1 
ATOM   121  O OD1 . ASP A 1 17  ? 0.379   -5.697  -14.729 1.00 24.60  ? 17  ASP A OD1 1 
ATOM   122  O OD2 . ASP A 1 17  ? -0.326  -7.810  -14.596 1.00 28.22  ? 17  ASP A OD2 1 
ATOM   123  N N   . VAL A 1 18  ? 3.249   -5.698  -10.981 1.00 14.96  ? 18  VAL A N   1 
ATOM   124  C CA  . VAL A 1 18  ? 4.153   -5.888  -9.824  1.00 20.33  ? 18  VAL A CA  1 
ATOM   125  C C   . VAL A 1 18  ? 3.289   -6.776  -8.900  1.00 37.85  ? 18  VAL A C   1 
ATOM   126  O O   . VAL A 1 18  ? 2.170   -6.283  -8.748  1.00 22.79  ? 18  VAL A O   1 
ATOM   127  C CB  . VAL A 1 18  ? 4.696   -4.648  -9.114  1.00 19.87  ? 18  VAL A CB  1 
ATOM   128  C CG1 . VAL A 1 18  ? 5.364   -5.003  -7.741  1.00 9.58   ? 18  VAL A CG1 1 
ATOM   129  C CG2 . VAL A 1 18  ? 5.571   -4.125  -10.220 1.00 17.62  ? 18  VAL A CG2 1 
ATOM   130  N N   . THR A 1 19  ? 3.814   -7.884  -8.404  1.00 27.99  ? 19  THR A N   1 
ATOM   131  C CA  . THR A 1 19  ? 3.023   -8.719  -7.495  1.00 42.03  ? 19  THR A CA  1 
ATOM   132  C C   . THR A 1 19  ? 3.696   -8.885  -6.129  1.00 26.46  ? 19  THR A C   1 
ATOM   133  O O   . THR A 1 19  ? 4.879   -9.135  -6.238  1.00 15.50  ? 19  THR A O   1 
ATOM   134  C CB  . THR A 1 19  ? 2.870   -10.195 -8.046  1.00 19.46  ? 19  THR A CB  1 
ATOM   135  O OG1 . THR A 1 19  ? 4.220   -10.767 -7.975  1.00 48.34  ? 19  THR A OG1 1 
ATOM   136  C CG2 . THR A 1 19  ? 2.359   -10.360 -9.448  1.00 3.50   ? 19  THR A CG2 1 
ATOM   137  N N   . VAL A 1 20  ? 3.018   -8.780  -4.998  1.00 17.86  ? 20  VAL A N   1 
ATOM   138  C CA  . VAL A 1 20  ? 3.707   -8.987  -3.722  1.00 19.47  ? 20  VAL A CA  1 
ATOM   139  C C   . VAL A 1 20  ? 3.171   -10.356 -3.204  1.00 19.12  ? 20  VAL A C   1 
ATOM   140  O O   . VAL A 1 20  ? 2.026   -10.702 -3.409  1.00 23.00  ? 20  VAL A O   1 
ATOM   141  C CB  . VAL A 1 20  ? 3.537   -7.806  -2.783  1.00 17.77  ? 20  VAL A CB  1 
ATOM   142  C CG1 . VAL A 1 20  ? 4.235   -6.498  -3.210  1.00 26.95  ? 20  VAL A CG1 1 
ATOM   143  C CG2 . VAL A 1 20  ? 2.042   -7.549  -2.745  1.00 18.65  ? 20  VAL A CG2 1 
ATOM   144  N N   . ALA A 1 21  ? 4.034   -11.052 -2.510  1.00 24.19  ? 21  ALA A N   1 
ATOM   145  C CA  . ALA A 1 21  ? 3.794   -12.385 -1.944  1.00 21.24  ? 21  ALA A CA  1 
ATOM   146  C C   . ALA A 1 21  ? 4.052   -12.480 -0.450  1.00 18.48  ? 21  ALA A C   1 
ATOM   147  O O   . ALA A 1 21  ? 4.956   -11.813 0.086   1.00 12.78  ? 21  ALA A O   1 
ATOM   148  C CB  . ALA A 1 21  ? 4.819   -13.184 -2.825  1.00 21.60  ? 21  ALA A CB  1 
ATOM   149  N N   . PRO A 1 22  ? 3.183   -13.197 0.288   1.00 22.19  ? 22  PRO A N   1 
ATOM   150  C CA  . PRO A 1 22  ? 3.331   -13.361 1.737   1.00 26.09  ? 22  PRO A CA  1 
ATOM   151  C C   . PRO A 1 22  ? 4.803   -13.579 2.088   1.00 20.18  ? 22  PRO A C   1 
ATOM   152  O O   . PRO A 1 22  ? 5.356   -14.517 1.522   1.00 33.12  ? 22  PRO A O   1 
ATOM   153  C CB  . PRO A 1 22  ? 2.461   -14.560 2.072   1.00 22.73  ? 22  PRO A CB  1 
ATOM   154  C CG  . PRO A 1 22  ? 1.366   -14.420 1.044   1.00 14.02  ? 22  PRO A CG  1 
ATOM   155  C CD  . PRO A 1 22  ? 2.022   -13.954 -0.256  1.00 21.34  ? 22  PRO A CD  1 
ATOM   156  N N   . SER A 1 23  ? 5.405   -12.763 2.951   1.00 21.04  ? 23  SER A N   1 
ATOM   157  C CA  . SER A 1 23  ? 6.823   -12.971 3.271   1.00 10.50  ? 23  SER A CA  1 
ATOM   158  C C   . SER A 1 23  ? 7.021   -13.317 4.719   1.00 24.58  ? 23  SER A C   1 
ATOM   159  O O   . SER A 1 23  ? 7.905   -14.068 5.093   1.00 27.69  ? 23  SER A O   1 
ATOM   160  C CB  . SER A 1 23  ? 7.604   -11.732 2.887   1.00 28.34  ? 23  SER A CB  1 
ATOM   161  O OG  . SER A 1 23  ? 7.083   -10.753 3.755   1.00 20.10  ? 23  SER A OG  1 
ATOM   162  N N   . ASN A 1 24  ? 6.223   -12.666 5.558   1.00 26.56  ? 24  ASN A N   1 
ATOM   163  C CA  . ASN A 1 24  ? 6.306   -12.859 7.005   1.00 25.27  ? 24  ASN A CA  1 
ATOM   164  C C   . ASN A 1 24  ? 4.969   -12.568 7.660   1.00 26.22  ? 24  ASN A C   1 
ATOM   165  O O   . ASN A 1 24  ? 4.048   -11.807 7.285   1.00 20.88  ? 24  ASN A O   1 
ATOM   166  C CB  . ASN A 1 24  ? 7.450   -11.886 7.417   1.00 39.71  ? 24  ASN A CB  1 
ATOM   167  C CG  . ASN A 1 24  ? 8.071   -12.255 8.743   1.00 33.69  ? 24  ASN A CG  1 
ATOM   168  O OD1 . ASN A 1 24  ? 8.759   -13.273 8.867   1.00 50.74  ? 24  ASN A OD1 1 
ATOM   169  N ND2 . ASN A 1 24  ? 7.852   -11.473 9.785   1.00 42.07  ? 24  ASN A ND2 1 
ATOM   170  N N   . PHE A 1 25  ? 4.983   -13.152 8.853   1.00 26.97  ? 25  PHE A N   1 
ATOM   171  C CA  . PHE A 1 25  ? 3.902   -12.946 9.826   1.00 13.88  ? 25  PHE A CA  1 
ATOM   172  C C   . PHE A 1 25  ? 4.565   -12.616 11.171  1.00 41.27  ? 25  PHE A C   1 
ATOM   173  O O   . PHE A 1 25  ? 4.417   -13.421 12.079  1.00 34.92  ? 25  PHE A O   1 
ATOM   174  C CB  . PHE A 1 25  ? 2.806   -13.975 9.884   1.00 21.70  ? 25  PHE A CB  1 
ATOM   175  C CG  . PHE A 1 25  ? 1.635   -13.527 10.712  1.00 31.83  ? 25  PHE A CG  1 
ATOM   176  C CD1 . PHE A 1 25  ? 0.921   -12.373 10.379  1.00 30.72  ? 25  PHE A CD1 1 
ATOM   177  C CD2 . PHE A 1 25  ? 1.273   -14.267 11.848  1.00 25.63  ? 25  PHE A CD2 1 
ATOM   178  C CE1 . PHE A 1 25  ? -0.147  -11.972 11.193  1.00 28.36  ? 25  PHE A CE1 1 
ATOM   179  C CE2 . PHE A 1 25  ? 0.224   -13.883 12.640  1.00 15.66  ? 25  PHE A CE2 1 
ATOM   180  C CZ  . PHE A 1 25  ? -0.514  -12.758 12.329  1.00 32.50  ? 25  PHE A CZ  1 
ATOM   181  N N   . ALA A 1 26  ? 5.251   -11.487 11.233  1.00 63.34  ? 26  ALA A N   1 
ATOM   182  C CA  . ALA A 1 26  ? 5.870   -11.121 12.518  1.00 77.83  ? 26  ALA A CA  1 
ATOM   183  C C   . ALA A 1 26  ? 4.846   -10.323 13.333  1.00 66.54  ? 26  ALA A C   1 
ATOM   184  O O   . ALA A 1 26  ? 4.470   -9.201  13.011  1.00 74.77  ? 26  ALA A O   1 
ATOM   185  C CB  . ALA A 1 26  ? 7.156   -10.332 12.373  1.00 110.61 ? 26  ALA A CB  1 
ATOM   186  N N   . ASN A 1 27  ? 4.401   -10.889 14.418  1.00 67.65  ? 27  ASN A N   1 
ATOM   187  C CA  . ASN A 1 27  ? 3.515   -10.401 15.444  1.00 48.66  ? 27  ASN A CA  1 
ATOM   188  C C   . ASN A 1 27  ? 2.327   -9.508  15.131  1.00 52.05  ? 27  ASN A C   1 
ATOM   189  O O   . ASN A 1 27  ? 2.293   -8.269  15.309  1.00 39.33  ? 27  ASN A O   1 
ATOM   190  C CB  . ASN A 1 27  ? 4.353   -9.737  16.550  1.00 53.70  ? 27  ASN A CB  1 
ATOM   191  C CG  . ASN A 1 27  ? 5.039   -8.437  16.252  1.00 61.91  ? 27  ASN A CG  1 
ATOM   192  O OD1 . ASN A 1 27  ? 6.145   -8.425  15.669  1.00 97.44  ? 27  ASN A OD1 1 
ATOM   193  N ND2 . ASN A 1 27  ? 4.421   -7.309  16.628  1.00 75.55  ? 27  ASN A ND2 1 
ATOM   194  N N   . GLY A 1 28  ? 1.284   -10.211 14.703  1.00 26.65  ? 28  GLY A N   1 
ATOM   195  C CA  . GLY A 1 28  ? 0.023   -9.518  14.329  1.00 32.66  ? 28  GLY A CA  1 
ATOM   196  C C   . GLY A 1 28  ? 0.345   -8.827  12.999  1.00 20.96  ? 28  GLY A C   1 
ATOM   197  O O   . GLY A 1 28  ? -0.669  -8.579  12.320  1.00 37.69  ? 28  GLY A O   1 
ATOM   198  N N   . VAL A 1 29  ? 1.593   -8.611  12.700  1.00 18.62  ? 29  VAL A N   1 
ATOM   199  C CA  . VAL A 1 29  ? 1.922   -7.984  11.404  1.00 9.76   ? 29  VAL A CA  1 
ATOM   200  C C   . VAL A 1 29  ? 2.174   -8.952  10.270  1.00 8.27   ? 29  VAL A C   1 
ATOM   201  O O   . VAL A 1 29  ? 3.214   -9.568  10.369  1.00 12.61  ? 29  VAL A O   1 
ATOM   202  C CB  . VAL A 1 29  ? 3.081   -6.961  11.443  1.00 13.48  ? 29  VAL A CB  1 
ATOM   203  C CG1 . VAL A 1 29  ? 2.862   -6.183  10.092  1.00 11.89  ? 29  VAL A CG1 1 
ATOM   204  C CG2 . VAL A 1 29  ? 2.892   -6.057  12.563  1.00 11.92  ? 29  VAL A CG2 1 
ATOM   205  N N   . ALA A 1 30  ? 1.239   -8.900  9.284   1.00 17.45  ? 30  ALA A N   1 
ATOM   206  C CA  . ALA A 1 30  ? 1.368   -9.671  8.067   1.00 18.67  ? 30  ALA A CA  1 
ATOM   207  C C   . ALA A 1 30  ? 2.149   -8.823  7.029   1.00 28.95  ? 30  ALA A C   1 
ATOM   208  O O   . ALA A 1 30  ? 1.712   -7.676  6.808   1.00 17.03  ? 30  ALA A O   1 
ATOM   209  C CB  . ALA A 1 30  ? 0.146   -9.997  7.215   1.00 5.46   ? 30  ALA A CB  1 
ATOM   210  N N   . GLU A 1 31  ? 3.129   -9.449  6.426   1.00 14.35  ? 31  GLU A N   1 
ATOM   211  C CA  . GLU A 1 31  ? 3.962   -8.722  5.435   1.00 19.24  ? 31  GLU A CA  1 
ATOM   212  C C   . GLU A 1 31  ? 4.055   -9.354  4.070   1.00 4.85   ? 31  GLU A C   1 
ATOM   213  O O   . GLU A 1 31  ? 4.135   -10.652 3.831   1.00 11.90  ? 31  GLU A O   1 
ATOM   214  C CB  . GLU A 1 31  ? 5.350   -8.925  6.044   1.00 24.26  ? 31  GLU A CB  1 
ATOM   215  C CG  . GLU A 1 31  ? 6.464   -7.902  6.085   1.00 33.40  ? 31  GLU A CG  1 
ATOM   216  C CD  . GLU A 1 31  ? 7.491   -8.352  5.091   1.00 27.86  ? 31  GLU A CD  1 
ATOM   217  O OE1 . GLU A 1 31  ? 6.901   -8.271  3.982   1.00 42.87  ? 31  GLU A OE1 1 
ATOM   218  O OE2 . GLU A 1 31  ? 8.615   -8.792  5.243   1.00 49.90  ? 31  GLU A OE2 1 
ATOM   219  N N   . TRP A 1 32  ? 3.917   -8.545  3.036   1.00 17.84  ? 32  TRP A N   1 
ATOM   220  C CA  . TRP A 1 32  ? 4.028   -8.997  1.639   1.00 10.24  ? 32  TRP A CA  1 
ATOM   221  C C   . TRP A 1 32  ? 5.267   -8.300  1.044   1.00 29.20  ? 32  TRP A C   1 
ATOM   222  O O   . TRP A 1 32  ? 5.458   -7.158  1.513   1.00 15.02  ? 32  TRP A O   1 
ATOM   223  C CB  . TRP A 1 32  ? 2.847   -8.689  0.822   1.00 20.54  ? 32  TRP A CB  1 
ATOM   224  C CG  . TRP A 1 32  ? 1.530   -9.306  1.033   1.00 19.52  ? 32  TRP A CG  1 
ATOM   225  C CD1 . TRP A 1 32  ? 0.951   -10.238 0.249   1.00 9.51   ? 32  TRP A CD1 1 
ATOM   226  C CD2 . TRP A 1 32  ? 0.576   -8.938  2.058   1.00 13.90  ? 32  TRP A CD2 1 
ATOM   227  N NE1 . TRP A 1 32  ? -0.343  -10.473 0.749   1.00 21.86  ? 32  TRP A NE1 1 
ATOM   228  C CE2 . TRP A 1 32  ? -0.582  -9.669  1.821   1.00 8.91   ? 32  TRP A CE2 1 
ATOM   229  C CE3 . TRP A 1 32  ? 0.649   -8.047  3.142   1.00 10.97  ? 32  TRP A CE3 1 
ATOM   230  C CZ2 . TRP A 1 32  ? -1.669  -9.536  2.675   1.00 7.58   ? 32  TRP A CZ2 1 
ATOM   231  C CZ3 . TRP A 1 32  ? -0.457  -7.886  3.920   1.00 15.73  ? 32  TRP A CZ3 1 
ATOM   232  C CH2 . TRP A 1 32  ? -1.617  -8.652  3.701   1.00 20.42  ? 32  TRP A CH2 1 
ATOM   233  N N   . ILE A 1 33  ? 5.972   -8.954  0.142   1.00 18.95  ? 33  ILE A N   1 
ATOM   234  C CA  . ILE A 1 33  ? 7.139   -8.392  -0.529  1.00 21.53  ? 33  ILE A CA  1 
ATOM   235  C C   . ILE A 1 33  ? 7.114   -8.855  -2.002  1.00 19.33  ? 33  ILE A C   1 
ATOM   236  O O   . ILE A 1 33  ? 6.474   -9.863  -2.270  1.00 33.60  ? 33  ILE A O   1 
ATOM   237  C CB  . ILE A 1 33  ? 8.568   -8.708  0.028   1.00 5.61   ? 33  ILE A CB  1 
ATOM   238  C CG1 . ILE A 1 33  ? 8.855   -10.219 -0.146  1.00 17.54  ? 33  ILE A CG1 1 
ATOM   239  C CG2 . ILE A 1 33  ? 8.903   -8.280  1.510   1.00 11.04  ? 33  ILE A CG2 1 
ATOM   240  C CD1 . ILE A 1 33  ? 10.246  -10.596 0.489   1.00 27.72  ? 33  ILE A CD1 1 
ATOM   241  N N   . SER A 1 34  ? 7.835   -8.200  -2.882  1.00 32.46  ? 34  SER A N   1 
ATOM   242  C CA  . SER A 1 34  ? 7.990   -8.465  -4.310  1.00 20.03  ? 34  SER A CA  1 
ATOM   243  C C   . SER A 1 34  ? 9.360   -9.034  -4.622  1.00 20.35  ? 34  SER A C   1 
ATOM   244  O O   . SER A 1 34  ? 10.084  -9.152  -3.602  1.00 27.87  ? 34  SER A O   1 
ATOM   245  C CB  . SER A 1 34  ? 7.663   -7.210  -5.156  1.00 23.30  ? 34  SER A CB  1 
ATOM   246  O OG  . SER A 1 34  ? 8.628   -6.203  -4.937  1.00 19.97  ? 34  SER A OG  1 
ATOM   247  N N   . SER A 1 35  ? 9.842   -9.248  -5.809  1.00 67.10  ? 35  SER A N   1 
ATOM   248  C CA  . SER A 1 35  ? 11.208  -9.721  -6.156  1.00 24.28  ? 35  SER A CA  1 
ATOM   249  C C   . SER A 1 35  ? 12.225  -8.699  -5.675  1.00 62.24  ? 35  SER A C   1 
ATOM   250  O O   . SER A 1 35  ? 13.058  -7.998  -6.233  1.00 57.96  ? 35  SER A O   1 
ATOM   251  C CB  . SER A 1 35  ? 11.299  -9.897  -7.661  1.00 66.27  ? 35  SER A CB  1 
ATOM   252  O OG  . SER A 1 35  ? 11.993  -10.968 -8.242  1.00 38.92  ? 35  SER A OG  1 
ATOM   253  N N   . ASN A 1 36  ? 12.153  -8.594  -4.385  1.00 75.84  ? 36  ASN A N   1 
ATOM   254  C CA  . ASN A 1 36  ? 12.770  -7.817  -3.356  1.00 84.21  ? 36  ASN A CA  1 
ATOM   255  C C   . ASN A 1 36  ? 14.257  -7.505  -3.280  1.00 81.85  ? 36  ASN A C   1 
ATOM   256  O O   . ASN A 1 36  ? 15.298  -8.149  -3.262  1.00 58.76  ? 36  ASN A O   1 
ATOM   257  C CB  . ASN A 1 36  ? 12.191  -8.446  -2.068  1.00 16.24  ? 36  ASN A CB  1 
ATOM   258  C CG  . ASN A 1 36  ? 12.669  -9.846  -1.754  1.00 59.01  ? 36  ASN A CG  1 
ATOM   259  O OD1 . ASN A 1 36  ? 12.173  -10.810 -2.368  1.00 51.12  ? 36  ASN A OD1 1 
ATOM   260  N ND2 . ASN A 1 36  ? 13.593  -9.959  -0.796  1.00 49.96  ? 36  ASN A ND2 1 
ATOM   261  N N   . SER A 1 37  ? 14.398  -6.194  -3.192  1.00 69.06  ? 37  SER A N   1 
ATOM   262  C CA  . SER A 1 37  ? 15.458  -5.251  -2.976  1.00 76.19  ? 37  SER A CA  1 
ATOM   263  C C   . SER A 1 37  ? 16.578  -4.815  -3.881  1.00 104.15 ? 37  SER A C   1 
ATOM   264  O O   . SER A 1 37  ? 17.512  -4.156  -3.352  1.00 113.31 ? 37  SER A O   1 
ATOM   265  C CB  . SER A 1 37  ? 15.936  -5.742  -1.587  1.00 31.61  ? 37  SER A CB  1 
ATOM   266  O OG  . SER A 1 37  ? 15.699  -4.713  -0.616  1.00 61.55  ? 37  SER A OG  1 
ATOM   267  N N   . ARG A 1 38  ? 16.499  -5.071  -5.170  1.00 101.56 ? 38  ARG A N   1 
ATOM   268  C CA  . ARG A 1 38  ? 17.570  -4.631  -6.104  1.00 87.34  ? 38  ARG A CA  1 
ATOM   269  C C   . ARG A 1 38  ? 16.836  -3.783  -7.125  1.00 58.71  ? 38  ARG A C   1 
ATOM   270  O O   . ARG A 1 38  ? 16.281  -4.248  -8.129  1.00 57.74  ? 38  ARG A O   1 
ATOM   271  C CB  . ARG A 1 38  ? 18.385  -5.829  -6.566  1.00 81.31  ? 38  ARG A CB  1 
ATOM   272  C CG  . ARG A 1 38  ? 19.417  -6.332  -5.560  1.00 83.52  ? 38  ARG A CG  1 
ATOM   273  C CD  . ARG A 1 38  ? 20.080  -7.631  -5.873  1.00 32.38  ? 38  ARG A CD  1 
ATOM   274  N NE  . ARG A 1 38  ? 20.475  -7.739  -7.264  1.00 81.96  ? 38  ARG A NE  1 
ATOM   275  C CZ  . ARG A 1 38  ? 20.102  -8.366  -8.364  1.00 45.36  ? 38  ARG A CZ  1 
ATOM   276  N NH1 . ARG A 1 38  ? 19.049  -9.169  -8.500  1.00 70.86  ? 38  ARG A NH1 1 
ATOM   277  N NH2 . ARG A 1 38  ? 20.858  -8.246  -9.474  1.00 56.23  ? 38  ARG A NH2 1 
ATOM   278  N N   . SER A 1 39  ? 16.801  -2.496  -6.805  1.00 87.79  ? 39  SER A N   1 
ATOM   279  C CA  . SER A 1 39  ? 16.105  -1.445  -7.578  1.00 88.07  ? 39  SER A CA  1 
ATOM   280  C C   . SER A 1 39  ? 14.618  -1.867  -7.549  1.00 66.23  ? 39  SER A C   1 
ATOM   281  O O   . SER A 1 39  ? 13.693  -1.474  -8.276  1.00 42.38  ? 39  SER A O   1 
ATOM   282  C CB  . SER A 1 39  ? 16.613  -1.179  -8.978  1.00 84.29  ? 39  SER A CB  1 
ATOM   283  O OG  . SER A 1 39  ? 17.295  0.069   -9.045  1.00 40.02  ? 39  SER A OG  1 
ATOM   284  N N   . GLN A 1 40  ? 14.463  -2.767  -6.587  1.00 31.33  ? 40  GLN A N   1 
ATOM   285  C CA  . GLN A 1 40  ? 13.157  -3.395  -6.310  1.00 76.51  ? 40  GLN A CA  1 
ATOM   286  C C   . GLN A 1 40  ? 12.563  -3.147  -4.928  1.00 27.60  ? 40  GLN A C   1 
ATOM   287  O O   . GLN A 1 40  ? 12.567  -2.026  -4.403  1.00 93.58  ? 40  GLN A O   1 
ATOM   288  C CB  . GLN A 1 40  ? 13.238  -4.916  -6.580  1.00 57.29  ? 40  GLN A CB  1 
ATOM   289  C CG  . GLN A 1 40  ? 12.064  -5.230  -7.483  1.00 52.54  ? 40  GLN A CG  1 
ATOM   290  C CD  . GLN A 1 40  ? 10.770  -5.557  -6.830  1.00 70.48  ? 40  GLN A CD  1 
ATOM   291  O OE1 . GLN A 1 40  ? 10.743  -6.161  -5.763  1.00 89.45  ? 40  GLN A OE1 1 
ATOM   292  N NE2 . GLN A 1 40  ? 9.735   -5.127  -7.531  1.00 56.66  ? 40  GLN A NE2 1 
ATOM   293  N N   . ALA A 1 41  ? 12.049  -4.225  -4.403  1.00 51.59  ? 41  ALA A N   1 
ATOM   294  C CA  . ALA A 1 41  ? 11.404  -4.282  -3.116  1.00 44.66  ? 41  ALA A CA  1 
ATOM   295  C C   . ALA A 1 41  ? 10.191  -3.381  -2.961  1.00 15.59  ? 41  ALA A C   1 
ATOM   296  O O   . ALA A 1 41  ? 10.286  -2.238  -2.425  1.00 30.62  ? 41  ALA A O   1 
ATOM   297  C CB  . ALA A 1 41  ? 12.445  -3.987  -2.029  1.00 46.61  ? 41  ALA A CB  1 
ATOM   298  N N   . TYR A 1 42  ? 9.040   -3.934  -3.353  1.00 31.56  ? 42  TYR A N   1 
ATOM   299  C CA  . TYR A 1 42  ? 7.738   -3.278  -3.077  1.00 17.19  ? 42  TYR A CA  1 
ATOM   300  C C   . TYR A 1 42  ? 7.477   -4.026  -1.753  1.00 27.54  ? 42  TYR A C   1 
ATOM   301  O O   . TYR A 1 42  ? 7.811   -5.234  -1.693  1.00 24.76  ? 42  TYR A O   1 
ATOM   302  C CB  . TYR A 1 42  ? 6.589   -3.236  -4.020  1.00 17.98  ? 42  TYR A CB  1 
ATOM   303  C CG  . TYR A 1 42  ? 6.890   -2.651  -5.393  1.00 41.50  ? 42  TYR A CG  1 
ATOM   304  C CD1 . TYR A 1 42  ? 7.937   -3.086  -6.210  1.00 34.36  ? 42  TYR A CD1 1 
ATOM   305  C CD2 . TYR A 1 42  ? 6.076   -1.631  -5.885  1.00 29.06  ? 42  TYR A CD2 1 
ATOM   306  C CE1 . TYR A 1 42  ? 8.142   -2.555  -7.479  1.00 25.39  ? 42  TYR A CE1 1 
ATOM   307  C CE2 . TYR A 1 42  ? 6.256   -1.071  -7.152  1.00 13.60  ? 42  TYR A CE2 1 
ATOM   308  C CZ  . TYR A 1 42  ? 7.334   -1.509  -7.925  1.00 42.37  ? 42  TYR A CZ  1 
ATOM   309  O OH  . TYR A 1 42  ? 7.506   -0.909  -9.173  1.00 32.39  ? 42  TYR A OH  1 
ATOM   310  N N   . LYS A 1 43  ? 7.037   -3.300  -0.744  1.00 33.08  ? 43  LYS A N   1 
ATOM   311  C CA  . LYS A 1 43  ? 6.743   -3.956  0.549   1.00 17.92  ? 43  LYS A CA  1 
ATOM   312  C C   . LYS A 1 43  ? 5.392   -3.471  1.064   1.00 33.58  ? 43  LYS A C   1 
ATOM   313  O O   . LYS A 1 43  ? 5.155   -2.266  1.069   1.00 16.11  ? 43  LYS A O   1 
ATOM   314  C CB  . LYS A 1 43  ? 7.808   -3.812  1.622   1.00 42.54  ? 43  LYS A CB  1 
ATOM   315  C CG  . LYS A 1 43  ? 7.494   -4.814  2.778   1.00 28.38  ? 43  LYS A CG  1 
ATOM   316  C CD  . LYS A 1 43  ? 8.348   -4.374  3.929   1.00 23.41  ? 43  LYS A CD  1 
ATOM   317  C CE  . LYS A 1 43  ? 9.818   -4.602  3.794   1.00 27.44  ? 43  LYS A CE  1 
ATOM   318  N NZ  . LYS A 1 43  ? 10.603  -4.498  2.573   1.00 34.96  ? 43  LYS A NZ  1 
ATOM   319  N N   . VAL A 1 44  ? 4.560   -4.374  1.538   1.00 12.40  ? 44  VAL A N   1 
ATOM   320  C CA  . VAL A 1 44  ? 3.224   -4.098  2.077   1.00 3.18   ? 44  VAL A CA  1 
ATOM   321  C C   . VAL A 1 44  ? 3.156   -4.757  3.466   1.00 17.15  ? 44  VAL A C   1 
ATOM   322  O O   . VAL A 1 44  ? 3.566   -5.885  3.713   1.00 11.25  ? 44  VAL A O   1 
ATOM   323  C CB  . VAL A 1 44  ? 2.110   -4.469  1.159   1.00 4.39   ? 44  VAL A CB  1 
ATOM   324  C CG1 . VAL A 1 44  ? 0.686   -4.262  1.702   1.00 18.24  ? 44  VAL A CG1 1 
ATOM   325  C CG2 . VAL A 1 44  ? 2.046   -4.028  -0.332  1.00 9.89   ? 44  VAL A CG2 1 
ATOM   326  N N   . THR A 1 45  ? 2.613   -4.066  4.410   1.00 6.40   ? 45  THR A N   1 
ATOM   327  C CA  . THR A 1 45  ? 2.450   -4.485  5.811   1.00 10.72  ? 45  THR A CA  1 
ATOM   328  C C   . THR A 1 45  ? 0.986   -4.293  6.157   1.00 15.52  ? 45  THR A C   1 
ATOM   329  O O   . THR A 1 45  ? 0.435   -3.257  5.746   1.00 14.49  ? 45  THR A O   1 
ATOM   330  C CB  . THR A 1 45  ? 3.399   -3.478  6.608   1.00 9.56   ? 45  THR A CB  1 
ATOM   331  O OG1 . THR A 1 45  ? 4.668   -4.331  6.530   1.00 30.56  ? 45  THR A OG1 1 
ATOM   332  C CG2 . THR A 1 45  ? 3.184   -2.990  7.981   1.00 42.65  ? 45  THR A CG2 1 
ATOM   333  N N   . CYS A 1 46  ? 0.409   -5.212  6.910   1.00 12.39  ? 46  CYS A N   1 
ATOM   334  C CA  . CYS A 1 46  ? -0.994  -4.985  7.410   1.00 9.64   ? 46  CYS A CA  1 
ATOM   335  C C   . CYS A 1 46  ? -1.166  -5.604  8.790   1.00 25.46  ? 46  CYS A C   1 
ATOM   336  O O   . CYS A 1 46  ? -0.923  -6.813  8.789   1.00 13.25  ? 46  CYS A O   1 
ATOM   337  C CB  . CYS A 1 46  ? -2.128  -5.484  6.533   1.00 2.00   ? 46  CYS A CB  1 
ATOM   338  S SG  . CYS A 1 46  ? -3.756  -5.094  7.150   1.00 17.40  ? 46  CYS A SG  1 
ATOM   339  N N   . SER A 1 47  ? -1.539  -4.797  9.747   1.00 19.14  ? 47  SER A N   1 
ATOM   340  C CA  . SER A 1 47  ? -1.891  -5.276  11.075  1.00 21.30  ? 47  SER A CA  1 
ATOM   341  C C   . SER A 1 47  ? -3.300  -4.766  11.437  1.00 12.96  ? 47  SER A C   1 
ATOM   342  O O   . SER A 1 47  ? -3.938  -3.788  10.932  1.00 14.73  ? 47  SER A O   1 
ATOM   343  C CB  . SER A 1 47  ? -0.986  -4.991  12.209  1.00 2.59   ? 47  SER A CB  1 
ATOM   344  O OG  . SER A 1 47  ? -1.144  -3.619  12.648  1.00 30.69  ? 47  SER A OG  1 
ATOM   345  N N   . VAL A 1 48  ? -3.879  -5.507  12.401  1.00 24.65  ? 48  VAL A N   1 
ATOM   346  C CA  . VAL A 1 48  ? -5.186  -5.158  12.960  1.00 3.84   ? 48  VAL A CA  1 
ATOM   347  C C   . VAL A 1 48  ? -5.178  -5.238  14.506  1.00 21.52  ? 48  VAL A C   1 
ATOM   348  O O   . VAL A 1 48  ? -4.553  -6.102  15.123  1.00 24.23  ? 48  VAL A O   1 
ATOM   349  C CB  . VAL A 1 48  ? -6.394  -5.912  12.482  1.00 21.44  ? 48  VAL A CB  1 
ATOM   350  C CG1 . VAL A 1 48  ? -7.503  -4.793  12.536  1.00 19.83  ? 48  VAL A CG1 1 
ATOM   351  C CG2 . VAL A 1 48  ? -6.431  -6.623  11.194  1.00 30.80  ? 48  VAL A CG2 1 
ATOM   352  N N   . ARG A 1 49  ? -5.849  -4.300  15.090  1.00 25.15  ? 49  ARG A N   1 
ATOM   353  C CA  . ARG A 1 49  ? -5.970  -4.219  16.533  1.00 19.52  ? 49  ARG A CA  1 
ATOM   354  C C   . ARG A 1 49  ? -7.112  -3.326  16.923  1.00 26.49  ? 49  ARG A C   1 
ATOM   355  O O   . ARG A 1 49  ? -7.658  -2.395  16.357  1.00 13.85  ? 49  ARG A O   1 
ATOM   356  C CB  . ARG A 1 49  ? -4.640  -3.937  17.226  1.00 25.12  ? 49  ARG A CB  1 
ATOM   357  C CG  . ARG A 1 49  ? -4.711  -2.638  18.012  1.00 12.94  ? 49  ARG A CG  1 
ATOM   358  C CD  . ARG A 1 49  ? -3.319  -2.606  18.667  1.00 36.97  ? 49  ARG A CD  1 
ATOM   359  N NE  . ARG A 1 49  ? -3.397  -1.701  19.835  1.00 45.86  ? 49  ARG A NE  1 
ATOM   360  C CZ  . ARG A 1 49  ? -3.632  -0.387  19.581  1.00 60.12  ? 49  ARG A CZ  1 
ATOM   361  N NH1 . ARG A 1 49  ? -3.388  -0.066  18.305  1.00 28.31  ? 49  ARG A NH1 1 
ATOM   362  N NH2 . ARG A 1 49  ? -4.155  0.414   20.530  1.00 22.21  ? 49  ARG A NH2 1 
ATOM   363  N N   . GLN A 1 50  ? -7.577  -3.715  18.090  1.00 31.89  ? 50  GLN A N   1 
ATOM   364  C CA  . GLN A 1 50  ? -8.646  -3.162  18.875  1.00 19.00  ? 50  GLN A CA  1 
ATOM   365  C C   . GLN A 1 50  ? -7.954  -1.960  19.490  1.00 12.69  ? 50  GLN A C   1 
ATOM   366  O O   . GLN A 1 50  ? -7.058  -2.180  20.285  1.00 31.72  ? 50  GLN A O   1 
ATOM   367  C CB  . GLN A 1 50  ? -9.043  -4.178  19.961  1.00 39.04  ? 50  GLN A CB  1 
ATOM   368  C CG  . GLN A 1 50  ? -8.062  -5.242  20.294  1.00 53.75  ? 50  GLN A CG  1 
ATOM   369  C CD  . GLN A 1 50  ? -6.574  -5.179  20.391  1.00 78.59  ? 50  GLN A CD  1 
ATOM   370  O OE1 . GLN A 1 50  ? -5.931  -5.954  19.660  1.00 42.96  ? 50  GLN A OE1 1 
ATOM   371  N NE2 . GLN A 1 50  ? -5.930  -4.350  21.219  1.00 60.89  ? 50  GLN A NE2 1 
ATOM   372  N N   . SER A 1 51  ? -8.425  -0.784  19.119  1.00 45.80  ? 51  SER A N   1 
ATOM   373  C CA  . SER A 1 51  ? -7.751  0.447   19.655  1.00 20.70  ? 51  SER A CA  1 
ATOM   374  C C   . SER A 1 51  ? -8.507  0.755   20.932  1.00 29.42  ? 51  SER A C   1 
ATOM   375  O O   . SER A 1 51  ? -8.652  -0.288  21.631  1.00 101.82 ? 51  SER A O   1 
ATOM   376  C CB  . SER A 1 51  ? -7.568  1.338   18.460  1.00 22.89  ? 51  SER A CB  1 
ATOM   377  O OG  . SER A 1 51  ? -8.793  1.626   17.808  1.00 42.87  ? 51  SER A OG  1 
ATOM   378  N N   . SER A 1 52  ? -8.934  1.918   21.314  1.00 32.11  ? 52  SER A N   1 
ATOM   379  C CA  . SER A 1 52  ? -9.715  2.113   22.550  1.00 57.45  ? 52  SER A CA  1 
ATOM   380  C C   . SER A 1 52  ? -10.967 1.365   22.046  1.00 39.89  ? 52  SER A C   1 
ATOM   381  O O   . SER A 1 52  ? -11.767 1.981   21.299  1.00 33.74  ? 52  SER A O   1 
ATOM   382  C CB  . SER A 1 52  ? -10.099 3.472   23.048  1.00 73.38  ? 52  SER A CB  1 
ATOM   383  O OG  . SER A 1 52  ? -11.035 4.156   22.227  1.00 75.89  ? 52  SER A OG  1 
ATOM   384  N N   . ALA A 1 53  ? -10.974 0.089   22.444  1.00 32.06  ? 53  ALA A N   1 
ATOM   385  C CA  . ALA A 1 53  ? -12.013 -0.848  21.954  1.00 17.90  ? 53  ALA A CA  1 
ATOM   386  C C   . ALA A 1 53  ? -13.488 -0.613  22.235  1.00 52.46  ? 53  ALA A C   1 
ATOM   387  O O   . ALA A 1 53  ? -14.351 -0.854  23.048  1.00 32.03  ? 53  ALA A O   1 
ATOM   388  C CB  . ALA A 1 53  ? -11.596 -2.286  22.146  1.00 27.36  ? 53  ALA A CB  1 
ATOM   389  N N   . GLN A 1 54  ? -14.116 -0.036  21.257  1.00 39.63  ? 54  GLN A N   1 
ATOM   390  C CA  . GLN A 1 54  ? -15.292 0.544   20.676  1.00 38.67  ? 54  GLN A CA  1 
ATOM   391  C C   . GLN A 1 54  ? -15.038 0.425   19.146  1.00 19.06  ? 54  GLN A C   1 
ATOM   392  O O   . GLN A 1 54  ? -15.940 0.386   18.316  1.00 21.02  ? 54  GLN A O   1 
ATOM   393  C CB  . GLN A 1 54  ? -15.496 2.026   21.020  1.00 57.31  ? 54  GLN A CB  1 
ATOM   394  C CG  . GLN A 1 54  ? -16.929 2.461   21.212  1.00 98.62  ? 54  GLN A CG  1 
ATOM   395  C CD  . GLN A 1 54  ? -17.133 3.940   20.977  1.00 108.59 ? 54  GLN A CD  1 
ATOM   396  O OE1 . GLN A 1 54  ? -16.653 4.534   20.013  1.00 99.15  ? 54  GLN A OE1 1 
ATOM   397  N NE2 . GLN A 1 54  ? -17.880 4.536   21.909  1.00 109.23 ? 54  GLN A NE2 1 
ATOM   398  N N   . ASN A 1 55  ? -13.765 0.388   18.840  1.00 42.51  ? 55  ASN A N   1 
ATOM   399  C CA  . ASN A 1 55  ? -13.081 0.299   17.579  1.00 7.81   ? 55  ASN A CA  1 
ATOM   400  C C   . ASN A 1 55  ? -11.930 -0.689  17.482  1.00 15.02  ? 55  ASN A C   1 
ATOM   401  O O   . ASN A 1 55  ? -11.170 -1.108  18.348  1.00 11.10  ? 55  ASN A O   1 
ATOM   402  C CB  . ASN A 1 55  ? -12.285 1.603   17.402  1.00 14.24  ? 55  ASN A CB  1 
ATOM   403  C CG  . ASN A 1 55  ? -13.150 2.853   17.374  1.00 17.86  ? 55  ASN A CG  1 
ATOM   404  O OD1 . ASN A 1 55  ? -14.203 2.948   16.743  1.00 39.81  ? 55  ASN A OD1 1 
ATOM   405  N ND2 . ASN A 1 55  ? -12.569 3.772   18.108  1.00 25.65  ? 55  ASN A ND2 1 
ATOM   406  N N   . ARG A 1 56  ? -11.732 -1.058  16.249  1.00 10.06  ? 56  ARG A N   1 
ATOM   407  C CA  . ARG A 1 56  ? -10.760 -1.865  15.575  1.00 19.25  ? 56  ARG A CA  1 
ATOM   408  C C   . ARG A 1 56  ? -9.932  -0.881  14.687  1.00 25.36  ? 56  ARG A C   1 
ATOM   409  O O   . ARG A 1 56  ? -10.614 -0.002  14.137  1.00 20.85  ? 56  ARG A O   1 
ATOM   410  C CB  . ARG A 1 56  ? -11.493 -2.740  14.543  1.00 24.67  ? 56  ARG A CB  1 
ATOM   411  C CG  . ARG A 1 56  ? -10.868 -4.109  14.317  1.00 45.64  ? 56  ARG A CG  1 
ATOM   412  C CD  . ARG A 1 56  ? -11.853 -5.055  13.750  1.00 55.18  ? 56  ARG A CD  1 
ATOM   413  N NE  . ARG A 1 56  ? -12.711 -5.682  14.784  1.00 58.05  ? 56  ARG A NE  1 
ATOM   414  C CZ  . ARG A 1 56  ? -12.648 -7.029  14.843  1.00 74.50  ? 56  ARG A CZ  1 
ATOM   415  N NH1 . ARG A 1 56  ? -11.700 -7.771  14.246  1.00 68.73  ? 56  ARG A NH1 1 
ATOM   416  N NH2 . ARG A 1 56  ? -13.624 -7.722  15.420  1.00 27.33  ? 56  ARG A NH2 1 
ATOM   417  N N   . LYS A 1 57  ? -8.665  -1.152  14.497  1.00 23.15  ? 57  LYS A N   1 
ATOM   418  C CA  . LYS A 1 57  ? -7.811  -0.256  13.745  1.00 17.85  ? 57  LYS A CA  1 
ATOM   419  C C   . LYS A 1 57  ? -6.905  -0.939  12.818  1.00 9.76   ? 57  LYS A C   1 
ATOM   420  O O   . LYS A 1 57  ? -6.130  -1.784  13.261  1.00 19.01  ? 57  LYS A O   1 
ATOM   421  C CB  . LYS A 1 57  ? -7.033  0.601   14.757  1.00 26.37  ? 57  LYS A CB  1 
ATOM   422  C CG  . LYS A 1 57  ? -6.113  1.577   13.982  1.00 19.49  ? 57  LYS A CG  1 
ATOM   423  C CD  . LYS A 1 57  ? -5.308  2.327   15.019  1.00 13.61  ? 57  LYS A CD  1 
ATOM   424  C CE  . LYS A 1 57  ? -4.587  3.545   14.550  1.00 39.35  ? 57  LYS A CE  1 
ATOM   425  N NZ  . LYS A 1 57  ? -4.290  4.438   15.723  1.00 27.17  ? 57  LYS A NZ  1 
ATOM   426  N N   . TYR A 1 58  ? -7.071  -0.838  11.488  1.00 11.98  ? 58  TYR A N   1 
ATOM   427  C CA  . TYR A 1 58  ? -6.219  -1.460  10.537  1.00 2.90   ? 58  TYR A CA  1 
ATOM   428  C C   . TYR A 1 58  ? -5.058  -0.435  10.182  1.00 24.63  ? 58  TYR A C   1 
ATOM   429  O O   . TYR A 1 58  ? -5.305  0.731   9.799   1.00 11.15  ? 58  TYR A O   1 
ATOM   430  C CB  . TYR A 1 58  ? -6.837  -1.720  9.188   1.00 19.80  ? 58  TYR A CB  1 
ATOM   431  C CG  . TYR A 1 58  ? -8.036  -2.633  9.324   1.00 16.36  ? 58  TYR A CG  1 
ATOM   432  C CD1 . TYR A 1 58  ? -9.259  -2.372  9.890   1.00 14.51  ? 58  TYR A CD1 1 
ATOM   433  C CD2 . TYR A 1 58  ? -7.760  -3.908  8.788   1.00 8.83   ? 58  TYR A CD2 1 
ATOM   434  C CE1 . TYR A 1 58  ? -10.258 -3.380  9.914   1.00 16.85  ? 58  TYR A CE1 1 
ATOM   435  C CE2 . TYR A 1 58  ? -8.761  -4.932  8.789   1.00 12.06  ? 58  TYR A CE2 1 
ATOM   436  C CZ  . TYR A 1 58  ? -9.998  -4.628  9.355   1.00 4.32   ? 58  TYR A CZ  1 
ATOM   437  O OH  . TYR A 1 58  ? -10.865 -5.708  9.238   1.00 19.32  ? 58  TYR A OH  1 
ATOM   438  N N   . THR A 1 59  ? -3.872  -0.965  10.342  1.00 6.24   ? 59  THR A N   1 
ATOM   439  C CA  . THR A 1 59  ? -2.654  -0.149  10.039  1.00 5.50   ? 59  THR A CA  1 
ATOM   440  C C   . THR A 1 59  ? -2.001  -0.818  8.881   1.00 11.06  ? 59  THR A C   1 
ATOM   441  O O   . THR A 1 59  ? -1.382  -1.896  8.872   1.00 8.44   ? 59  THR A O   1 
ATOM   442  C CB  . THR A 1 59  ? -2.075  0.273   11.522  1.00 8.05   ? 59  THR A CB  1 
ATOM   443  O OG1 . THR A 1 59  ? -0.676  0.632   11.209  1.00 41.61  ? 59  THR A OG1 1 
ATOM   444  C CG2 . THR A 1 59  ? -2.192  -0.771  12.603  1.00 87.55  ? 59  THR A CG2 1 
ATOM   445  N N   . ILE A 1 60  ? -2.039  -0.143  7.707   1.00 8.24   ? 60  ILE A N   1 
ATOM   446  C CA  . ILE A 1 60  ? -1.404  -0.527  6.451   1.00 17.19  ? 60  ILE A CA  1 
ATOM   447  C C   . ILE A 1 60  ? -0.247  0.398   6.031   1.00 32.01  ? 60  ILE A C   1 
ATOM   448  O O   . ILE A 1 60  ? -0.299  1.655   6.002   1.00 8.03   ? 60  ILE A O   1 
ATOM   449  C CB  . ILE A 1 60  ? -2.585  -0.496  5.428   1.00 6.99   ? 60  ILE A CB  1 
ATOM   450  C CG1 . ILE A 1 60  ? -3.790  -1.378  5.931   1.00 10.48  ? 60  ILE A CG1 1 
ATOM   451  C CG2 . ILE A 1 60  ? -2.137  -0.790  3.960   1.00 16.63  ? 60  ILE A CG2 1 
ATOM   452  C CD1 . ILE A 1 60  ? -5.152  -0.859  5.505   1.00 19.20  ? 60  ILE A CD1 1 
ATOM   453  N N   . LYS A 1 61  ? 0.874   -0.236  5.744   1.00 13.82  ? 61  LYS A N   1 
ATOM   454  C CA  . LYS A 1 61  ? 2.108   0.457   5.287   1.00 7.96   ? 61  LYS A CA  1 
ATOM   455  C C   . LYS A 1 61  ? 2.431   -0.106  3.920   1.00 19.35  ? 61  LYS A C   1 
ATOM   456  O O   . LYS A 1 61  ? 2.190   -1.302  3.634   1.00 17.49  ? 61  LYS A O   1 
ATOM   457  C CB  . LYS A 1 61  ? 3.291   0.193   6.249   1.00 8.77   ? 61  LYS A CB  1 
ATOM   458  C CG  . LYS A 1 61  ? 3.037   0.860   7.627   1.00 13.98  ? 61  LYS A CG  1 
ATOM   459  C CD  . LYS A 1 61  ? 4.334   0.421   8.340   1.00 30.49  ? 61  LYS A CD  1 
ATOM   460  C CE  . LYS A 1 61  ? 4.543   1.261   9.578   1.00 44.80  ? 61  LYS A CE  1 
ATOM   461  N NZ  . LYS A 1 61  ? 3.213   1.643   10.107  1.00 17.95  ? 61  LYS A NZ  1 
ATOM   462  N N   . VAL A 1 62  ? 2.853   0.725   3.015   1.00 25.89  ? 62  VAL A N   1 
ATOM   463  C CA  . VAL A 1 62  ? 3.271   0.415   1.621   1.00 4.90   ? 62  VAL A CA  1 
ATOM   464  C C   . VAL A 1 62  ? 4.622   1.035   1.311   1.00 13.63  ? 62  VAL A C   1 
ATOM   465  O O   . VAL A 1 62  ? 4.640   2.253   1.584   1.00 10.11  ? 62  VAL A O   1 
ATOM   466  C CB  . VAL A 1 62  ? 2.191   0.726   0.620   1.00 19.50  ? 62  VAL A CB  1 
ATOM   467  C CG1 . VAL A 1 62  ? 2.693   0.283   -0.826  1.00 19.08  ? 62  VAL A CG1 1 
ATOM   468  C CG2 . VAL A 1 62  ? 0.814   0.020   0.714   1.00 16.46  ? 62  VAL A CG2 1 
ATOM   469  N N   . GLU A 1 63  ? 5.596   0.276   0.825   1.00 15.21  ? 63  GLU A N   1 
ATOM   470  C CA  . GLU A 1 63  ? 6.886   1.004   0.515   1.00 12.85  ? 63  GLU A CA  1 
ATOM   471  C C   . GLU A 1 63  ? 7.071   0.908   -0.994  1.00 40.57  ? 63  GLU A C   1 
ATOM   472  O O   . GLU A 1 63  ? 7.036   -0.257  -1.410  1.00 18.75  ? 63  GLU A O   1 
ATOM   473  C CB  . GLU A 1 63  ? 7.992   0.308   1.292   1.00 18.12  ? 63  GLU A CB  1 
ATOM   474  C CG  . GLU A 1 63  ? 8.615   0.946   2.504   1.00 41.15  ? 63  GLU A CG  1 
ATOM   475  C CD  . GLU A 1 63  ? 9.612   0.097   3.231   1.00 62.54  ? 63  GLU A CD  1 
ATOM   476  O OE1 . GLU A 1 63  ? 10.630  -0.179  2.555   1.00 25.04  ? 63  GLU A OE1 1 
ATOM   477  O OE2 . GLU A 1 63  ? 9.333   -0.221  4.375   1.00 67.02  ? 63  GLU A OE2 1 
ATOM   478  N N   . VAL A 1 64  ? 7.200   1.957   -1.770  1.00 23.87  ? 64  VAL A N   1 
ATOM   479  C CA  . VAL A 1 64  ? 7.301   1.889   -3.307  1.00 2.52   ? 64  VAL A CA  1 
ATOM   480  C C   . VAL A 1 64  ? 8.778   2.160   -3.546  1.00 46.48  ? 64  VAL A C   1 
ATOM   481  O O   . VAL A 1 64  ? 9.323   3.075   -2.915  1.00 37.72  ? 64  VAL A O   1 
ATOM   482  C CB  . VAL A 1 64  ? 6.086   2.649   -3.779  1.00 31.76  ? 64  VAL A CB  1 
ATOM   483  C CG1 . VAL A 1 64  ? 5.783   3.909   -3.005  1.00 35.58  ? 64  VAL A CG1 1 
ATOM   484  C CG2 . VAL A 1 64  ? 6.040   2.996   -5.283  1.00 35.88  ? 64  VAL A CG2 1 
ATOM   485  N N   . PRO A 1 65  ? 9.460   1.348   -4.346  1.00 37.33  ? 65  PRO A N   1 
ATOM   486  C CA  . PRO A 1 65  ? 10.892  1.402   -4.596  1.00 41.00  ? 65  PRO A CA  1 
ATOM   487  C C   . PRO A 1 65  ? 11.194  2.677   -5.369  1.00 44.23  ? 65  PRO A C   1 
ATOM   488  O O   . PRO A 1 65  ? 12.339  3.152   -5.491  1.00 77.99  ? 65  PRO A O   1 
ATOM   489  C CB  . PRO A 1 65  ? 11.199  0.302   -5.604  1.00 20.53  ? 65  PRO A CB  1 
ATOM   490  C CG  . PRO A 1 65  ? 9.951   -0.085  -6.187  1.00 10.95  ? 65  PRO A CG  1 
ATOM   491  C CD  . PRO A 1 65  ? 8.889   0.260   -5.144  1.00 14.68  ? 65  PRO A CD  1 
ATOM   492  N N   . LYS A 1 66  ? 10.076  3.155   -5.922  1.00 62.64  ? 66  LYS A N   1 
ATOM   493  C CA  . LYS A 1 66  ? 10.095  4.359   -6.795  1.00 73.43  ? 66  LYS A CA  1 
ATOM   494  C C   . LYS A 1 66  ? 10.910  3.892   -8.001  1.00 64.60  ? 66  LYS A C   1 
ATOM   495  O O   . LYS A 1 66  ? 12.034  3.364   -7.971  1.00 83.36  ? 66  LYS A O   1 
ATOM   496  C CB  . LYS A 1 66  ? 10.534  5.561   -5.993  1.00 102.03 ? 66  LYS A CB  1 
ATOM   497  C CG  . LYS A 1 66  ? 9.413   6.142   -5.086  1.00 45.78  ? 66  LYS A CG  1 
ATOM   498  C CD  . LYS A 1 66  ? 9.212   7.591   -5.476  1.00 44.40  ? 66  LYS A CD  1 
ATOM   499  C CE  . LYS A 1 66  ? 10.287  8.501   -4.936  1.00 73.19  ? 66  LYS A CE  1 
ATOM   500  N NZ  . LYS A 1 66  ? 11.551  8.699   -5.659  1.00 32.19  ? 66  LYS A NZ  1 
ATOM   501  N N   . VAL A 1 67  ? 10.436  4.032   -9.223  1.00 45.87  ? 67  VAL A N   1 
ATOM   502  C CA  . VAL A 1 67  ? 10.983  3.687   -10.527 1.00 61.65  ? 67  VAL A CA  1 
ATOM   503  C C   . VAL A 1 67  ? 12.183  4.639   -10.646 1.00 77.52  ? 67  VAL A C   1 
ATOM   504  O O   . VAL A 1 67  ? 12.874  4.954   -11.607 1.00 44.39  ? 67  VAL A O   1 
ATOM   505  C CB  . VAL A 1 67  ? 10.040  3.858   -11.718 1.00 49.08  ? 67  VAL A CB  1 
ATOM   506  C CG1 . VAL A 1 67  ? 9.569   5.279   -12.026 1.00 59.89  ? 67  VAL A CG1 1 
ATOM   507  C CG2 . VAL A 1 67  ? 10.581  3.217   -12.999 1.00 60.95  ? 67  VAL A CG2 1 
ATOM   508  N N   . ALA A 1 68  ? 12.454  5.178   -9.487  1.00 76.40  ? 68  ALA A N   1 
ATOM   509  C CA  . ALA A 1 68  ? 13.399  6.100   -8.966  1.00 53.01  ? 68  ALA A CA  1 
ATOM   510  C C   . ALA A 1 68  ? 14.515  5.354   -8.237  1.00 74.21  ? 68  ALA A C   1 
ATOM   511  O O   . ALA A 1 68  ? 14.280  4.430   -7.446  1.00 48.83  ? 68  ALA A O   1 
ATOM   512  C CB  . ALA A 1 68  ? 12.703  6.995   -7.944  1.00 75.73  ? 68  ALA A CB  1 
ATOM   513  N N   . THR A 1 69  ? 15.711  5.838   -8.507  1.00 80.66  ? 69  THR A N   1 
ATOM   514  C CA  . THR A 1 69  ? 16.973  5.357   -7.981  1.00 83.88  ? 69  THR A CA  1 
ATOM   515  C C   . THR A 1 69  ? 17.673  4.437   -8.982  1.00 111.12 ? 69  THR A C   1 
ATOM   516  O O   . THR A 1 69  ? 17.105  3.381   -9.296  1.00 112.81 ? 69  THR A O   1 
ATOM   517  C CB  . THR A 1 69  ? 16.884  4.529   -6.638  1.00 76.74  ? 69  THR A CB  1 
ATOM   518  O OG1 . THR A 1 69  ? 15.931  5.305   -5.844  1.00 129.90 ? 69  THR A OG1 1 
ATOM   519  C CG2 . THR A 1 69  ? 18.196  4.307   -5.898  1.00 53.84  ? 69  THR A CG2 1 
ATOM   520  N N   . GLN A 1 70  ? 18.854  4.853   -9.394  1.00 115.22 ? 70  GLN A N   1 
ATOM   521  C CA  . GLN A 1 70  ? 19.687  4.072   -10.323 1.00 83.91  ? 70  GLN A CA  1 
ATOM   522  C C   . GLN A 1 70  ? 19.275  4.250   -11.772 1.00 99.19  ? 70  GLN A C   1 
ATOM   523  O O   . GLN A 1 70  ? 20.102  4.121   -12.688 1.00 109.25 ? 70  GLN A O   1 
ATOM   524  C CB  . GLN A 1 70  ? 19.713  2.612   -9.871  1.00 105.33 ? 70  GLN A CB  1 
ATOM   525  C CG  . GLN A 1 70  ? 20.546  1.614   -10.625 1.00 102.52 ? 70  GLN A CG  1 
ATOM   526  C CD  . GLN A 1 70  ? 19.734  0.591   -11.371 1.00 102.01 ? 70  GLN A CD  1 
ATOM   527  O OE1 . GLN A 1 70  ? 19.920  -0.615  -11.256 1.00 132.48 ? 70  GLN A OE1 1 
ATOM   528  N NE2 . GLN A 1 70  ? 18.793  1.057   -12.180 1.00 94.51  ? 70  GLN A NE2 1 
ATOM   529  N N   . THR A 1 71  ? 18.007  4.538   -11.968 1.00 110.10 ? 71  THR A N   1 
ATOM   530  C CA  . THR A 1 71  ? 17.368  4.734   -13.264 1.00 86.98  ? 71  THR A CA  1 
ATOM   531  C C   . THR A 1 71  ? 17.610  6.149   -13.764 1.00 65.89  ? 71  THR A C   1 
ATOM   532  O O   . THR A 1 71  ? 16.771  6.609   -14.562 1.00 110.34 ? 71  THR A O   1 
ATOM   533  C CB  . THR A 1 71  ? 15.783  4.605   -13.192 1.00 91.20  ? 71  THR A CB  1 
ATOM   534  O OG1 . THR A 1 71  ? 15.448  5.509   -12.071 1.00 68.56  ? 71  THR A OG1 1 
ATOM   535  C CG2 . THR A 1 71  ? 15.284  3.161   -13.196 1.00 50.16  ? 71  THR A CG2 1 
ATOM   536  N N   . VAL A 1 72  ? 18.675  6.753   -13.273 1.00 85.76  ? 72  VAL A N   1 
ATOM   537  C CA  . VAL A 1 72  ? 18.999  8.120   -13.725 1.00 93.13  ? 72  VAL A CA  1 
ATOM   538  C C   . VAL A 1 72  ? 20.511  8.229   -13.984 1.00 83.93  ? 72  VAL A C   1 
ATOM   539  O O   . VAL A 1 72  ? 21.008  7.644   -14.978 1.00 75.16  ? 72  VAL A O   1 
ATOM   540  C CB  . VAL A 1 72  ? 18.358  9.263   -12.929 1.00 75.32  ? 72  VAL A CB  1 
ATOM   541  C CG1 . VAL A 1 72  ? 16.966  9.594   -13.460 1.00 58.07  ? 72  VAL A CG1 1 
ATOM   542  C CG2 . VAL A 1 72  ? 18.308  9.046   -11.426 1.00 104.97 ? 72  VAL A CG2 1 
ATOM   543  N N   . GLY A 1 73  ? 21.160  8.965   -13.097 1.00 53.97  ? 73  GLY A N   1 
ATOM   544  C CA  . GLY A 1 73  ? 22.587  9.206   -13.224 1.00 89.40  ? 73  GLY A CA  1 
ATOM   545  C C   . GLY A 1 73  ? 23.486  8.868   -12.052 1.00 89.53  ? 73  GLY A C   1 
ATOM   546  O O   . GLY A 1 73  ? 23.144  8.968   -10.874 1.00 95.43  ? 73  GLY A O   1 
ATOM   547  N N   . GLY A 1 74  ? 24.700  8.487   -12.432 1.00 102.42 ? 74  GLY A N   1 
ATOM   548  C CA  . GLY A 1 74  ? 25.801  8.126   -11.532 1.00 84.42  ? 74  GLY A CA  1 
ATOM   549  C C   . GLY A 1 74  ? 25.284  7.109   -10.518 1.00 84.26  ? 74  GLY A C   1 
ATOM   550  O O   . GLY A 1 74  ? 24.472  6.260   -10.900 1.00 67.38  ? 74  GLY A O   1 
ATOM   551  N N   . VAL A 1 75  ? 25.758  7.258   -9.299  1.00 84.02  ? 75  VAL A N   1 
ATOM   552  C CA  . VAL A 1 75  ? 25.402  6.409   -8.157  1.00 21.68  ? 75  VAL A CA  1 
ATOM   553  C C   . VAL A 1 75  ? 25.037  5.021   -8.718  1.00 53.44  ? 75  VAL A C   1 
ATOM   554  O O   . VAL A 1 75  ? 23.834  4.715   -8.895  1.00 67.15  ? 75  VAL A O   1 
ATOM   555  C CB  . VAL A 1 75  ? 24.345  6.983   -7.236  1.00 50.90  ? 75  VAL A CB  1 
ATOM   556  C CG1 . VAL A 1 75  ? 24.003  5.977   -6.111  1.00 36.20  ? 75  VAL A CG1 1 
ATOM   557  C CG2 . VAL A 1 75  ? 24.726  8.362   -6.714  1.00 85.73  ? 75  VAL A CG2 1 
ATOM   558  N N   . GLU A 1 76  ? 26.111  4.282   -8.971  1.00 44.03  ? 76  GLU A N   1 
ATOM   559  C CA  . GLU A 1 76  ? 25.925  2.907   -9.491  1.00 87.45  ? 76  GLU A CA  1 
ATOM   560  C C   . GLU A 1 76  ? 24.900  2.149   -8.630  1.00 100.80 ? 76  GLU A C   1 
ATOM   561  O O   . GLU A 1 76  ? 23.712  1.986   -8.939  1.00 67.18  ? 76  GLU A O   1 
ATOM   562  C CB  . GLU A 1 76  ? 27.166  2.013   -9.487  1.00 83.12  ? 76  GLU A CB  1 
ATOM   563  C CG  . GLU A 1 76  ? 26.993  0.630   -10.104 1.00 69.22  ? 76  GLU A CG  1 
ATOM   564  C CD  . GLU A 1 76  ? 28.058  -0.406  -9.943  1.00 95.10  ? 76  GLU A CD  1 
ATOM   565  O OE1 . GLU A 1 76  ? 29.080  -0.114  -9.276  1.00 49.54  ? 76  GLU A OE1 1 
ATOM   566  O OE2 . GLU A 1 76  ? 27.893  -1.507  -10.462 1.00 109.81 ? 76  GLU A OE2 1 
ATOM   567  N N   . LEU A 1 77  ? 25.439  1.704   -7.515  1.00 100.38 ? 77  LEU A N   1 
ATOM   568  C CA  . LEU A 1 77  ? 24.812  0.921   -6.467  1.00 111.01 ? 77  LEU A CA  1 
ATOM   569  C C   . LEU A 1 77  ? 23.934  1.742   -5.522  1.00 121.68 ? 77  LEU A C   1 
ATOM   570  O O   . LEU A 1 77  ? 24.443  2.403   -4.599  1.00 137.68 ? 77  LEU A O   1 
ATOM   571  C CB  . LEU A 1 77  ? 25.934  0.169   -5.741  1.00 94.79  ? 77  LEU A CB  1 
ATOM   572  C CG  . LEU A 1 77  ? 27.321  0.676   -5.417  1.00 113.40 ? 77  LEU A CG  1 
ATOM   573  C CD1 . LEU A 1 77  ? 28.376  0.221   -6.434  1.00 62.15  ? 77  LEU A CD1 1 
ATOM   574  C CD2 . LEU A 1 77  ? 27.409  2.199   -5.292  1.00 94.49  ? 77  LEU A CD2 1 
ATOM   575  N N   . PRO A 1 78  ? 22.632  1.654   -5.759  1.00 106.70 ? 78  PRO A N   1 
ATOM   576  C CA  . PRO A 1 78  ? 21.635  2.341   -4.940  1.00 109.97 ? 78  PRO A CA  1 
ATOM   577  C C   . PRO A 1 78  ? 21.723  1.831   -3.505  1.00 116.40 ? 78  PRO A C   1 
ATOM   578  O O   . PRO A 1 78  ? 22.705  1.250   -3.042  1.00 109.03 ? 78  PRO A O   1 
ATOM   579  C CB  . PRO A 1 78  ? 20.300  1.889   -5.537  1.00 106.61 ? 78  PRO A CB  1 
ATOM   580  C CG  . PRO A 1 78  ? 20.585  1.365   -6.910  1.00 107.46 ? 78  PRO A CG  1 
ATOM   581  C CD  . PRO A 1 78  ? 22.012  0.862   -6.838  1.00 118.13 ? 78  PRO A CD  1 
ATOM   582  N N   . VAL A 1 79  ? 20.644  2.011   -2.783  1.00 133.76 ? 79  VAL A N   1 
ATOM   583  C CA  . VAL A 1 79  ? 20.360  1.647   -1.414  1.00 145.85 ? 79  VAL A CA  1 
ATOM   584  C C   . VAL A 1 79  ? 19.560  2.816   -0.790  1.00 142.45 ? 79  VAL A C   1 
ATOM   585  O O   . VAL A 1 79  ? 20.020  3.967   -0.780  1.00 137.70 ? 79  VAL A O   1 
ATOM   586  C CB  . VAL A 1 79  ? 21.496  1.273   -0.439  1.00 152.24 ? 79  VAL A CB  1 
ATOM   587  C CG1 . VAL A 1 79  ? 22.101  -0.119  -0.625  1.00 143.09 ? 79  VAL A CG1 1 
ATOM   588  C CG2 . VAL A 1 79  ? 22.587  2.332   -0.313  1.00 139.49 ? 79  VAL A CG2 1 
ATOM   589  N N   . ALA A 1 80  ? 18.401  2.455   -0.272  1.00 135.16 ? 80  ALA A N   1 
ATOM   590  C CA  . ALA A 1 80  ? 17.503  3.404   0.399   1.00 112.83 ? 80  ALA A CA  1 
ATOM   591  C C   . ALA A 1 80  ? 16.806  4.273   -0.641  1.00 80.99  ? 80  ALA A C   1 
ATOM   592  O O   . ALA A 1 80  ? 16.122  5.255   -0.311  1.00 37.74  ? 80  ALA A O   1 
ATOM   593  C CB  . ALA A 1 80  ? 18.228  4.261   1.429   1.00 124.45 ? 80  ALA A CB  1 
ATOM   594  N N   . ALA A 1 81  ? 17.036  3.853   -1.860  1.00 67.54  ? 81  ALA A N   1 
ATOM   595  C CA  . ALA A 1 81  ? 16.520  4.373   -3.103  1.00 84.68  ? 81  ALA A CA  1 
ATOM   596  C C   . ALA A 1 81  ? 16.069  5.822   -3.116  1.00 105.46 ? 81  ALA A C   1 
ATOM   597  O O   . ALA A 1 81  ? 16.385  6.688   -3.940  1.00 143.21 ? 81  ALA A O   1 
ATOM   598  C CB  . ALA A 1 81  ? 15.302  3.511   -3.483  1.00 67.50  ? 81  ALA A CB  1 
ATOM   599  N N   . ARG A 1 82  ? 15.244  6.078   -2.148  1.00 95.46  ? 82  ARG A N   1 
ATOM   600  C CA  . ARG A 1 82  ? 14.582  7.332   -1.806  1.00 77.78  ? 82  ARG A CA  1 
ATOM   601  C C   . ARG A 1 82  ? 13.205  7.168   -2.471  1.00 53.46  ? 82  ARG A C   1 
ATOM   602  O O   . ARG A 1 82  ? 12.531  7.782   -3.291  1.00 48.60  ? 82  ARG A O   1 
ATOM   603  C CB  . ARG A 1 82  ? 15.423  8.550   -1.947  1.00 16.71  ? 82  ARG A CB  1 
ATOM   604  C CG  . ARG A 1 82  ? 15.043  9.636   -2.944  1.00 103.73 ? 82  ARG A CG  1 
ATOM   605  C CD  . ARG A 1 82  ? 14.138  10.627  -2.276  1.00 121.53 ? 82  ARG A CD  1 
ATOM   606  N NE  . ARG A 1 82  ? 14.538  12.008  -2.488  1.00 119.36 ? 82  ARG A NE  1 
ATOM   607  C CZ  . ARG A 1 82  ? 15.684  12.561  -2.089  1.00 105.22 ? 82  ARG A CZ  1 
ATOM   608  N NH1 . ARG A 1 82  ? 16.612  11.878  -1.432  1.00 71.44  ? 82  ARG A NH1 1 
ATOM   609  N NH2 . ARG A 1 82  ? 15.907  13.848  -2.359  1.00 118.88 ? 82  ARG A NH2 1 
ATOM   610  N N   . ARG A 1 83  ? 12.684  6.078   -1.948  1.00 40.27  ? 83  ARG A N   1 
ATOM   611  C CA  . ARG A 1 83  ? 11.366  5.450   -2.018  1.00 27.67  ? 83  ARG A CA  1 
ATOM   612  C C   . ARG A 1 83  ? 10.412  6.453   -1.307  1.00 26.89  ? 83  ARG A C   1 
ATOM   613  O O   . ARG A 1 83  ? 10.733  7.461   -0.656  1.00 22.19  ? 83  ARG A O   1 
ATOM   614  C CB  . ARG A 1 83  ? 11.404  4.205   -1.117  1.00 48.22  ? 83  ARG A CB  1 
ATOM   615  C CG  . ARG A 1 83  ? 12.600  3.304   -1.372  1.00 26.41  ? 83  ARG A CG  1 
ATOM   616  C CD  . ARG A 1 83  ? 12.978  2.496   -0.178  1.00 45.72  ? 83  ARG A CD  1 
ATOM   617  N NE  . ARG A 1 83  ? 12.218  1.273   -0.015  1.00 24.89  ? 83  ARG A NE  1 
ATOM   618  C CZ  . ARG A 1 83  ? 11.822  0.283   -0.795  1.00 36.86  ? 83  ARG A CZ  1 
ATOM   619  N NH1 . ARG A 1 83  ? 12.138  0.115   -2.072  1.00 26.64  ? 83  ARG A NH1 1 
ATOM   620  N NH2 . ARG A 1 83  ? 10.937  -0.584  -0.264  1.00 26.54  ? 83  ARG A NH2 1 
ATOM   621  N N   . SER A 1 84  ? 9.171   6.107   -1.395  1.00 12.89  ? 84  SER A N   1 
ATOM   622  C CA  . SER A 1 84  ? 7.980   6.723   -0.870  1.00 25.83  ? 84  SER A CA  1 
ATOM   623  C C   . SER A 1 84  ? 7.401   5.633   0.055   1.00 51.40  ? 84  SER A C   1 
ATOM   624  O O   . SER A 1 84  ? 7.730   4.423   -0.007  1.00 31.68  ? 84  SER A O   1 
ATOM   625  C CB  . SER A 1 84  ? 7.011   7.026   -2.005  1.00 26.52  ? 84  SER A CB  1 
ATOM   626  O OG  . SER A 1 84  ? 7.578   7.864   -3.003  1.00 53.88  ? 84  SER A OG  1 
ATOM   627  N N   . TYR A 1 85  ? 6.508   6.141   0.875   1.00 20.89  ? 85  TYR A N   1 
ATOM   628  C CA  . TYR A 1 85  ? 5.826   5.235   1.847   1.00 6.90   ? 85  TYR A CA  1 
ATOM   629  C C   . TYR A 1 85  ? 4.551   5.886   2.283   1.00 26.58  ? 85  TYR A C   1 
ATOM   630  O O   . TYR A 1 85  ? 4.420   7.100   2.397   1.00 18.81  ? 85  TYR A O   1 
ATOM   631  C CB  . TYR A 1 85  ? 6.734   4.970   3.043   1.00 24.80  ? 85  TYR A CB  1 
ATOM   632  C CG  . TYR A 1 85  ? 7.311   6.065   3.884   1.00 32.74  ? 85  TYR A CG  1 
ATOM   633  C CD1 . TYR A 1 85  ? 6.579   6.647   4.914   1.00 19.73  ? 85  TYR A CD1 1 
ATOM   634  C CD2 . TYR A 1 85  ? 8.617   6.529   3.654   1.00 24.03  ? 85  TYR A CD2 1 
ATOM   635  C CE1 . TYR A 1 85  ? 7.138   7.667   5.680   1.00 55.10  ? 85  TYR A CE1 1 
ATOM   636  C CE2 . TYR A 1 85  ? 9.194   7.549   4.423   1.00 29.09  ? 85  TYR A CE2 1 
ATOM   637  C CZ  . TYR A 1 85  ? 8.447   8.104   5.447   1.00 39.52  ? 85  TYR A CZ  1 
ATOM   638  O OH  . TYR A 1 85  ? 8.953   9.082   6.260   1.00 37.19  ? 85  TYR A OH  1 
ATOM   639  N N   . LEU A 1 86  ? 3.635   5.007   2.481   1.00 16.55  ? 86  LEU A N   1 
ATOM   640  C CA  . LEU A 1 86  ? 2.246   5.229   2.821   1.00 15.71  ? 86  LEU A CA  1 
ATOM   641  C C   . LEU A 1 86  ? 2.068   4.463   4.133   1.00 33.83  ? 86  LEU A C   1 
ATOM   642  O O   . LEU A 1 86  ? 2.501   3.349   4.296   1.00 9.04   ? 86  LEU A O   1 
ATOM   643  C CB  . LEU A 1 86  ? 1.421   4.645   1.695   1.00 12.76  ? 86  LEU A CB  1 
ATOM   644  C CG  . LEU A 1 86  ? -0.112  5.029   1.803   1.00 10.36  ? 86  LEU A CG  1 
ATOM   645  C CD1 . LEU A 1 86  ? -0.876  3.888   1.222   1.00 13.22  ? 86  LEU A CD1 1 
ATOM   646  C CD2 . LEU A 1 86  ? -0.706  5.464   3.109   1.00 37.61  ? 86  LEU A CD2 1 
ATOM   647  N N   . ASN A 1 87  ? 1.398   5.129   5.009   1.00 24.56  ? 87  ASN A N   1 
ATOM   648  C CA  . ASN A 1 87  ? 1.083   4.778   6.353   1.00 10.62  ? 87  ASN A CA  1 
ATOM   649  C C   . ASN A 1 87  ? -0.415  5.047   6.406   1.00 16.12  ? 87  ASN A C   1 
ATOM   650  O O   . ASN A 1 87  ? -0.827  6.167   6.631   1.00 22.26  ? 87  ASN A O   1 
ATOM   651  C CB  . ASN A 1 87  ? 2.026   5.506   7.321   1.00 7.49   ? 87  ASN A CB  1 
ATOM   652  C CG  . ASN A 1 87  ? 1.579   5.582   8.735   1.00 24.69  ? 87  ASN A CG  1 
ATOM   653  O OD1 . ASN A 1 87  ? 0.603   4.915   9.116   1.00 44.46  ? 87  ASN A OD1 1 
ATOM   654  N ND2 . ASN A 1 87  ? 2.360   6.315   9.506   1.00 46.56  ? 87  ASN A ND2 1 
ATOM   655  N N   . MET A 1 88  ? -1.195  3.977   6.224   1.00 7.31   ? 88  MET A N   1 
ATOM   656  C CA  . MET A 1 88  ? -2.675  4.264   6.354   1.00 5.30   ? 88  MET A CA  1 
ATOM   657  C C   . MET A 1 88  ? -3.204  3.620   7.648   1.00 16.97  ? 88  MET A C   1 
ATOM   658  O O   . MET A 1 88  ? -2.782  2.518   8.109   1.00 20.59  ? 88  MET A O   1 
ATOM   659  C CB  . MET A 1 88  ? -3.334  3.750   5.161   1.00 6.81   ? 88  MET A CB  1 
ATOM   660  C CG  . MET A 1 88  ? -4.739  3.981   4.715   1.00 24.36  ? 88  MET A CG  1 
ATOM   661  S SD  . MET A 1 88  ? -4.951  2.868   3.266   1.00 31.11  ? 88  MET A SD  1 
ATOM   662  C CE  . MET A 1 88  ? -3.322  2.545   2.683   1.00 32.32  ? 88  MET A CE  1 
ATOM   663  N N   . GLU A 1 89  ? -4.096  4.378   8.253   1.00 28.84  ? 89  GLU A N   1 
ATOM   664  C CA  . GLU A 1 89  ? -4.769  3.999   9.509   1.00 17.79  ? 89  GLU A CA  1 
ATOM   665  C C   . GLU A 1 89  ? -6.272  4.258   9.297   1.00 19.97  ? 89  GLU A C   1 
ATOM   666  O O   . GLU A 1 89  ? -6.777  5.352   9.066   1.00 8.82   ? 89  GLU A O   1 
ATOM   667  C CB  . GLU A 1 89  ? -4.331  4.723   10.771  1.00 17.63  ? 89  GLU A CB  1 
ATOM   668  C CG  . GLU A 1 89  ? -2.911  4.462   11.205  1.00 49.83  ? 89  GLU A CG  1 
ATOM   669  C CD  . GLU A 1 89  ? -2.344  5.133   12.409  1.00 20.22  ? 89  GLU A CD  1 
ATOM   670  O OE1 . GLU A 1 89  ? -3.219  5.667   13.141  1.00 19.52  ? 89  GLU A OE1 1 
ATOM   671  O OE2 . GLU A 1 89  ? -1.152  5.186   12.653  1.00 36.52  ? 89  GLU A OE2 1 
ATOM   672  N N   . LEU A 1 90  ? -6.954  3.158   9.479   1.00 7.46   ? 90  LEU A N   1 
ATOM   673  C CA  . LEU A 1 90  ? -8.442  2.996   9.381   1.00 8.26   ? 90  LEU A CA  1 
ATOM   674  C C   . LEU A 1 90  ? -9.083  2.569   10.689  1.00 29.71  ? 90  LEU A C   1 
ATOM   675  O O   . LEU A 1 90  ? -8.852  1.413   11.131  1.00 10.15  ? 90  LEU A O   1 
ATOM   676  C CB  . LEU A 1 90  ? -8.744  2.016   8.230   1.00 2.50   ? 90  LEU A CB  1 
ATOM   677  C CG  . LEU A 1 90  ? -10.272 1.694   8.008   1.00 3.09   ? 90  LEU A CG  1 
ATOM   678  C CD1 . LEU A 1 90  ? -11.178 2.881   7.873   1.00 7.74   ? 90  LEU A CD1 1 
ATOM   679  C CD2 . LEU A 1 90  ? -10.501 0.742   6.862   1.00 12.43  ? 90  LEU A CD2 1 
ATOM   680  N N   . THR A 1 91  ? -9.942  3.446   11.237  1.00 12.64  ? 91  THR A N   1 
ATOM   681  C CA  . THR A 1 91  ? -10.546 2.998   12.516  1.00 26.14  ? 91  THR A CA  1 
ATOM   682  C C   . THR A 1 91  ? -11.969 2.617   12.155  1.00 45.50  ? 91  THR A C   1 
ATOM   683  O O   . THR A 1 91  ? -12.528 3.495   11.462  1.00 11.77  ? 91  THR A O   1 
ATOM   684  C CB  . THR A 1 91  ? -10.519 4.228   13.492  1.00 20.54  ? 91  THR A CB  1 
ATOM   685  O OG1 . THR A 1 91  ? -9.128  4.512   13.648  1.00 14.17  ? 91  THR A OG1 1 
ATOM   686  C CG2 . THR A 1 91  ? -11.334 3.878   14.757  1.00 9.01   ? 91  THR A CG2 1 
ATOM   687  N N   . ILE A 1 92  ? -12.387 1.425   12.556  1.00 3.87   ? 92  ILE A N   1 
ATOM   688  C CA  . ILE A 1 92  ? -13.850 1.133   12.228  1.00 14.31  ? 92  ILE A CA  1 
ATOM   689  C C   . ILE A 1 92  ? -14.469 0.702   13.596  1.00 19.33  ? 92  ILE A C   1 
ATOM   690  O O   . ILE A 1 92  ? -13.744 0.151   14.443  1.00 15.02  ? 92  ILE A O   1 
ATOM   691  C CB  . ILE A 1 92  ? -13.955 0.027   11.121  1.00 22.81  ? 92  ILE A CB  1 
ATOM   692  C CG1 . ILE A 1 92  ? -13.313 -1.303  11.639  1.00 47.44  ? 92  ILE A CG1 1 
ATOM   693  C CG2 . ILE A 1 92  ? -13.457 0.278   9.699   1.00 41.61  ? 92  ILE A CG2 1 
ATOM   694  C CD1 . ILE A 1 92  ? -14.007 -2.561  11.021  1.00 41.35  ? 92  ILE A CD1 1 
ATOM   695  N N   . PRO A 1 93  ? -15.764 0.919   13.770  1.00 22.99  ? 93  PRO A N   1 
ATOM   696  C CA  . PRO A 1 93  ? -16.482 0.510   14.954  1.00 5.64   ? 93  PRO A CA  1 
ATOM   697  C C   . PRO A 1 93  ? -16.445 -1.046  14.964  1.00 9.71   ? 93  PRO A C   1 
ATOM   698  O O   . PRO A 1 93  ? -16.459 -1.764  13.985  1.00 13.91  ? 93  PRO A O   1 
ATOM   699  C CB  . PRO A 1 93  ? -17.871 1.105   14.941  1.00 14.83  ? 93  PRO A CB  1 
ATOM   700  C CG  . PRO A 1 93  ? -17.791 2.040   13.771  1.00 17.73  ? 93  PRO A CG  1 
ATOM   701  C CD  . PRO A 1 93  ? -16.726 1.493   12.832  1.00 6.93   ? 93  PRO A CD  1 
ATOM   702  N N   . ILE A 1 94  ? -16.298 -1.631  16.102  1.00 16.29  ? 94  ILE A N   1 
ATOM   703  C CA  . ILE A 1 94  ? -16.070 -3.023  16.410  1.00 10.00  ? 94  ILE A CA  1 
ATOM   704  C C   . ILE A 1 94  ? -17.081 -3.930  15.787  1.00 7.85   ? 94  ILE A C   1 
ATOM   705  O O   . ILE A 1 94  ? -16.746 -5.055  15.352  1.00 10.95  ? 94  ILE A O   1 
ATOM   706  C CB  . ILE A 1 94  ? -15.689 -2.936  17.940  1.00 26.47  ? 94  ILE A CB  1 
ATOM   707  C CG1 . ILE A 1 94  ? -14.337 -3.664  18.118  1.00 31.30  ? 94  ILE A CG1 1 
ATOM   708  C CG2 . ILE A 1 94  ? -16.703 -3.374  19.021  1.00 21.47  ? 94  ILE A CG2 1 
ATOM   709  C CD1 . ILE A 1 94  ? -14.477 -5.222  18.149  1.00 61.37  ? 94  ILE A CD1 1 
ATOM   710  N N   . PHE A 1 95  ? -18.304 -3.585  15.764  1.00 14.92  ? 95  PHE A N   1 
ATOM   711  C CA  . PHE A 1 95  ? -19.440 -4.372  15.231  1.00 21.60  ? 95  PHE A CA  1 
ATOM   712  C C   . PHE A 1 95  ? -20.075 -3.749  13.993  1.00 21.69  ? 95  PHE A C   1 
ATOM   713  O O   . PHE A 1 95  ? -21.216 -4.070  13.672  1.00 17.46  ? 95  PHE A O   1 
ATOM   714  C CB  . PHE A 1 95  ? -20.373 -4.836  16.334  1.00 33.92  ? 95  PHE A CB  1 
ATOM   715  C CG  . PHE A 1 95  ? -19.818 -5.357  17.636  1.00 19.75  ? 95  PHE A CG  1 
ATOM   716  C CD1 . PHE A 1 95  ? -19.352 -6.657  17.773  1.00 53.99  ? 95  PHE A CD1 1 
ATOM   717  C CD2 . PHE A 1 95  ? -19.820 -4.524  18.760  1.00 47.79  ? 95  PHE A CD2 1 
ATOM   718  C CE1 . PHE A 1 95  ? -18.869 -7.119  18.993  1.00 39.65  ? 95  PHE A CE1 1 
ATOM   719  C CE2 . PHE A 1 95  ? -19.341 -4.963  20.005  1.00 36.63  ? 95  PHE A CE2 1 
ATOM   720  C CZ  . PHE A 1 95  ? -18.859 -6.268  20.094  1.00 32.15  ? 95  PHE A CZ  1 
ATOM   721  N N   . ALA A 1 96  ? -19.308 -2.920  13.288  1.00 13.77  ? 96  ALA A N   1 
ATOM   722  C CA  . ALA A 1 96  ? -19.693 -2.359  11.979  1.00 25.05  ? 96  ALA A CA  1 
ATOM   723  C C   . ALA A 1 96  ? -20.141 -3.591  11.185  1.00 23.07  ? 96  ALA A C   1 
ATOM   724  O O   . ALA A 1 96  ? -19.503 -4.638  11.161  1.00 16.00  ? 96  ALA A O   1 
ATOM   725  C CB  . ALA A 1 96  ? -18.532 -1.498  11.466  1.00 13.70  ? 96  ALA A CB  1 
ATOM   726  N N   . THR A 1 97  ? -21.279 -3.568  10.528  1.00 33.15  ? 97  THR A N   1 
ATOM   727  C CA  . THR A 1 97  ? -21.876 -4.621  9.698   1.00 26.07  ? 97  THR A CA  1 
ATOM   728  C C   . THR A 1 97  ? -21.004 -4.683  8.434   1.00 40.14  ? 97  THR A C   1 
ATOM   729  O O   . THR A 1 97  ? -20.117 -3.813  8.346   1.00 18.15  ? 97  THR A O   1 
ATOM   730  C CB  . THR A 1 97  ? -23.390 -4.319  9.428   1.00 33.18  ? 97  THR A CB  1 
ATOM   731  O OG1 . THR A 1 97  ? -23.476 -3.393  8.302   1.00 18.94  ? 97  THR A OG1 1 
ATOM   732  C CG2 . THR A 1 97  ? -24.216 -3.617  10.535  1.00 7.01   ? 97  THR A CG2 1 
ATOM   733  N N   . ASN A 1 98  ? -21.091 -5.615  7.526   1.00 15.56  ? 98  ASN A N   1 
ATOM   734  C CA  . ASN A 1 98  ? -20.333 -5.715  6.284   1.00 21.21  ? 98  ASN A CA  1 
ATOM   735  C C   . ASN A 1 98  ? -20.725 -4.744  5.106   1.00 10.98  ? 98  ASN A C   1 
ATOM   736  O O   . ASN A 1 98  ? -20.016 -4.635  4.119   1.00 42.08  ? 98  ASN A O   1 
ATOM   737  C CB  . ASN A 1 98  ? -20.384 -7.149  5.782   1.00 28.02  ? 98  ASN A CB  1 
ATOM   738  C CG  . ASN A 1 98  ? -19.521 -7.789  6.898   1.00 71.38  ? 98  ASN A CG  1 
ATOM   739  O OD1 . ASN A 1 98  ? -19.862 -8.866  7.368   1.00 22.64  ? 98  ASN A OD1 1 
ATOM   740  N ND2 . ASN A 1 98  ? -18.459 -7.122  7.390   1.00 37.13  ? 98  ASN A ND2 1 
ATOM   741  N N   . SER A 1 99  ? -21.887 -4.156  5.402   1.00 16.08  ? 99  SER A N   1 
ATOM   742  C CA  . SER A 1 99  ? -22.462 -3.166  4.490   1.00 37.07  ? 99  SER A CA  1 
ATOM   743  C C   . SER A 1 99  ? -21.756 -1.895  4.931   1.00 34.53  ? 99  SER A C   1 
ATOM   744  O O   . SER A 1 99  ? -21.420 -1.126  4.021   1.00 21.08  ? 99  SER A O   1 
ATOM   745  C CB  . SER A 1 99  ? -23.924 -3.359  4.328   1.00 26.32  ? 99  SER A CB  1 
ATOM   746  O OG  . SER A 1 99  ? -24.788 -3.173  5.410   1.00 43.30  ? 99  SER A OG  1 
ATOM   747  N N   . ASP A 1 100 ? -21.498 -1.747  6.213   1.00 25.05  ? 100 ASP A N   1 
ATOM   748  C CA  . ASP A 1 100 ? -20.746 -0.599  6.734   1.00 17.09  ? 100 ASP A CA  1 
ATOM   749  C C   . ASP A 1 100 ? -19.315 -0.730  6.195   1.00 20.40  ? 100 ASP A C   1 
ATOM   750  O O   . ASP A 1 100 ? -18.607 0.184   5.784   1.00 18.74  ? 100 ASP A O   1 
ATOM   751  C CB  . ASP A 1 100 ? -20.623 -0.580  8.242   1.00 9.33   ? 100 ASP A CB  1 
ATOM   752  C CG  . ASP A 1 100 ? -21.918 -0.238  8.922   1.00 26.31  ? 100 ASP A CG  1 
ATOM   753  O OD1 . ASP A 1 100 ? -22.798 0.303   8.224   1.00 28.03  ? 100 ASP A OD1 1 
ATOM   754  O OD2 . ASP A 1 100 ? -22.004 -0.551  10.126  1.00 17.63  ? 100 ASP A OD2 1 
ATOM   755  N N   . CYS A 1 101 ? -18.892 -1.992  6.301   1.00 16.69  ? 101 CYS A N   1 
ATOM   756  C CA  . CYS A 1 101 ? -17.517 -2.321  5.831   1.00 28.35  ? 101 CYS A CA  1 
ATOM   757  C C   . CYS A 1 101 ? -17.357 -2.138  4.336   1.00 23.51  ? 101 CYS A C   1 
ATOM   758  O O   . CYS A 1 101 ? -16.312 -1.738  3.892   1.00 17.02  ? 101 CYS A O   1 
ATOM   759  C CB  . CYS A 1 101 ? -17.138 -3.663  6.406   1.00 28.41  ? 101 CYS A CB  1 
ATOM   760  S SG  . CYS A 1 101 ? -16.980 -3.267  8.192   1.00 18.84  ? 101 CYS A SG  1 
ATOM   761  N N   . GLU A 1 102 ? -18.301 -2.404  3.546   1.00 10.07  ? 102 GLU A N   1 
ATOM   762  C CA  . GLU A 1 102 ? -18.294 -2.443  2.088   1.00 37.49  ? 102 GLU A CA  1 
ATOM   763  C C   . GLU A 1 102 ? -18.242 -1.006  1.559   1.00 22.96  ? 102 GLU A C   1 
ATOM   764  O O   . GLU A 1 102 ? -17.434 -0.730  0.679   1.00 26.01  ? 102 GLU A O   1 
ATOM   765  C CB  . GLU A 1 102 ? -19.360 -3.298  1.474   1.00 17.42  ? 102 GLU A CB  1 
ATOM   766  C CG  . GLU A 1 102 ? -19.032 -4.799  1.225   1.00 12.88  ? 102 GLU A CG  1 
ATOM   767  C CD  . GLU A 1 102 ? -20.211 -5.703  1.213   1.00 22.17  ? 102 GLU A CD  1 
ATOM   768  O OE1 . GLU A 1 102 ? -21.339 -5.317  1.378   1.00 23.80  ? 102 GLU A OE1 1 
ATOM   769  O OE2 . GLU A 1 102 ? -19.841 -6.866  1.073   1.00 30.35  ? 102 GLU A OE2 1 
ATOM   770  N N   . LEU A 1 103 ? -19.077 -0.252  2.175   1.00 5.07   ? 103 LEU A N   1 
ATOM   771  C CA  . LEU A 1 103 ? -19.181 1.198   2.014   1.00 5.25   ? 103 LEU A CA  1 
ATOM   772  C C   . LEU A 1 103 ? -17.748 1.745   2.187   1.00 25.50  ? 103 LEU A C   1 
ATOM   773  O O   . LEU A 1 103 ? -17.330 2.500   1.290   1.00 20.06  ? 103 LEU A O   1 
ATOM   774  C CB  . LEU A 1 103 ? -20.225 1.925   2.835   1.00 25.59  ? 103 LEU A CB  1 
ATOM   775  C CG  . LEU A 1 103 ? -20.146 3.473   2.813   1.00 28.45  ? 103 LEU A CG  1 
ATOM   776  C CD1 . LEU A 1 103 ? -20.414 3.914   1.373   1.00 48.66  ? 103 LEU A CD1 1 
ATOM   777  C CD2 . LEU A 1 103 ? -21.294 3.959   3.716   1.00 18.95  ? 103 LEU A CD2 1 
ATOM   778  N N   . ILE A 1 104 ? -17.034 1.440   3.202   1.00 26.08  ? 104 ILE A N   1 
ATOM   779  C CA  . ILE A 1 104 ? -15.674 1.962   3.449   1.00 13.89  ? 104 ILE A CA  1 
ATOM   780  C C   . ILE A 1 104 ? -14.697 1.644   2.337   1.00 27.92  ? 104 ILE A C   1 
ATOM   781  O O   . ILE A 1 104 ? -13.934 2.567   1.991   1.00 25.37  ? 104 ILE A O   1 
ATOM   782  C CB  . ILE A 1 104 ? -15.159 1.449   4.867   1.00 18.96  ? 104 ILE A CB  1 
ATOM   783  C CG1 . ILE A 1 104 ? -16.171 2.039   5.933   1.00 17.54  ? 104 ILE A CG1 1 
ATOM   784  C CG2 . ILE A 1 104 ? -13.695 1.802   5.027   1.00 10.69  ? 104 ILE A CG2 1 
ATOM   785  C CD1 . ILE A 1 104 ? -16.039 1.369   7.335   1.00 48.87  ? 104 ILE A CD1 1 
ATOM   786  N N   . VAL A 1 105 ? -14.665 0.475   1.762   1.00 19.57  ? 105 VAL A N   1 
ATOM   787  C CA  . VAL A 1 105 ? -13.648 0.143   0.733   1.00 24.80  ? 105 VAL A CA  1 
ATOM   788  C C   . VAL A 1 105 ? -13.978 0.945   -0.568  1.00 3.75   ? 105 VAL A C   1 
ATOM   789  O O   . VAL A 1 105 ? -13.174 0.939   -1.467  1.00 8.65   ? 105 VAL A O   1 
ATOM   790  C CB  . VAL A 1 105 ? -13.704 -1.397  0.666   1.00 17.79  ? 105 VAL A CB  1 
ATOM   791  C CG1 . VAL A 1 105 ? -13.062 -2.102  -0.505  1.00 20.28  ? 105 VAL A CG1 1 
ATOM   792  C CG2 . VAL A 1 105 ? -13.272 -2.138  1.949   1.00 11.94  ? 105 VAL A CG2 1 
ATOM   793  N N   . LYS A 1 106 ? -15.245 1.179   -0.741  1.00 23.03  ? 106 LYS A N   1 
ATOM   794  C CA  . LYS A 1 106 ? -15.775 1.960   -1.861  1.00 28.34  ? 106 LYS A CA  1 
ATOM   795  C C   . LYS A 1 106 ? -15.446 3.464   -1.706  1.00 11.58  ? 106 LYS A C   1 
ATOM   796  O O   . LYS A 1 106 ? -15.076 3.858   -2.809  1.00 20.59  ? 106 LYS A O   1 
ATOM   797  C CB  . LYS A 1 106 ? -17.225 1.885   -1.949  1.00 2.90   ? 106 LYS A CB  1 
ATOM   798  C CG  . LYS A 1 106 ? -17.586 0.423   -2.436  1.00 20.90  ? 106 LYS A CG  1 
ATOM   799  C CD  . LYS A 1 106 ? -19.052 0.273   -2.497  1.00 27.32  ? 106 LYS A CD  1 
ATOM   800  C CE  . LYS A 1 106 ? -19.822 1.129   -3.467  1.00 78.79  ? 106 LYS A CE  1 
ATOM   801  N NZ  . LYS A 1 106 ? -20.007 2.513   -2.933  1.00 84.72  ? 106 LYS A NZ  1 
ATOM   802  N N   . ALA A 1 107 ? -15.627 4.051   -0.552  1.00 15.81  ? 107 ALA A N   1 
ATOM   803  C CA  . ALA A 1 107 ? -15.218 5.470   -0.385  1.00 4.07   ? 107 ALA A CA  1 
ATOM   804  C C   . ALA A 1 107 ? -13.716 5.468   -0.691  1.00 28.70  ? 107 ALA A C   1 
ATOM   805  O O   . ALA A 1 107 ? -13.264 6.408   -1.348  1.00 12.02  ? 107 ALA A O   1 
ATOM   806  C CB  . ALA A 1 107 ? -15.359 5.996   1.057   1.00 8.77   ? 107 ALA A CB  1 
ATOM   807  N N   . MET A 1 108 ? -12.973 4.498   -0.223  1.00 13.34  ? 108 MET A N   1 
ATOM   808  C CA  . MET A 1 108 ? -11.511 4.393   -0.434  1.00 14.67  ? 108 MET A CA  1 
ATOM   809  C C   . MET A 1 108 ? -11.006 4.312   -1.881  1.00 52.32  ? 108 MET A C   1 
ATOM   810  O O   . MET A 1 108 ? -10.078 4.988   -2.416  1.00 22.77  ? 108 MET A O   1 
ATOM   811  C CB  . MET A 1 108 ? -10.989 3.258   0.475   1.00 26.39  ? 108 MET A CB  1 
ATOM   812  C CG  . MET A 1 108 ? -10.685 3.833   1.837   1.00 18.10  ? 108 MET A CG  1 
ATOM   813  S SD  . MET A 1 108 ? -9.780  2.642   2.893   1.00 32.05  ? 108 MET A SD  1 
ATOM   814  C CE  . MET A 1 108 ? -10.207 1.057   2.197   1.00 10.28  ? 108 MET A CE  1 
ATOM   815  N N   . GLN A 1 109 ? -11.676 3.421   -2.600  1.00 3.09   ? 109 GLN A N   1 
ATOM   816  C CA  . GLN A 1 109 ? -11.444 3.068   -3.995  1.00 8.97   ? 109 GLN A CA  1 
ATOM   817  C C   . GLN A 1 109 ? -11.793 4.324   -4.812  1.00 15.41  ? 109 GLN A C   1 
ATOM   818  O O   . GLN A 1 109 ? -11.213 4.585   -5.844  1.00 21.19  ? 109 GLN A O   1 
ATOM   819  C CB  . GLN A 1 109 ? -12.317 1.854   -4.461  1.00 17.48  ? 109 GLN A CB  1 
ATOM   820  C CG  . GLN A 1 109 ? -11.742 0.518   -3.939  1.00 35.99  ? 109 GLN A CG  1 
ATOM   821  C CD  . GLN A 1 109 ? -12.721 -0.601  -4.021  1.00 37.57  ? 109 GLN A CD  1 
ATOM   822  O OE1 . GLN A 1 109 ? -13.918 -0.361  -4.171  1.00 19.74  ? 109 GLN A OE1 1 
ATOM   823  N NE2 . GLN A 1 109 ? -12.402 -1.869  -3.922  1.00 13.49  ? 109 GLN A NE2 1 
ATOM   824  N N   . GLY A 1 110 ? -12.796 4.996   -4.335  1.00 15.66  ? 110 GLY A N   1 
ATOM   825  C CA  . GLY A 1 110 ? -13.324 6.276   -4.830  1.00 19.02  ? 110 GLY A CA  1 
ATOM   826  C C   . GLY A 1 110 ? -12.376 7.388   -4.604  1.00 10.52  ? 110 GLY A C   1 
ATOM   827  O O   . GLY A 1 110 ? -12.134 8.055   -5.663  1.00 42.19  ? 110 GLY A O   1 
ATOM   828  N N   . LEU A 1 111 ? -11.765 7.675   -3.477  1.00 6.02   ? 111 LEU A N   1 
ATOM   829  C CA  . LEU A 1 111 ? -10.838 8.722   -3.183  1.00 36.25  ? 111 LEU A CA  1 
ATOM   830  C C   . LEU A 1 111 ? -9.649  8.791   -4.147  1.00 34.61  ? 111 LEU A C   1 
ATOM   831  O O   . LEU A 1 111 ? -9.051  9.780   -4.556  1.00 33.33  ? 111 LEU A O   1 
ATOM   832  C CB  . LEU A 1 111 ? -10.262 8.377   -1.825  1.00 7.33   ? 111 LEU A CB  1 
ATOM   833  C CG  . LEU A 1 111 ? -9.348  9.309   -1.003  1.00 7.89   ? 111 LEU A CG  1 
ATOM   834  C CD1 . LEU A 1 111 ? -10.156 10.426  -0.371  1.00 6.43   ? 111 LEU A CD1 1 
ATOM   835  C CD2 . LEU A 1 111 ? -8.789  8.535   0.179   1.00 20.61  ? 111 LEU A CD2 1 
ATOM   836  N N   . LEU A 1 112 ? -9.317  7.654   -4.627  1.00 7.36   ? 112 LEU A N   1 
ATOM   837  C CA  . LEU A 1 112 ? -8.201  7.221   -5.433  1.00 2.78   ? 112 LEU A CA  1 
ATOM   838  C C   . LEU A 1 112 ? -8.299  6.893   -6.889  1.00 20.67  ? 112 LEU A C   1 
ATOM   839  O O   . LEU A 1 112 ? -7.245  6.497   -7.395  1.00 19.34  ? 112 LEU A O   1 
ATOM   840  C CB  . LEU A 1 112 ? -7.580  5.976   -4.677  1.00 28.16  ? 112 LEU A CB  1 
ATOM   841  C CG  . LEU A 1 112 ? -6.980  6.130   -3.310  1.00 32.88  ? 112 LEU A CG  1 
ATOM   842  C CD1 . LEU A 1 112 ? -5.742  5.231   -3.140  1.00 20.81  ? 112 LEU A CD1 1 
ATOM   843  C CD2 . LEU A 1 112 ? -6.540  7.598   -3.134  1.00 33.18  ? 112 LEU A CD2 1 
ATOM   844  N N   . LYS A 1 113 ? -9.431  7.003   -7.454  1.00 22.67  ? 113 LYS A N   1 
ATOM   845  C CA  . LYS A 1 113 ? -9.762  6.776   -8.838  1.00 30.68  ? 113 LYS A CA  1 
ATOM   846  C C   . LYS A 1 113 ? -9.016  7.770   -9.747  1.00 18.82  ? 113 LYS A C   1 
ATOM   847  O O   . LYS A 1 113 ? -9.084  8.976   -9.502  1.00 21.84  ? 113 LYS A O   1 
ATOM   848  C CB  . LYS A 1 113 ? -11.229 7.077   -9.134  1.00 21.19  ? 113 LYS A CB  1 
ATOM   849  C CG  . LYS A 1 113 ? -12.300 6.124   -9.624  1.00 26.16  ? 113 LYS A CG  1 
ATOM   850  C CD  . LYS A 1 113 ? -13.692 6.725   -9.782  1.00 69.72  ? 113 LYS A CD  1 
ATOM   851  C CE  . LYS A 1 113 ? -14.244 7.514   -8.601  1.00 29.13  ? 113 LYS A CE  1 
ATOM   852  N NZ  . LYS A 1 113 ? -15.713 7.260   -8.400  1.00 29.23  ? 113 LYS A NZ  1 
ATOM   853  N N   . ASP A 1 114 ? -8.496  7.224   -10.839 1.00 24.36  ? 114 ASP A N   1 
ATOM   854  C CA  . ASP A 1 114 ? -7.723  7.843   -11.875 1.00 32.45  ? 114 ASP A CA  1 
ATOM   855  C C   . ASP A 1 114 ? -7.853  9.332   -12.207 1.00 31.32  ? 114 ASP A C   1 
ATOM   856  O O   . ASP A 1 114 ? -6.771  9.900   -11.986 1.00 62.91  ? 114 ASP A O   1 
ATOM   857  C CB  . ASP A 1 114 ? -7.788  7.108   -13.237 1.00 50.59  ? 114 ASP A CB  1 
ATOM   858  C CG  . ASP A 1 114 ? -6.360  6.691   -13.588 1.00 32.97  ? 114 ASP A CG  1 
ATOM   859  O OD1 . ASP A 1 114 ? -5.838  6.035   -12.669 1.00 29.51  ? 114 ASP A OD1 1 
ATOM   860  O OD2 . ASP A 1 114 ? -5.651  6.909   -14.555 1.00 44.72  ? 114 ASP A OD2 1 
ATOM   861  N N   . GLY A 1 115 ? -8.969  9.869   -12.609 1.00 33.60  ? 115 GLY A N   1 
ATOM   862  C CA  . GLY A 1 115 ? -8.936  11.325  -12.893 1.00 25.58  ? 115 GLY A CA  1 
ATOM   863  C C   . GLY A 1 115 ? -9.317  12.249  -11.784 1.00 34.08  ? 115 GLY A C   1 
ATOM   864  O O   . GLY A 1 115 ? -9.462  13.467  -11.972 1.00 44.85  ? 115 GLY A O   1 
ATOM   865  N N   . ASN A 1 116 ? -9.481  11.678  -10.614 1.00 22.18  ? 116 ASN A N   1 
ATOM   866  C CA  . ASN A 1 116 ? -9.927  12.385  -9.396  1.00 23.21  ? 116 ASN A CA  1 
ATOM   867  C C   . ASN A 1 116 ? -8.827  13.250  -8.844  1.00 5.35   ? 116 ASN A C   1 
ATOM   868  O O   . ASN A 1 116 ? -7.639  12.985  -9.032  1.00 16.31  ? 116 ASN A O   1 
ATOM   869  C CB  . ASN A 1 116 ? -10.541 11.426  -8.393  1.00 11.62  ? 116 ASN A CB  1 
ATOM   870  C CG  . ASN A 1 116 ? -11.915 10.907  -8.651  1.00 21.61  ? 116 ASN A CG  1 
ATOM   871  O OD1 . ASN A 1 116 ? -12.440 11.293  -9.688  1.00 21.02  ? 116 ASN A OD1 1 
ATOM   872  N ND2 . ASN A 1 116 ? -12.524 10.072  -7.835  1.00 31.09  ? 116 ASN A ND2 1 
ATOM   873  N N   . PRO A 1 117 ? -9.309  14.267  -8.121  1.00 10.26  ? 117 PRO A N   1 
ATOM   874  C CA  . PRO A 1 117 ? -8.429  15.321  -7.564  1.00 17.33  ? 117 PRO A CA  1 
ATOM   875  C C   . PRO A 1 117 ? -7.196  14.857  -6.829  1.00 30.43  ? 117 PRO A C   1 
ATOM   876  O O   . PRO A 1 117 ? -6.046  15.192  -7.204  1.00 15.69  ? 117 PRO A O   1 
ATOM   877  C CB  . PRO A 1 117 ? -9.378  16.236  -6.708  1.00 7.38   ? 117 PRO A CB  1 
ATOM   878  C CG  . PRO A 1 117 ? -10.711 16.129  -7.398  1.00 15.14  ? 117 PRO A CG  1 
ATOM   879  C CD  . PRO A 1 117 ? -10.711 14.663  -7.993  1.00 3.73   ? 117 PRO A CD  1 
ATOM   880  N N   . ILE A 1 118 ? -7.400  14.109  -5.752  1.00 27.87  ? 118 ILE A N   1 
ATOM   881  C CA  . ILE A 1 118 ? -6.319  13.616  -4.867  1.00 21.80  ? 118 ILE A CA  1 
ATOM   882  C C   . ILE A 1 118 ? -5.221  12.909  -5.662  1.00 9.38   ? 118 ILE A C   1 
ATOM   883  O O   . ILE A 1 118 ? -4.084  13.371  -5.665  1.00 16.36  ? 118 ILE A O   1 
ATOM   884  C CB  . ILE A 1 118 ? -6.812  12.894  -3.570  1.00 12.33  ? 118 ILE A CB  1 
ATOM   885  C CG1 . ILE A 1 118 ? -7.604  13.890  -2.671  1.00 26.39  ? 118 ILE A CG1 1 
ATOM   886  C CG2 . ILE A 1 118 ? -5.570  12.550  -2.672  1.00 15.22  ? 118 ILE A CG2 1 
ATOM   887  C CD1 . ILE A 1 118 ? -8.691  13.360  -1.717  1.00 46.11  ? 118 ILE A CD1 1 
ATOM   888  N N   . PRO A 1 119 ? -5.574  11.787  -6.377  1.00 11.60  ? 119 PRO A N   1 
ATOM   889  C CA  . PRO A 1 119 ? -4.649  11.059  -7.126  1.00 7.27   ? 119 PRO A CA  1 
ATOM   890  C C   . PRO A 1 119 ? -4.063  12.046  -8.280  1.00 7.40   ? 119 PRO A C   1 
ATOM   891  O O   . PRO A 1 119 ? -2.968  11.694  -8.620  1.00 10.14  ? 119 PRO A O   1 
ATOM   892  C CB  . PRO A 1 119 ? -5.336  9.874   -7.837  1.00 5.30   ? 119 PRO A CB  1 
ATOM   893  C CG  . PRO A 1 119 ? -6.769  10.152  -7.506  1.00 20.48  ? 119 PRO A CG  1 
ATOM   894  C CD  . PRO A 1 119 ? -6.891  11.186  -6.384  1.00 9.59   ? 119 PRO A CD  1 
ATOM   895  N N   . SER A 1 120 ? -4.895  12.914  -8.793  1.00 24.52  ? 120 SER A N   1 
ATOM   896  C CA  . SER A 1 120 ? -4.325  13.818  -9.859  1.00 30.83  ? 120 SER A CA  1 
ATOM   897  C C   . SER A 1 120 ? -3.229  14.718  -9.275  1.00 38.79  ? 120 SER A C   1 
ATOM   898  O O   . SER A 1 120 ? -2.141  14.907  -9.884  1.00 16.40  ? 120 SER A O   1 
ATOM   899  C CB  . SER A 1 120 ? -5.434  14.490  -10.592 1.00 15.79  ? 120 SER A CB  1 
ATOM   900  O OG  . SER A 1 120 ? -6.344  13.619  -11.371 1.00 22.82  ? 120 SER A OG  1 
ATOM   901  N N   . ALA A 1 121 ? -3.445  15.239  -8.072  1.00 9.84   ? 121 ALA A N   1 
ATOM   902  C CA  . ALA A 1 121 ? -2.454  16.017  -7.340  1.00 6.02   ? 121 ALA A CA  1 
ATOM   903  C C   . ALA A 1 121 ? -1.217  15.197  -7.065  1.00 17.75  ? 121 ALA A C   1 
ATOM   904  O O   . ALA A 1 121 ? -0.062  15.597  -7.389  1.00 16.00  ? 121 ALA A O   1 
ATOM   905  C CB  . ALA A 1 121 ? -3.058  16.630  -6.101  1.00 14.45  ? 121 ALA A CB  1 
ATOM   906  N N   . ILE A 1 122 ? -1.395  14.005  -6.477  1.00 10.14  ? 122 ILE A N   1 
ATOM   907  C CA  . ILE A 1 122 ? -0.249  13.142  -6.143  1.00 2.18   ? 122 ILE A CA  1 
ATOM   908  C C   . ILE A 1 122 ? 0.609   12.823  -7.347  1.00 7.98   ? 122 ILE A C   1 
ATOM   909  O O   . ILE A 1 122 ? 1.838   12.837  -7.158  1.00 13.61  ? 122 ILE A O   1 
ATOM   910  C CB  . ILE A 1 122 ? -0.744  11.675  -5.570  1.00 14.89  ? 122 ILE A CB  1 
ATOM   911  C CG1 . ILE A 1 122 ? -1.358  11.913  -4.237  1.00 19.01  ? 122 ILE A CG1 1 
ATOM   912  C CG2 . ILE A 1 122 ? 0.536   10.720  -5.529  1.00 9.47   ? 122 ILE A CG2 1 
ATOM   913  C CD1 . ILE A 1 122 ? -1.928  11.293  -2.969  1.00 20.20  ? 122 ILE A CD1 1 
ATOM   914  N N   . ALA A 1 123 ? -0.155  12.425  -8.394  1.00 5.60   ? 123 ALA A N   1 
ATOM   915  C CA  . ALA A 1 123 ? 0.692   12.045  -9.580  1.00 23.51  ? 123 ALA A CA  1 
ATOM   916  C C   . ALA A 1 123 ? 1.524   13.203  -10.166 1.00 27.67  ? 123 ALA A C   1 
ATOM   917  O O   . ALA A 1 123 ? 2.630   12.893  -10.653 1.00 16.86  ? 123 ALA A O   1 
ATOM   918  C CB  . ALA A 1 123 ? -0.160  11.433  -10.644 1.00 9.87   ? 123 ALA A CB  1 
ATOM   919  N N   . ALA A 1 124 ? 1.082   14.421  -10.109 1.00 20.75  ? 124 ALA A N   1 
ATOM   920  C CA  . ALA A 1 124 ? 1.894   15.534  -10.682 1.00 30.51  ? 124 ALA A CA  1 
ATOM   921  C C   . ALA A 1 124 ? 2.882   16.022  -9.658  1.00 37.27  ? 124 ALA A C   1 
ATOM   922  O O   . ALA A 1 124 ? 3.678   16.919  -9.943  1.00 21.22  ? 124 ALA A O   1 
ATOM   923  C CB  . ALA A 1 124 ? 0.810   16.569  -11.055 1.00 16.41  ? 124 ALA A CB  1 
ATOM   924  N N   . ASN A 1 125 ? 2.824   15.456  -8.456  1.00 18.38  ? 125 ASN A N   1 
ATOM   925  C CA  . ASN A 1 125 ? 3.637   15.841  -7.305  1.00 5.86   ? 125 ASN A CA  1 
ATOM   926  C C   . ASN A 1 125 ? 3.205   17.275  -6.888  1.00 13.57  ? 125 ASN A C   1 
ATOM   927  O O   . ASN A 1 125 ? 4.061   18.075  -6.509  1.00 39.71  ? 125 ASN A O   1 
ATOM   928  C CB  . ASN A 1 125 ? 5.163   15.696  -7.574  1.00 23.75  ? 125 ASN A CB  1 
ATOM   929  C CG  . ASN A 1 125 ? 6.030   15.929  -6.362  1.00 31.06  ? 125 ASN A CG  1 
ATOM   930  O OD1 . ASN A 1 125 ? 5.448   16.427  -5.383  1.00 14.39  ? 125 ASN A OD1 1 
ATOM   931  N ND2 . ASN A 1 125 ? 7.349   15.798  -6.117  1.00 17.11  ? 125 ASN A ND2 1 
ATOM   932  N N   . SER A 1 126 ? 1.911   17.633  -7.089  1.00 7.02   ? 126 SER A N   1 
ATOM   933  C CA  . SER A 1 126 ? 1.421   18.976  -6.713  1.00 28.70  ? 126 SER A CA  1 
ATOM   934  C C   . SER A 1 126 ? 0.544   19.117  -5.459  1.00 36.06  ? 126 SER A C   1 
ATOM   935  O O   . SER A 1 126 ? 0.405   18.180  -4.661  1.00 21.11  ? 126 SER A O   1 
ATOM   936  C CB  . SER A 1 126 ? 0.602   19.602  -7.869  1.00 19.83  ? 126 SER A CB  1 
ATOM   937  O OG  . SER A 1 126 ? 1.365   19.482  -9.019  1.00 24.08  ? 126 SER A OG  1 
ATOM   938  N N   . GLY A 1 127 ? -0.038  20.332  -5.404  1.00 16.73  ? 127 GLY A N   1 
ATOM   939  C CA  . GLY A 1 127 ? -0.948  20.728  -4.299  1.00 26.16  ? 127 GLY A CA  1 
ATOM   940  C C   . GLY A 1 127 ? -2.357  20.571  -4.785  1.00 17.22  ? 127 GLY A C   1 
ATOM   941  O O   . GLY A 1 127 ? -2.540  20.153  -5.908  1.00 6.58   ? 127 GLY A O   1 
ATOM   942  N N   . ILE A 1 128 ? -3.424  20.860  -4.091  1.00 16.88  ? 128 ILE A N   1 
ATOM   943  C CA  . ILE A 1 128 ? -4.850  20.749  -4.440  1.00 14.59  ? 128 ILE A CA  1 
ATOM   944  C C   . ILE A 1 128 ? -5.385  22.116  -4.882  1.00 7.38   ? 128 ILE A C   1 
ATOM   945  O O   . ILE A 1 128 ? -6.263  22.125  -5.760  1.00 20.09  ? 128 ILE A O   1 
ATOM   946  C CB  . ILE A 1 128 ? -5.781  20.222  -3.255  1.00 19.32  ? 128 ILE A CB  1 
ATOM   947  C CG1 . ILE A 1 128 ? -5.848  18.716  -3.149  1.00 18.33  ? 128 ILE A CG1 1 
ATOM   948  C CG2 . ILE A 1 128 ? -7.290  20.657  -3.290  1.00 21.38  ? 128 ILE A CG2 1 
ATOM   949  C CD1 . ILE A 1 128 ? -5.031  17.697  -3.858  1.00 21.00  ? 128 ILE A CD1 1 
ATOM   950  N N   . TYR A 1 129 ? -4.784  23.189  -4.379  1.00 31.00  ? 129 TYR A N   1 
ATOM   951  C CA  . TYR A 1 129 ? -5.200  24.526  -4.851  1.00 22.93  ? 129 TYR A CA  1 
ATOM   952  C C   . TYR A 1 129 ? -4.431  25.657  -4.195  1.00 22.94  ? 129 TYR A C   1 
ATOM   953  O O   . TYR A 1 129 ? -3.776  25.438  -3.144  1.00 24.29  ? 129 TYR A O   1 
ATOM   954  C CB  . TYR A 1 129 ? -6.721  24.638  -5.099  1.00 53.40  ? 129 TYR A CB  1 
ATOM   955  C CG  . TYR A 1 129 ? -7.325  24.575  -6.506  1.00 20.83  ? 129 TYR A CG  1 
ATOM   956  C CD1 . TYR A 1 129 ? -6.655  24.336  -7.693  1.00 35.30  ? 129 TYR A CD1 1 
ATOM   957  C CD2 . TYR A 1 129 ? -8.693  24.853  -6.598  1.00 27.54  ? 129 TYR A CD2 1 
ATOM   958  C CE1 . TYR A 1 129 ? -7.306  24.357  -8.922  1.00 48.55  ? 129 TYR A CE1 1 
ATOM   959  C CE2 . TYR A 1 129 ? -9.397  24.825  -7.824  1.00 21.55  ? 129 TYR A CE2 1 
ATOM   960  C CZ  . TYR A 1 129 ? -8.679  24.553  -8.983  1.00 30.10  ? 129 TYR A CZ  1 
ATOM   961  O OH  . TYR A 1 129 ? -9.411  24.597  -10.131 1.00 78.00  ? 129 TYR A OH  1 
ATOM   962  O OXT . TYR A 1 129 ? -4.485  26.765  -4.801  1.00 23.94  ? 129 TYR A OXT 1 
HETATM 963  O O   . HOH B 2 .   ? -14.594 2.327   24.142  1.00 48.24  ? 201 HOH A O   1 
HETATM 964  O O   . HOH B 2 .   ? -8.409  -5.175  23.144  1.00 48.90  ? 202 HOH A O   1 
HETATM 965  O O   . HOH B 2 .   ? -3.664  12.891  -13.057 1.00 39.38  ? 203 HOH A O   1 
HETATM 966  O O   . HOH B 2 .   ? -22.505 -3.328  0.243   1.00 37.56  ? 204 HOH A O   1 
HETATM 967  O O   . HOH B 2 .   ? -3.360  -16.031 -4.065  1.00 41.65  ? 205 HOH A O   1 
HETATM 968  O O   . HOH B 2 .   ? -4.100  9.245   -11.526 1.00 36.95  ? 206 HOH A O   1 
HETATM 969  O O   . HOH B 2 .   ? 6.750   -0.944  -13.501 1.00 48.51  ? 207 HOH A O   1 
HETATM 970  O O   . HOH B 2 .   ? -9.010  3.358   -6.947  1.00 42.64  ? 208 HOH A O   1 
HETATM 971  O O   . HOH B 2 .   ? -9.512  -0.476  25.550  1.00 37.28  ? 209 HOH A O   1 
HETATM 972  O O   . HOH B 2 .   ? -3.927  -4.392  22.889  1.00 37.63  ? 210 HOH A O   1 
HETATM 973  O O   . HOH B 2 .   ? -11.828 -3.708  25.085  1.00 49.36  ? 211 HOH A O   1 
HETATM 974  O O   . HOH B 2 .   ? -15.279 11.434  -9.801  1.00 28.88  ? 213 HOH A O   1 
HETATM 975  O O   . HOH B 2 .   ? -4.907  -2.829  -9.744  1.00 37.34  ? 214 HOH A O   1 
HETATM 976  O O   . HOH B 2 .   ? -12.964 4.858   23.679  1.00 43.80  ? 216 HOH A O   1 
HETATM 977  O O   . HOH B 2 .   ? -12.320 15.893  -11.118 1.00 46.83  ? 217 HOH A O   1 
HETATM 978  O O   . HOH B 2 .   ? -12.820 3.091   -7.969  1.00 37.10  ? 218 HOH A O   1 
HETATM 979  O O   . HOH B 2 .   ? -4.054  -13.177 -6.459  1.00 37.01  ? 219 HOH A O   1 
HETATM 980  O O   . HOH B 2 .   ? 0.995   -13.530 -9.556  1.00 36.68  ? 220 HOH A O   1 
HETATM 981  O O   . HOH B 2 .   ? -7.525  3.985   -11.911 1.00 45.14  ? 221 HOH A O   1 
HETATM 982  O O   . HOH B 2 .   ? 9.868   9.101   9.107   1.00 43.52  ? 222 HOH A O   1 
HETATM 983  O O   . HOH B 2 .   ? -13.830 6.879   20.712  1.00 43.52  ? 223 HOH A O   1 
HETATM 984  O O   . HOH B 2 .   ? -7.914  21.370  -10.070 1.00 41.92  ? 224 HOH A O   1 
HETATM 985  O O   . HOH B 2 .   ? -15.742 -14.074 5.884   1.00 33.44  ? 225 HOH A O   1 
HETATM 986  O O   . HOH B 2 .   ? -9.940  5.269   19.750  1.00 46.58  ? 226 HOH A O   1 
HETATM 987  O O   . HOH B 2 .   ? -3.483  7.518   16.612  1.00 50.47  ? 227 HOH A O   1 
HETATM 988  O O   . HOH B 2 .   ? -0.128  4.487   14.674  1.00 47.88  ? 228 HOH A O   1 
HETATM 989  O O   . HOH B 2 .   ? 0.924   -17.137 -1.967  1.00 39.54  ? 229 HOH A O   1 
HETATM 990  O O   . HOH B 2 .   ? -11.308 -6.022  21.254  1.00 38.27  ? 230 HOH A O   1 
HETATM 991  O O   . HOH B 2 .   ? -10.749 -15.728 4.039   1.00 64.98  ? 231 HOH A O   1 
HETATM 992  O O   . HOH B 2 .   ? 3.389   -5.932  -18.551 1.00 60.66  ? 233 HOH A O   1 
HETATM 993  O O   . HOH B 2 .   ? 1.790   6.646   12.359  1.00 44.59  ? 234 HOH A O   1 
HETATM 994  O O   . HOH B 2 .   ? 1.014   3.948   11.785  1.00 39.56  ? 235 HOH A O   1 
HETATM 995  O O   . HOH B 2 .   ? -0.030  -10.803 17.377  1.00 31.44  ? 237 HOH A O   1 
HETATM 996  O O   . HOH B 2 .   ? -2.351  -6.616  15.867  1.00 32.12  ? 238 HOH A O   1 
HETATM 997  O O   . HOH B 2 .   ? 5.279   -4.666  14.932  1.00 38.07  ? 239 HOH A O   1 
HETATM 998  O O   . HOH B 2 .   ? 11.088  9.640   5.445   1.00 62.13  ? 240 HOH A O   1 
HETATM 999  O O   . HOH B 2 .   ? 6.705   -5.525  -18.928 1.00 48.85  ? 241 HOH A O   1 
HETATM 1000 O O   . HOH B 2 .   ? -9.242  19.359  -7.109  1.00 45.76  ? 242 HOH A O   1 
HETATM 1001 O O   . HOH B 2 .   ? 22.094  0.051   2.934   1.00 63.68  ? 245 HOH A O   1 
HETATM 1002 O O   . HOH B 2 .   ? 4.155   8.630   5.197   1.00 17.42  ? 246 HOH A O   1 
HETATM 1003 O O   . HOH B 2 .   ? 7.877   0.772   10.476  1.00 74.20  ? 247 HOH A O   1 
HETATM 1004 O O   . HOH B 2 .   ? 10.103  -11.333 12.351  1.00 39.15  ? 248 HOH A O   1 
HETATM 1005 O O   . HOH B 2 .   ? 0.876   -3.821  -21.010 1.00 42.79  ? 252 HOH A O   1 
HETATM 1006 O O   . HOH B 2 .   ? 0.968   -2.295  9.187   1.00 23.23  ? 253 HOH A O   1 
HETATM 1007 O O   . HOH B 2 .   ? 19.759  -1.254  3.777   1.00 44.03  ? 254 HOH A O   1 
HETATM 1008 O O   . HOH B 2 .   ? -18.600 -0.645  21.247  1.00 44.43  ? 255 HOH A O   1 
HETATM 1009 O O   . HOH B 2 .   ? 5.823   3.693   5.496   1.00 26.11  ? 256 HOH A O   1 
HETATM 1010 O O   . HOH B 2 .   ? 20.298  6.916   -1.233  1.00 36.52  ? 259 HOH A O   1 
HETATM 1011 O O   . HOH B 2 .   ? -5.306  26.687  -6.901  1.00 36.43  ? 261 HOH A O   1 
HETATM 1012 O O   . HOH B 2 .   ? 11.239  -12.476 4.393   1.00 25.49  ? 265 HOH A O   1 
HETATM 1013 O O   . HOH B 2 .   ? 3.675   -8.913  -20.676 1.00 42.84  ? 267 HOH A O   1 
HETATM 1014 O O   . HOH B 2 .   ? 11.914  -2.530  3.763   1.00 37.82  ? 269 HOH A O   1 
HETATM 1015 O O   . HOH B 2 .   ? -3.384  -8.455  12.671  1.00 32.60  ? 271 HOH A O   1 
HETATM 1016 O O   . HOH B 2 .   ? 20.005  -2.627  0.297   1.00 46.23  ? 272 HOH A O   1 
HETATM 1017 O O   . HOH B 2 .   ? -13.533 -4.474  8.789   1.00 35.04  ? 274 HOH A O   1 
HETATM 1018 O O   . HOH B 2 .   ? -24.102 0.297   13.008  1.00 35.13  ? 275 HOH A O   1 
HETATM 1019 O O   . HOH B 2 .   ? -16.150 -7.464  16.092  1.00 38.08  ? 276 HOH A O   1 
HETATM 1020 O O   . HOH B 2 .   ? -2.910  21.930  -1.809  1.00 25.34  ? 277 HOH A O   1 
HETATM 1021 O O   . HOH B 2 .   ? -5.970  -6.247  8.444   1.00 64.33  ? 279 HOH A O   1 
HETATM 1022 O O   . HOH B 2 .   ? 13.688  -12.413 0.433   1.00 44.70  ? 283 HOH A O   1 
HETATM 1023 O O   . HOH B 2 .   ? 12.549  -6.609  0.106   1.00 40.58  ? 284 HOH A O   1 
HETATM 1024 O O   . HOH B 2 .   ? -7.692  4.814   5.104   1.00 30.82  ? 285 HOH A O   1 
HETATM 1025 O O   . HOH B 2 .   ? -10.499 6.950   2.047   1.00 33.33  ? 287 HOH A O   1 
HETATM 1026 O O   . HOH B 2 .   ? -11.081 28.974  -7.258  1.00 33.00  ? 288 HOH A O   1 
HETATM 1027 O O   . HOH B 2 .   ? -9.732  28.966  -4.552  1.00 30.29  ? 289 HOH A O   1 
HETATM 1028 O O   . HOH B 2 .   ? 8.266   -14.451 0.041   1.00 45.26  ? 290 HOH A O   1 
HETATM 1029 O O   . HOH B 2 .   ? -5.341  7.817   -0.602  1.00 35.26  ? 291 HOH A O   1 
HETATM 1030 O O   . HOH B 2 .   ? -4.051  10.696  -4.443  1.00 44.49  ? 293 HOH A O   1 
HETATM 1031 O O   . HOH B 2 .   ? 17.139  -8.522  -7.195  1.00 56.42  ? 295 HOH A O   1 
HETATM 1032 O O   . HOH B 2 .   ? 8.266   -12.721 -3.435  1.00 34.66  ? 299 HOH A O   1 
HETATM 1033 O O   . HOH B 2 .   ? -16.695 -6.766  4.160   1.00 36.38  ? 301 HOH A O   1 
HETATM 1034 O O   . HOH B 2 .   ? 13.847  -2.494  -10.992 1.00 53.33  ? 302 HOH A O   1 
HETATM 1035 O O   . HOH B 2 .   ? 12.900  -4.427  -9.993  1.00 40.85  ? 303 HOH A O   1 
HETATM 1036 O O   . HOH B 2 .   ? 9.920   -12.222 -6.621  1.00 41.34  ? 304 HOH A O   1 
HETATM 1037 O O   . HOH B 2 .   ? 12.951  -7.519  -8.521  1.00 42.14  ? 306 HOH A O   1 
HETATM 1038 O O   . HOH B 2 .   ? -15.704 -4.625  -1.178  1.00 36.56  ? 307 HOH A O   1 
HETATM 1039 O O   . HOH B 2 .   ? -12.584 18.469  -7.476  1.00 44.87  ? 308 HOH A O   1 
HETATM 1040 O O   . HOH B 2 .   ? -5.380  11.244  -11.569 1.00 24.90  ? 309 HOH A O   1 
HETATM 1041 O O   . HOH B 2 .   ? 8.716   -8.180  -8.187  1.00 38.10  ? 310 HOH A O   1 
HETATM 1042 O O   . HOH B 2 .   ? 13.380  -13.253 -9.414  1.00 30.03  ? 311 HOH A O   1 
HETATM 1043 O O   . HOH B 2 .   ? -15.445 -2.609  -3.905  1.00 31.18  ? 312 HOH A O   1 
HETATM 1044 O O   . HOH B 2 .   ? 7.423   -8.690  -14.721 1.00 49.67  ? 313 HOH A O   1 
HETATM 1045 O O   . HOH B 2 .   ? -22.630 -1.098  1.821   1.00 37.93  ? 315 HOH A O   1 
HETATM 1046 O O   . HOH B 2 .   ? -9.842  15.599  -11.627 1.00 48.43  ? 316 HOH A O   1 
HETATM 1047 O O   . HOH B 2 .   ? -6.664  -3.140  23.391  1.00 38.05  ? 317 HOH A O   1 
HETATM 1048 O O   . HOH B 2 .   ? -12.350 -4.648  27.531  1.00 46.64  ? 318 HOH A O   1 
HETATM 1049 O O   . HOH B 2 .   ? -2.815  -0.834  -10.168 1.00 21.38  ? 319 HOH A O   1 
HETATM 1050 O O   . HOH B 2 .   ? -7.962  4.858   21.793  1.00 49.16  ? 320 HOH A O   1 
HETATM 1051 O O   . HOH B 2 .   ? 2.361   -10.138 -12.230 1.00 56.06  ? 321 HOH A O   1 
HETATM 1052 O O   . HOH B 2 .   ? -14.922 -18.060 5.516   1.00 63.13  ? 322 HOH A O   1 
HETATM 1053 O O   . HOH B 2 .   ? 18.632  5.801   -16.695 1.00 66.83  ? 323 HOH A O   1 
HETATM 1054 O O   . HOH B 2 .   ? 5.156   -13.659 16.309  1.00 41.87  ? 324 HOH A O   1 
HETATM 1055 O O   . HOH B 2 .   ? 6.360   -7.432  13.070  1.00 39.05  ? 325 HOH A O   1 
HETATM 1056 O O   . HOH B 2 .   ? -1.201  2.330   13.685  1.00 24.67  ? 326 HOH A O   1 
HETATM 1057 O O   . HOH B 2 .   ? 3.273   1.868   12.887  1.00 37.45  ? 327 HOH A O   1 
HETATM 1058 O O   . HOH B 2 .   ? 4.281   8.526   7.757   1.00 28.28  ? 328 HOH A O   1 
HETATM 1059 O O   . HOH B 2 .   ? 17.046  2.169   -11.214 1.00 46.74  ? 329 HOH A O   1 
HETATM 1060 O O   . HOH B 2 .   ? 12.378  -18.477 11.513  1.00 66.42  ? 330 HOH A O   1 
HETATM 1061 O O   . HOH B 2 .   ? 1.998   -1.783  11.380  1.00 38.28  ? 331 HOH A O   1 
HETATM 1062 O O   . HOH B 2 .   ? 6.435   -1.450  9.668   1.00 53.97  ? 332 HOH A O   1 
HETATM 1063 O O   . HOH B 2 .   ? -1.152  7.180   9.190   1.00 36.20  ? 333 HOH A O   1 
HETATM 1064 O O   . HOH B 2 .   ? 5.322   4.151   7.757   1.00 42.00  ? 334 HOH A O   1 
HETATM 1065 O O   . HOH B 2 .   ? -3.720  23.763  -9.596  1.00 50.31  ? 335 HOH A O   1 
HETATM 1066 O O   . HOH B 2 .   ? 6.365   -9.124  9.185   1.00 54.18  ? 338 HOH A O   1 
HETATM 1067 O O   . HOH B 2 .   ? 11.884  -11.868 6.990   1.00 54.41  ? 339 HOH A O   1 
HETATM 1068 O O   . HOH B 2 .   ? -2.175  -4.121  -21.656 1.00 63.77  ? 340 HOH A O   1 
HETATM 1069 O O   . HOH B 2 .   ? -2.480  -8.818  10.304  1.00 21.32  ? 341 HOH A O   1 
HETATM 1070 O O   . HOH B 2 .   ? 20.642  -1.444  -9.187  1.00 48.45  ? 342 HOH A O   1 
HETATM 1071 O O   . HOH B 2 .   ? -6.560  10.257  -1.392  1.00 68.70  ? 343 HOH A O   1 
HETATM 1072 O O   . HOH B 2 .   ? -10.195 12.178  -5.024  1.00 27.93  ? 345 HOH A O   1 
HETATM 1073 O O   . HOH B 2 .   ? 6.224   -10.927 -6.977  1.00 44.31  ? 346 HOH A O   1 
# 
